data_6X3V
#
_entry.id   6X3V
#
_cell.length_a   1.00
_cell.length_b   1.00
_cell.length_c   1.00
_cell.angle_alpha   90.00
_cell.angle_beta   90.00
_cell.angle_gamma   90.00
#
_symmetry.space_group_name_H-M   'P 1'
#
loop_
_entity.id
_entity.type
_entity.pdbx_description
1 polymer 'Gamma-aminobutyric acid receptor subunit beta-2'
2 polymer 'Gamma-aminobutyric acid receptor subunit alpha-1'
3 polymer 'Gamma-aminobutyric acid receptor subunit gamma-2'
4 polymer 'Kappa Fab Light Chain'
5 polymer 'IgG2b Fab Heavy Chain'
6 branched beta-D-mannopyranose-(1-4)-2-acetamido-2-deoxy-beta-D-glucopyranose-(1-4)-2-acetamido-2-deoxy-beta-D-glucopyranose
7 branched alpha-D-mannopyranose-(1-2)-alpha-D-mannopyranose-(1-2)-alpha-D-mannopyranose-(1-3)-[alpha-D-mannopyranose-(1-2)-alpha-D-mannopyranose-(1-6)-[alpha-D-mannopyranose-(1-3)]alpha-D-mannopyranose-(1-6)]beta-D-mannopyranose-(1-4)-2-acetamido-2-deoxy-beta-D-glucopyranose-(1-4)-2-acetamido-2-deoxy-beta-D-glucopyranose
8 branched 2-acetamido-2-deoxy-beta-D-glucopyranose-(1-4)-2-acetamido-2-deoxy-beta-D-glucopyranose
9 non-polymer 2-acetamido-2-deoxy-beta-D-glucopyranose
10 non-polymer 'GAMMA-AMINO-BUTANOIC ACID'
11 non-polymer Etomidate
#
loop_
_entity_poly.entity_id
_entity_poly.type
_entity_poly.pdbx_seq_one_letter_code
_entity_poly.pdbx_strand_id
1 'polypeptide(L)'
;QSVNDPSNMSLVKETVDRLLKGYDIRLRPDFGGPPVAVGMNIDIASIDMVSEVNMDYTLTMYFQQAWRDKRLSYNVIPLN
LTLDNRVADQLWVPDTYFLNDKKSFVHGVTVKNRMIRLHPDGTVLYGLRITTTAACMMDLRRYPLDEQNCTLEIESYGYT
TDDIEFYWRGDDNAVTGVTKIELPQFSIVDYKLITKKVVFSTGSYPRLSLSFKLKRNIGYFILQTYMPSILITILSWVSF
WINYDASAARVALGITTVLTMTTINTHLRETLPKIPYVKAIDMYLMGCFVFVFMALLEYALVNYIFFSQPARAAAIDRWS
RIFFPVVFSFFNIVYWLYYVNVDGSGATNFSLLKQAGDVEENPG
;
A,C
2 'polypeptide(L)'
;QPSLQDELKDNTTVFTRILDRLLDGYDNRLRPGLGERVTEVKTDIFVTSFGPVSDHDMEYTIDVFFRQSWKDERLKFKGP
MTVLRLNNLMASKIWTPDTFFHNGKKSVAHNMTMPNKLLRITEDGTLLYTMRLTVRAECPMHLEDFPMDAHACPLKFGSY
AYTRAEVVYEWTREPARSVVVAEDGSRLNQYDLLGQTVDSGIVQSSTGEYVVMTTHFHLKRKIGYFVIQTYLPCIMTVIL
SQVSFWLNRESVPARTVFGVTTVLTMTTLSISARNSLPKVAYATAMDWFIAVCYAFVFSALIEFATVNYFTKSQPARAAK
IDRLSRIAFPLLFGIFNLVYWATYLNREPQLKAPTPHQ
;
B,D
3 'polypeptide(L)'
;WSHPQFEKGGGSGGGSGGSSAWSHPQFEKLEVLFQGPQKSDDDYEDYASNKTWVLTPKVPEGDVTVILNNLLEGYDNKLR
PDIGVKPTLIHTDMYVNSIGPVNAINMEYTIDIFFAQTWYDRRLKFNSTIKVLRLNSNMVGKIWIPDTFFRNSKKADAHW
ITTPNRMLRIWNDGRVLYTLRLTIDAECQLQLHNFPMDEHSCPLEFSSYGYPREEIVYQWKRSSVEVGDTRSWRLYQFSF
VGLRNTTEVVKTTSGDYVVMSVYFDLSRRMGYFTIQTYIPCTLIVVLSWVSFWINKDAVPARTSLGITTVLTMTTLSTIA
RKSLPKVSYVTAMDLFVSVCFIFVFSALVEYGTLHYFVSSQPARAAKMDSYARIFFPTAFCLFNLVYWVSYLYLSRGSGA
TNFSLLKQAGDVEENPG
;
E
4 'polypeptide(L)'
;NIVMTQSPKSMSMSVGERVTLSCKASEYVGTYVSWYQQKPEQSPKLLIYGASNRYTGVPDRFTGSGSATDFTLTIGSVQA
EDLADYHCGQSYSYPTFGAGTKLELKRADAAPTVSIFPPSSEQLTSGGASVVCFLNNFYPKDINVKWKIDGSERQNGVLN
SWTDQDSKDSTYSMSSTLTLTKDEYERHNSYTCEATHKTSTSPIVKSFNRNEC
;
I,L
5 'polypeptide(L)'
;EVQLQQSGAELVKPGASVKLSCTASGFNIKDTYMYWVKQRPEQGLEWIGRIDPANGDTKYDPKFQGKATITTDTFSNTAY
LQLSSLTSEDTAVYYCARKGLRWAMDYWGQGTSVTVSTAKTTPPSVYPLAPGCGDTTGSSVTLGCLVKGYFPESVTVTWN
SGSLSSSVHTFPALLQSGLYTMSSSVTVPSSTWPSQTVTCSVAHPASSTTVDKKLEPSGPISTINPCPPCKECHKCPAPN
LEGGPSVFIFPPNIKDVLMISLTPKVTCVVVDVSEDDPDVQISWFVNNVEVHTAQTQTHREDYNSTIRVVSTLPIQHQDW
MSGKEFKCKVNNKDLPSPIERTISKIKGLVRAPQVYILPPPAEQLSRKDVSLTCLVVGFNPGDISVEWTSNGHTEENYKD
TAPVLDSDGSYFIYSKLNMKTSKWEKTDSFSCNVRHEGLKNYYLKKTISRSPGK
;
J,K
#
loop_
_chem_comp.id
_chem_comp.type
_chem_comp.name
_chem_comp.formula
ABU non-polymer 'GAMMA-AMINO-BUTANOIC ACID' 'C4 H9 N O2'
BMA D-saccharide, beta linking beta-D-mannopyranose 'C6 H12 O6'
MAN D-saccharide, alpha linking alpha-D-mannopyranose 'C6 H12 O6'
NAG D-saccharide, beta linking 2-acetamido-2-deoxy-beta-D-glucopyranose 'C8 H15 N O6'
V8D non-polymer Etomidate 'C14 H16 N2 O2'
#
# COMPACT_ATOMS: atom_id res chain seq x y z
N SER A 7 3.97 44.86 -32.32
CA SER A 7 5.27 44.51 -31.77
C SER A 7 5.59 43.04 -32.05
N ASN A 8 6.70 42.56 -31.48
CA ASN A 8 7.09 41.17 -31.68
C ASN A 8 6.15 40.21 -30.98
N MET A 9 5.63 40.59 -29.80
CA MET A 9 4.72 39.71 -29.09
C MET A 9 3.40 39.54 -29.85
N SER A 10 2.87 40.61 -30.43
CA SER A 10 1.64 40.49 -31.22
C SER A 10 1.87 39.61 -32.44
N LEU A 11 3.04 39.73 -33.08
CA LEU A 11 3.35 38.88 -34.21
C LEU A 11 3.42 37.42 -33.81
N VAL A 12 4.09 37.13 -32.69
CA VAL A 12 4.18 35.76 -32.21
C VAL A 12 2.79 35.22 -31.87
N LYS A 13 1.96 36.04 -31.22
CA LYS A 13 0.62 35.60 -30.85
C LYS A 13 -0.21 35.28 -32.07
N GLU A 14 -0.17 36.13 -33.10
CA GLU A 14 -0.94 35.86 -34.30
C GLU A 14 -0.41 34.66 -35.05
N THR A 15 0.91 34.46 -35.05
CA THR A 15 1.47 33.27 -35.69
C THR A 15 0.99 32.00 -35.00
N VAL A 16 1.01 31.98 -33.67
CA VAL A 16 0.57 30.78 -32.94
C VAL A 16 -0.93 30.55 -33.14
N ASP A 17 -1.72 31.62 -33.11
CA ASP A 17 -3.15 31.47 -33.34
C ASP A 17 -3.45 31.00 -34.75
N ARG A 18 -2.57 31.33 -35.71
CA ARG A 18 -2.72 30.81 -37.06
C ARG A 18 -2.37 29.33 -37.12
N LEU A 19 -1.30 28.93 -36.43
CA LEU A 19 -0.86 27.54 -36.46
C LEU A 19 -1.90 26.62 -35.83
N LEU A 20 -2.45 27.02 -34.67
CA LEU A 20 -3.38 26.17 -33.95
C LEU A 20 -4.81 26.24 -34.49
N LYS A 21 -5.12 27.18 -35.37
CA LYS A 21 -6.42 27.24 -36.01
C LYS A 21 -6.41 26.41 -37.28
N GLY A 22 -7.37 25.50 -37.41
CA GLY A 22 -7.37 24.57 -38.51
C GLY A 22 -6.34 23.49 -38.31
N TYR A 23 -6.37 22.86 -37.14
CA TYR A 23 -5.45 21.79 -36.79
C TYR A 23 -6.23 20.62 -36.26
N ASP A 24 -6.00 19.43 -36.82
CA ASP A 24 -6.70 18.21 -36.44
C ASP A 24 -5.72 17.30 -35.71
N ILE A 25 -6.06 16.94 -34.47
CA ILE A 25 -5.15 16.11 -33.69
C ILE A 25 -5.22 14.65 -34.11
N ARG A 26 -6.34 14.23 -34.69
CA ARG A 26 -6.52 12.82 -35.04
C ARG A 26 -5.69 12.40 -36.25
N LEU A 27 -5.10 13.33 -36.99
CA LEU A 27 -4.37 13.02 -38.20
C LEU A 27 -2.90 13.33 -38.00
N ARG A 28 -2.05 12.31 -38.14
CA ARG A 28 -0.62 12.52 -38.11
C ARG A 28 -0.17 13.28 -39.37
N PRO A 29 1.01 13.88 -39.35
CA PRO A 29 1.51 14.54 -40.55
C PRO A 29 1.67 13.54 -41.70
N ASP A 30 1.25 13.96 -42.89
CA ASP A 30 1.21 13.11 -44.07
C ASP A 30 0.35 11.88 -43.80
N PHE A 31 -0.95 12.12 -43.60
CA PHE A 31 -1.85 11.03 -43.25
C PHE A 31 -2.08 10.05 -44.39
N GLY A 32 -1.72 10.41 -45.62
CA GLY A 32 -1.86 9.50 -46.72
C GLY A 32 -0.54 9.12 -47.35
N GLY A 33 0.44 10.02 -47.26
CA GLY A 33 1.71 9.84 -47.92
C GLY A 33 2.71 9.03 -47.12
N PRO A 34 3.94 9.52 -47.06
CA PRO A 34 5.02 8.75 -46.45
C PRO A 34 4.88 8.73 -44.94
N PRO A 35 5.61 7.85 -44.26
CA PRO A 35 5.59 7.85 -42.79
C PRO A 35 6.32 9.05 -42.22
N VAL A 36 5.96 9.38 -40.99
CA VAL A 36 6.63 10.45 -40.25
C VAL A 36 7.87 9.88 -39.57
N ALA A 37 8.92 10.70 -39.47
CA ALA A 37 10.20 10.26 -38.92
C ALA A 37 10.39 10.89 -37.54
N VAL A 38 10.35 10.05 -36.51
CA VAL A 38 10.44 10.49 -35.13
C VAL A 38 11.80 10.06 -34.58
N GLY A 39 12.66 11.04 -34.28
CA GLY A 39 13.99 10.76 -33.78
C GLY A 39 14.05 10.90 -32.27
N MET A 40 14.67 9.92 -31.62
CA MET A 40 14.67 9.80 -30.17
C MET A 40 16.02 10.19 -29.58
N ASN A 41 15.97 10.99 -28.51
CA ASN A 41 17.11 11.26 -27.65
C ASN A 41 16.74 10.88 -26.23
N ILE A 42 17.72 10.45 -25.46
CA ILE A 42 17.51 10.07 -24.06
C ILE A 42 18.67 10.59 -23.24
N ASP A 43 18.36 11.27 -22.13
CA ASP A 43 19.35 11.76 -21.19
C ASP A 43 19.00 11.09 -19.86
N ILE A 44 19.72 10.02 -19.53
CA ILE A 44 19.41 9.25 -18.33
C ILE A 44 19.92 10.01 -17.11
N ALA A 45 19.00 10.38 -16.21
CA ALA A 45 19.40 11.06 -14.98
C ALA A 45 19.96 10.07 -13.97
N SER A 46 19.26 8.97 -13.72
CA SER A 46 19.74 7.98 -12.77
C SER A 46 18.98 6.68 -12.93
N ILE A 47 19.67 5.57 -12.65
CA ILE A 47 19.05 4.26 -12.47
C ILE A 47 18.97 4.04 -10.97
N ASP A 48 17.77 4.17 -10.42
CA ASP A 48 17.62 4.31 -8.97
C ASP A 48 17.92 3.01 -8.25
N MET A 49 17.13 1.97 -8.50
CA MET A 49 17.25 0.72 -7.75
C MET A 49 17.10 -0.46 -8.69
N VAL A 50 17.93 -1.48 -8.49
CA VAL A 50 17.92 -2.69 -9.30
C VAL A 50 17.65 -3.84 -8.34
N SER A 51 16.43 -4.35 -8.36
CA SER A 51 15.99 -5.37 -7.41
C SER A 51 16.08 -6.74 -8.05
N GLU A 52 16.72 -7.68 -7.33
CA GLU A 52 16.73 -9.07 -7.75
C GLU A 52 15.51 -9.83 -7.26
N VAL A 53 14.72 -9.25 -6.35
CA VAL A 53 13.55 -9.92 -5.82
C VAL A 53 12.31 -9.64 -6.65
N ASN A 54 12.14 -8.41 -7.10
CA ASN A 54 11.04 -8.07 -7.99
C ASN A 54 11.41 -8.21 -9.47
N MET A 55 12.69 -8.44 -9.77
CA MET A 55 13.17 -8.60 -11.14
C MET A 55 12.83 -7.38 -12.00
N ASP A 56 13.15 -6.20 -11.47
CA ASP A 56 12.94 -4.97 -12.21
C ASP A 56 13.90 -3.92 -11.70
N TYR A 57 14.00 -2.82 -12.46
CA TYR A 57 14.82 -1.68 -12.08
C TYR A 57 14.07 -0.41 -12.42
N THR A 58 14.46 0.68 -11.78
CA THR A 58 13.81 1.98 -11.94
C THR A 58 14.81 2.96 -12.54
N LEU A 59 14.41 3.65 -13.59
CA LEU A 59 15.28 4.66 -14.18
C LEU A 59 14.49 5.91 -14.53
N THR A 60 15.12 7.06 -14.32
CA THR A 60 14.53 8.36 -14.63
C THR A 60 15.28 8.94 -15.82
N MET A 61 14.55 9.35 -16.84
CA MET A 61 15.17 9.82 -18.06
C MET A 61 14.48 11.09 -18.55
N TYR A 62 15.21 11.84 -19.39
CA TYR A 62 14.65 12.97 -20.11
C TYR A 62 14.38 12.52 -21.53
N PHE A 63 13.25 11.83 -21.71
CA PHE A 63 12.92 11.28 -23.02
C PHE A 63 12.50 12.40 -23.95
N GLN A 64 13.14 12.47 -25.12
CA GLN A 64 12.88 13.55 -26.06
C GLN A 64 12.70 12.99 -27.46
N GLN A 65 11.71 13.49 -28.18
CA GLN A 65 11.44 13.06 -29.55
C GLN A 65 11.41 14.28 -30.45
N ALA A 66 11.69 14.07 -31.72
CA ALA A 66 11.77 15.17 -32.67
C ALA A 66 11.19 14.71 -33.99
N TRP A 67 10.07 15.28 -34.40
CA TRP A 67 9.50 14.97 -35.71
C TRP A 67 9.34 16.25 -36.50
N ARG A 68 8.84 16.10 -37.73
CA ARG A 68 8.66 17.24 -38.61
C ARG A 68 7.19 17.33 -39.00
N ASP A 69 6.48 18.29 -38.43
CA ASP A 69 5.07 18.52 -38.72
C ASP A 69 4.97 19.69 -39.69
N LYS A 70 4.63 19.39 -40.95
CA LYS A 70 4.62 20.43 -41.98
C LYS A 70 3.49 21.43 -41.79
N ARG A 71 2.58 21.20 -40.84
CA ARG A 71 1.51 22.16 -40.61
C ARG A 71 1.95 23.28 -39.67
N LEU A 72 2.91 23.03 -38.80
CA LEU A 72 3.42 24.03 -37.87
C LEU A 72 4.69 24.69 -38.43
N SER A 73 4.54 25.28 -39.61
CA SER A 73 5.64 25.96 -40.28
C SER A 73 5.31 27.44 -40.41
N TYR A 74 6.27 28.29 -40.08
CA TYR A 74 6.08 29.72 -40.13
C TYR A 74 7.37 30.37 -40.62
N ASN A 75 7.23 31.59 -41.17
CA ASN A 75 8.38 32.29 -41.72
C ASN A 75 8.43 33.77 -41.36
N VAL A 76 7.45 34.28 -40.61
CA VAL A 76 7.46 35.71 -40.31
C VAL A 76 8.46 36.03 -39.19
N ILE A 77 8.73 35.08 -38.30
CA ILE A 77 9.67 35.29 -37.21
C ILE A 77 10.80 34.27 -37.33
N PRO A 78 12.03 34.62 -36.96
CA PRO A 78 13.15 33.68 -37.09
C PRO A 78 13.49 32.88 -35.86
N LEU A 79 12.83 33.12 -34.72
CA LEU A 79 13.22 32.47 -33.48
C LEU A 79 12.46 31.16 -33.27
N ASN A 80 13.01 30.32 -32.41
CA ASN A 80 12.43 29.03 -32.08
C ASN A 80 11.46 29.20 -30.92
N LEU A 81 10.17 29.03 -31.21
CA LEU A 81 9.15 29.22 -30.18
C LEU A 81 9.19 28.08 -29.18
N THR A 82 9.14 28.42 -27.89
CA THR A 82 8.98 27.45 -26.81
C THR A 82 7.64 27.72 -26.16
N LEU A 83 6.64 26.92 -26.50
CA LEU A 83 5.31 27.12 -25.96
C LEU A 83 5.17 26.50 -24.58
N ASP A 84 4.11 26.88 -23.89
CA ASP A 84 3.81 26.28 -22.60
C ASP A 84 3.47 24.80 -22.79
N ASN A 85 3.81 24.01 -21.77
CA ASN A 85 3.62 22.56 -21.85
C ASN A 85 2.16 22.16 -21.87
N ARG A 86 1.22 23.11 -21.86
CA ARG A 86 -0.19 22.79 -21.97
C ARG A 86 -0.66 22.75 -23.41
N VAL A 87 0.16 23.22 -24.36
CA VAL A 87 -0.22 23.15 -25.78
C VAL A 87 -0.01 21.77 -26.36
N ALA A 88 0.71 20.89 -25.66
CA ALA A 88 0.88 19.52 -26.12
C ALA A 88 -0.43 18.74 -26.12
N ASP A 89 -1.51 19.31 -25.61
CA ASP A 89 -2.83 18.72 -25.72
C ASP A 89 -3.56 19.17 -26.98
N GLN A 90 -2.99 20.10 -27.73
CA GLN A 90 -3.59 20.58 -28.97
C GLN A 90 -2.79 20.19 -30.20
N LEU A 91 -1.57 19.69 -30.05
CA LEU A 91 -0.77 19.21 -31.15
C LEU A 91 -0.87 17.70 -31.24
N TRP A 92 -0.28 17.13 -32.29
CA TRP A 92 -0.17 15.69 -32.45
C TRP A 92 1.18 15.24 -31.95
N VAL A 93 1.18 14.28 -31.02
CA VAL A 93 2.42 13.70 -30.51
C VAL A 93 2.35 12.18 -30.66
N PRO A 94 3.44 11.52 -31.02
CA PRO A 94 3.36 10.09 -31.36
C PRO A 94 3.05 9.22 -30.16
N ASP A 95 2.38 8.10 -30.43
CA ASP A 95 1.93 7.18 -29.38
C ASP A 95 3.04 6.19 -29.03
N THR A 96 4.11 6.74 -28.46
CA THR A 96 5.27 5.95 -28.09
C THR A 96 5.06 5.37 -26.69
N TYR A 97 5.30 4.06 -26.55
CA TYR A 97 5.15 3.38 -25.29
C TYR A 97 6.31 2.45 -25.04
N PHE A 98 6.61 2.21 -23.77
CA PHE A 98 7.67 1.30 -23.37
C PHE A 98 7.07 -0.07 -23.10
N LEU A 99 7.60 -1.10 -23.75
CA LEU A 99 6.93 -2.40 -23.72
C LEU A 99 7.05 -3.07 -22.37
N ASN A 100 8.20 -2.92 -21.70
CA ASN A 100 8.47 -3.65 -20.47
C ASN A 100 8.38 -2.77 -19.23
N ASP A 101 7.53 -1.76 -19.24
CA ASP A 101 7.34 -0.95 -18.05
C ASP A 101 6.25 -1.54 -17.17
N LYS A 102 6.30 -1.20 -15.89
CA LYS A 102 5.32 -1.65 -14.91
C LYS A 102 4.55 -0.50 -14.30
N LYS A 103 5.24 0.58 -13.90
CA LYS A 103 4.59 1.81 -13.50
C LYS A 103 5.48 2.97 -13.93
N SER A 104 4.87 4.00 -14.49
CA SER A 104 5.60 5.13 -15.03
C SER A 104 4.78 6.40 -14.81
N PHE A 105 5.47 7.54 -14.76
CA PHE A 105 4.78 8.81 -14.57
C PHE A 105 5.64 10.01 -14.93
N VAL A 106 5.10 10.92 -15.73
CA VAL A 106 5.74 12.20 -15.95
C VAL A 106 5.61 13.03 -14.67
N HIS A 107 6.73 13.50 -14.15
CA HIS A 107 6.70 14.24 -12.90
C HIS A 107 5.89 15.52 -13.05
N GLY A 108 5.13 15.86 -12.02
CA GLY A 108 4.19 16.96 -12.13
C GLY A 108 4.40 18.10 -11.15
N VAL A 109 5.66 18.45 -10.89
CA VAL A 109 6.02 19.55 -10.01
C VAL A 109 7.08 20.40 -10.70
N THR A 110 6.87 21.71 -10.77
CA THR A 110 5.68 22.37 -10.24
C THR A 110 4.55 22.34 -11.26
N VAL A 111 4.89 21.98 -12.50
CA VAL A 111 3.94 21.75 -13.57
C VAL A 111 4.22 20.39 -14.16
N LYS A 112 3.40 19.99 -15.13
CA LYS A 112 3.65 18.75 -15.86
C LYS A 112 4.98 18.87 -16.59
N ASN A 113 5.94 18.05 -16.21
CA ASN A 113 7.31 18.17 -16.72
C ASN A 113 7.36 17.68 -18.16
N ARG A 114 7.01 18.57 -19.09
CA ARG A 114 7.20 18.29 -20.49
C ARG A 114 7.56 19.57 -21.21
N MET A 115 8.28 19.44 -22.31
CA MET A 115 8.69 20.53 -23.17
C MET A 115 8.10 20.30 -24.55
N ILE A 116 7.60 21.37 -25.17
CA ILE A 116 7.07 21.29 -26.52
C ILE A 116 7.54 22.54 -27.25
N ARG A 117 8.52 22.38 -28.16
CA ARG A 117 9.21 23.50 -28.76
C ARG A 117 9.17 23.36 -30.28
N LEU A 118 8.59 24.36 -30.94
CA LEU A 118 8.51 24.37 -32.39
C LEU A 118 9.72 25.08 -32.99
N HIS A 119 9.96 24.82 -34.27
CA HIS A 119 11.02 25.46 -35.03
C HIS A 119 10.43 26.13 -36.26
N PRO A 120 11.16 27.07 -36.89
CA PRO A 120 10.58 27.77 -38.04
C PRO A 120 10.43 26.90 -39.28
N ASP A 121 11.09 25.75 -39.35
CA ASP A 121 10.96 24.86 -40.49
C ASP A 121 9.96 23.73 -40.26
N GLY A 122 9.23 23.78 -39.15
CA GLY A 122 8.24 22.78 -38.82
C GLY A 122 8.69 21.74 -37.80
N THR A 123 9.99 21.61 -37.59
CA THR A 123 10.50 20.59 -36.68
C THR A 123 9.96 20.83 -35.27
N VAL A 124 9.28 19.83 -34.73
CA VAL A 124 8.73 19.89 -33.38
C VAL A 124 9.57 19.00 -32.48
N LEU A 125 9.82 19.49 -31.27
CA LEU A 125 10.68 18.84 -30.29
C LEU A 125 9.88 18.66 -29.01
N TYR A 126 9.64 17.42 -28.62
CA TYR A 126 8.72 17.11 -27.52
C TYR A 126 9.45 16.23 -26.52
N GLY A 127 9.73 16.80 -25.35
CA GLY A 127 10.50 16.11 -24.33
C GLY A 127 9.68 15.86 -23.08
N LEU A 128 10.02 14.79 -22.37
CA LEU A 128 9.34 14.42 -21.13
C LEU A 128 10.40 14.05 -20.11
N ARG A 129 9.97 13.96 -18.85
CA ARG A 129 10.83 13.51 -17.76
C ARG A 129 10.14 12.32 -17.11
N ILE A 130 10.49 11.13 -17.55
CA ILE A 130 9.78 9.93 -17.18
C ILE A 130 10.56 9.17 -16.12
N THR A 131 9.86 8.38 -15.32
CA THR A 131 10.45 7.53 -14.29
C THR A 131 9.84 6.15 -14.44
N THR A 132 10.50 5.29 -15.22
CA THR A 132 9.94 4.02 -15.62
C THR A 132 10.55 2.89 -14.79
N THR A 133 9.70 1.99 -14.31
CA THR A 133 10.15 0.81 -13.57
C THR A 133 10.18 -0.39 -14.52
N ALA A 134 11.17 -0.37 -15.40
CA ALA A 134 11.30 -1.43 -16.38
C ALA A 134 11.54 -2.76 -15.70
N ALA A 135 10.90 -3.81 -16.21
CA ALA A 135 11.04 -5.16 -15.69
C ALA A 135 12.04 -5.93 -16.54
N CYS A 136 13.11 -6.42 -15.91
CA CYS A 136 14.11 -7.19 -16.64
C CYS A 136 14.45 -8.44 -15.82
N MET A 137 14.14 -9.60 -16.38
CA MET A 137 14.36 -10.87 -15.70
C MET A 137 15.85 -11.23 -15.70
N MET A 138 16.30 -11.77 -14.58
CA MET A 138 17.71 -12.05 -14.36
C MET A 138 17.97 -13.54 -14.29
N ASP A 139 19.21 -13.92 -14.60
CA ASP A 139 19.67 -15.29 -14.52
C ASP A 139 20.69 -15.35 -13.38
N LEU A 140 20.24 -15.83 -12.22
CA LEU A 140 21.06 -15.83 -11.02
C LEU A 140 21.81 -17.15 -10.81
N ARG A 141 22.07 -17.90 -11.87
CA ARG A 141 22.83 -19.14 -11.74
C ARG A 141 24.29 -18.92 -11.45
N ARG A 142 24.75 -17.66 -11.45
CA ARG A 142 26.13 -17.35 -11.12
C ARG A 142 26.19 -16.20 -10.10
N TYR A 143 25.17 -16.09 -9.28
CA TYR A 143 25.11 -15.05 -8.26
C TYR A 143 26.22 -15.25 -7.25
N PRO A 144 26.97 -14.19 -6.87
CA PRO A 144 26.91 -12.81 -7.34
C PRO A 144 27.96 -12.48 -8.38
N LEU A 145 28.58 -13.50 -8.97
CA LEU A 145 29.58 -13.31 -10.02
C LEU A 145 28.94 -13.39 -11.40
N ASP A 146 27.95 -12.53 -11.61
CA ASP A 146 27.13 -12.56 -12.80
C ASP A 146 27.08 -11.20 -13.46
N GLU A 147 26.73 -11.19 -14.74
CA GLU A 147 26.56 -9.98 -15.52
C GLU A 147 25.16 -9.97 -16.11
N GLN A 148 24.34 -9.03 -15.69
CA GLN A 148 22.99 -8.90 -16.21
C GLN A 148 23.02 -8.05 -17.47
N ASN A 149 22.17 -8.38 -18.42
CA ASN A 149 22.00 -7.60 -19.65
C ASN A 149 20.52 -7.36 -19.81
N CYS A 150 20.02 -6.24 -19.30
CA CYS A 150 18.59 -6.02 -19.37
C CYS A 150 18.29 -4.58 -19.76
N THR A 151 17.23 -4.42 -20.55
CA THR A 151 17.08 -3.32 -21.50
C THR A 151 15.82 -2.52 -21.25
N LEU A 152 15.55 -1.61 -22.18
CA LEU A 152 14.34 -0.79 -22.21
C LEU A 152 13.90 -0.70 -23.66
N GLU A 153 12.71 -1.23 -23.96
CA GLU A 153 12.20 -1.32 -25.32
C GLU A 153 11.15 -0.24 -25.57
N ILE A 154 11.30 0.48 -26.68
CA ILE A 154 10.48 1.64 -27.01
C ILE A 154 9.80 1.37 -28.34
N GLU A 155 8.47 1.33 -28.34
CA GLU A 155 7.73 0.91 -29.52
C GLU A 155 6.54 1.83 -29.74
N SER A 156 6.11 1.95 -30.99
CA SER A 156 4.93 2.70 -31.32
C SER A 156 3.71 1.79 -31.28
N TYR A 157 2.64 2.25 -30.65
CA TYR A 157 1.47 1.42 -30.43
C TYR A 157 0.48 1.47 -31.60
N GLY A 158 -0.03 2.66 -31.90
CA GLY A 158 -1.09 2.78 -32.87
C GLY A 158 -0.66 2.65 -34.31
N TYR A 159 0.51 3.19 -34.64
CA TYR A 159 0.95 3.34 -36.02
C TYR A 159 1.98 2.28 -36.38
N THR A 160 1.71 1.54 -37.46
CA THR A 160 2.59 0.50 -37.93
C THR A 160 3.81 1.13 -38.62
N THR A 161 4.65 0.31 -39.23
CA THR A 161 5.90 0.82 -39.80
C THR A 161 5.70 1.57 -41.10
N ASP A 162 4.53 1.50 -41.72
CA ASP A 162 4.23 2.34 -42.87
C ASP A 162 3.53 3.63 -42.46
N ASP A 163 3.52 3.95 -41.17
CA ASP A 163 3.00 5.21 -40.66
C ASP A 163 3.99 5.97 -39.79
N ILE A 164 5.04 5.34 -39.30
CA ILE A 164 6.00 6.00 -38.43
C ILE A 164 7.32 5.25 -38.54
N GLU A 165 8.42 5.98 -38.32
CA GLU A 165 9.76 5.41 -38.39
C GLU A 165 10.57 5.97 -37.25
N PHE A 166 11.10 5.09 -36.39
CA PHE A 166 11.89 5.49 -35.24
C PHE A 166 13.37 5.37 -35.57
N TYR A 167 14.16 6.35 -35.09
CA TYR A 167 15.60 6.28 -35.23
C TYR A 167 16.23 7.10 -34.11
N TRP A 168 17.45 6.73 -33.74
CA TRP A 168 18.19 7.52 -32.77
C TRP A 168 18.88 8.68 -33.48
N ARG A 169 18.88 9.84 -32.85
CA ARG A 169 19.51 11.03 -33.42
C ARG A 169 20.98 11.03 -33.04
N GLY A 170 21.85 10.75 -34.00
CA GLY A 170 23.27 10.68 -33.79
C GLY A 170 23.82 9.25 -33.75
N ASP A 171 23.00 8.31 -33.29
CA ASP A 171 23.27 6.87 -33.31
C ASP A 171 24.33 6.47 -32.29
N ASP A 172 25.02 7.43 -31.69
CA ASP A 172 25.86 7.15 -30.53
C ASP A 172 25.79 8.20 -29.45
N ASN A 173 25.29 9.40 -29.72
CA ASN A 173 25.06 10.43 -28.72
C ASN A 173 23.58 10.57 -28.38
N ALA A 174 22.74 9.67 -28.89
CA ALA A 174 21.33 9.72 -28.54
C ALA A 174 21.10 9.42 -27.07
N VAL A 175 21.94 8.58 -26.47
CA VAL A 175 21.85 8.24 -25.06
C VAL A 175 23.06 8.85 -24.36
N THR A 176 22.80 9.71 -23.39
CA THR A 176 23.86 10.38 -22.63
C THR A 176 23.60 10.19 -21.14
N GLY A 177 24.62 10.49 -20.34
CA GLY A 177 24.50 10.36 -18.91
C GLY A 177 24.70 8.96 -18.37
N VAL A 178 25.20 8.03 -19.19
CA VAL A 178 25.41 6.67 -18.70
C VAL A 178 26.69 6.57 -17.89
N THR A 179 27.78 7.17 -18.38
CA THR A 179 29.05 7.09 -17.67
C THR A 179 29.02 7.81 -16.34
N LYS A 180 28.06 8.71 -16.12
CA LYS A 180 27.95 9.45 -14.88
C LYS A 180 27.12 8.73 -13.83
N ILE A 181 26.43 7.65 -14.21
CA ILE A 181 25.60 6.92 -13.26
C ILE A 181 26.48 6.12 -12.31
N GLU A 182 26.28 6.33 -11.01
CA GLU A 182 26.95 5.55 -9.98
C GLU A 182 25.93 4.62 -9.34
N LEU A 183 26.24 3.34 -9.33
CA LEU A 183 25.36 2.37 -8.71
C LEU A 183 26.01 1.79 -7.46
N PRO A 184 25.25 1.62 -6.39
CA PRO A 184 25.86 1.14 -5.13
C PRO A 184 26.37 -0.29 -5.23
N GLN A 185 25.82 -1.10 -6.11
CA GLN A 185 26.20 -2.49 -6.22
C GLN A 185 26.71 -2.90 -7.59
N PHE A 186 26.20 -2.31 -8.66
CA PHE A 186 26.52 -2.73 -10.01
C PHE A 186 27.55 -1.78 -10.64
N SER A 187 27.87 -2.05 -11.90
CA SER A 187 28.75 -1.18 -12.68
C SER A 187 28.36 -1.35 -14.14
N ILE A 188 27.98 -0.25 -14.79
CA ILE A 188 27.58 -0.29 -16.19
C ILE A 188 28.82 -0.57 -17.04
N VAL A 189 28.88 -1.76 -17.63
CA VAL A 189 30.00 -2.09 -18.50
C VAL A 189 29.89 -1.33 -19.82
N ASP A 190 28.75 -1.44 -20.49
CA ASP A 190 28.51 -0.73 -21.73
C ASP A 190 27.02 -0.66 -21.97
N TYR A 191 26.63 -0.12 -23.13
CA TYR A 191 25.23 -0.02 -23.50
C TYR A 191 25.12 -0.05 -25.02
N LYS A 192 24.03 -0.66 -25.50
CA LYS A 192 23.80 -0.80 -26.93
C LYS A 192 22.46 -0.19 -27.32
N LEU A 193 22.43 0.36 -28.53
CA LEU A 193 21.23 0.94 -29.11
C LEU A 193 20.84 0.13 -30.35
N ILE A 194 19.68 -0.50 -30.30
CA ILE A 194 19.23 -1.40 -31.37
C ILE A 194 17.99 -0.82 -31.99
N THR A 195 17.90 -0.87 -33.32
CA THR A 195 16.74 -0.42 -34.07
C THR A 195 16.24 -1.59 -34.92
N LYS A 196 14.99 -1.98 -34.72
CA LYS A 196 14.45 -3.16 -35.41
C LYS A 196 12.95 -2.99 -35.58
N LYS A 197 12.30 -4.07 -36.00
CA LYS A 197 10.85 -4.11 -36.16
C LYS A 197 10.31 -5.37 -35.52
N VAL A 198 9.16 -5.25 -34.87
CA VAL A 198 8.45 -6.40 -34.32
C VAL A 198 7.24 -6.67 -35.19
N VAL A 199 6.79 -7.91 -35.21
CA VAL A 199 5.65 -8.32 -36.01
C VAL A 199 4.61 -8.93 -35.08
N PHE A 200 3.46 -8.28 -34.97
CA PHE A 200 2.34 -8.79 -34.19
C PHE A 200 1.22 -9.22 -35.13
N SER A 201 0.10 -9.61 -34.56
CA SER A 201 -1.03 -10.09 -35.35
C SER A 201 -1.68 -8.99 -36.19
N THR A 202 -1.37 -7.73 -35.93
CA THR A 202 -2.01 -6.62 -36.63
C THR A 202 -1.08 -5.90 -37.60
N GLY A 203 0.23 -6.06 -37.48
CA GLY A 203 1.15 -5.41 -38.38
C GLY A 203 2.55 -5.40 -37.83
N SER A 204 3.45 -4.80 -38.60
CA SER A 204 4.85 -4.70 -38.24
C SER A 204 5.13 -3.29 -37.72
N TYR A 205 5.57 -3.20 -36.47
CA TYR A 205 5.74 -1.96 -35.74
C TYR A 205 7.22 -1.68 -35.49
N PRO A 206 7.63 -0.41 -35.48
CA PRO A 206 9.02 -0.09 -35.21
C PRO A 206 9.36 -0.34 -33.75
N ARG A 207 10.65 -0.49 -33.47
CA ARG A 207 11.06 -0.71 -32.10
C ARG A 207 12.51 -0.28 -31.94
N LEU A 208 12.79 0.40 -30.85
CA LEU A 208 14.14 0.70 -30.42
C LEU A 208 14.40 -0.01 -29.11
N SER A 209 15.67 -0.21 -28.79
CA SER A 209 16.05 -0.87 -27.55
C SER A 209 17.31 -0.21 -27.03
N LEU A 210 17.29 0.15 -25.76
CA LEU A 210 18.46 0.67 -25.06
C LEU A 210 18.83 -0.37 -24.01
N SER A 211 19.92 -1.09 -24.24
CA SER A 211 20.24 -2.27 -23.45
C SER A 211 21.51 -2.02 -22.64
N PHE A 212 21.41 -2.19 -21.32
CA PHE A 212 22.55 -2.07 -20.43
C PHE A 212 23.06 -3.44 -20.02
N LYS A 213 24.36 -3.50 -19.78
CA LYS A 213 25.03 -4.71 -19.32
C LYS A 213 25.69 -4.40 -17.99
N LEU A 214 24.94 -4.57 -16.91
CA LEU A 214 25.43 -4.31 -15.58
C LEU A 214 26.28 -5.49 -15.11
N LYS A 215 27.36 -5.18 -14.39
CA LYS A 215 28.21 -6.20 -13.79
C LYS A 215 28.21 -5.99 -12.29
N ARG A 216 27.94 -7.06 -11.54
CA ARG A 216 27.76 -6.94 -10.10
C ARG A 216 29.11 -6.95 -9.38
N ASN A 217 29.24 -6.09 -8.37
CA ASN A 217 30.44 -6.06 -7.56
C ASN A 217 30.48 -7.23 -6.60
N ILE A 218 31.68 -7.58 -6.16
CA ILE A 218 31.90 -8.76 -5.33
C ILE A 218 32.41 -8.41 -3.94
N GLY A 219 32.83 -7.18 -3.70
CA GLY A 219 33.43 -6.85 -2.41
C GLY A 219 32.48 -7.04 -1.24
N TYR A 220 31.26 -6.51 -1.38
CA TYR A 220 30.30 -6.61 -0.29
C TYR A 220 29.97 -8.07 0.03
N PHE A 221 29.81 -8.90 -1.01
CA PHE A 221 29.45 -10.29 -0.77
C PHE A 221 30.57 -11.06 -0.10
N ILE A 222 31.81 -10.86 -0.55
CA ILE A 222 32.95 -11.47 0.12
C ILE A 222 32.99 -11.06 1.58
N LEU A 223 32.94 -9.75 1.84
CA LEU A 223 33.02 -9.27 3.21
C LEU A 223 31.85 -9.73 4.07
N GLN A 224 30.69 -10.04 3.48
CA GLN A 224 29.49 -10.30 4.26
C GLN A 224 29.18 -11.78 4.46
N THR A 225 29.39 -12.60 3.44
CA THR A 225 28.98 -14.00 3.54
C THR A 225 30.01 -15.00 3.03
N TYR A 226 31.10 -14.58 2.40
CA TYR A 226 32.16 -15.51 2.06
C TYR A 226 33.19 -15.64 3.18
N MET A 227 33.61 -14.52 3.75
CA MET A 227 34.57 -14.55 4.87
C MET A 227 34.04 -15.31 6.07
N PRO A 228 32.82 -15.07 6.57
CA PRO A 228 32.35 -15.86 7.72
C PRO A 228 32.32 -17.34 7.45
N SER A 229 32.01 -17.76 6.21
CA SER A 229 32.00 -19.18 5.88
C SER A 229 33.38 -19.79 6.06
N ILE A 230 34.41 -19.14 5.51
CA ILE A 230 35.76 -19.70 5.61
C ILE A 230 36.24 -19.69 7.06
N LEU A 231 35.96 -18.61 7.80
CA LEU A 231 36.42 -18.58 9.19
C LEU A 231 35.69 -19.61 10.05
N ILE A 232 34.42 -19.88 9.76
CA ILE A 232 33.72 -20.93 10.49
C ILE A 232 34.26 -22.30 10.11
N THR A 233 34.63 -22.49 8.85
CA THR A 233 35.24 -23.76 8.46
C THR A 233 36.56 -23.98 9.18
N ILE A 234 37.37 -22.92 9.33
CA ILE A 234 38.63 -23.06 10.04
C ILE A 234 38.39 -23.32 11.53
N LEU A 235 37.42 -22.62 12.12
CA LEU A 235 37.06 -22.90 13.51
C LEU A 235 36.59 -24.34 13.67
N SER A 236 35.97 -24.91 12.64
CA SER A 236 35.61 -26.32 12.69
C SER A 236 36.85 -27.20 12.65
N TRP A 237 37.82 -26.84 11.81
CA TRP A 237 39.08 -27.60 11.76
C TRP A 237 39.79 -27.58 13.10
N VAL A 238 39.62 -26.50 13.88
CA VAL A 238 40.27 -26.40 15.19
C VAL A 238 39.97 -27.62 16.04
N SER A 239 38.82 -28.25 15.83
CA SER A 239 38.43 -29.42 16.62
C SER A 239 39.37 -30.61 16.46
N PHE A 240 40.29 -30.57 15.49
CA PHE A 240 41.20 -31.68 15.30
C PHE A 240 42.38 -31.65 16.28
N TRP A 241 42.72 -30.46 16.78
CA TRP A 241 43.80 -30.37 17.76
C TRP A 241 43.34 -30.79 19.14
N ILE A 242 42.04 -30.69 19.43
CA ILE A 242 41.52 -31.16 20.71
C ILE A 242 41.61 -32.67 20.78
N ASN A 243 42.01 -33.18 21.93
CA ASN A 243 42.15 -34.62 22.10
C ASN A 243 40.80 -35.33 22.05
N TYR A 244 40.84 -36.60 21.65
CA TYR A 244 39.63 -37.40 21.50
C TYR A 244 38.97 -37.74 22.81
N ASP A 245 39.62 -37.46 23.94
CA ASP A 245 39.02 -37.77 25.24
C ASP A 245 37.92 -36.79 25.63
N ALA A 246 38.02 -35.55 25.19
CA ALA A 246 37.01 -34.53 25.49
C ALA A 246 35.87 -34.67 24.50
N SER A 247 34.78 -35.28 24.94
CA SER A 247 33.63 -35.51 24.08
C SER A 247 32.64 -34.36 24.08
N ALA A 248 32.74 -33.46 25.05
CA ALA A 248 31.83 -32.31 25.13
C ALA A 248 32.35 -31.09 24.39
N ALA A 249 33.62 -31.09 23.97
CA ALA A 249 34.21 -29.95 23.29
C ALA A 249 34.16 -30.06 21.78
N ARG A 250 34.58 -31.20 21.23
CA ARG A 250 34.57 -31.36 19.78
C ARG A 250 33.16 -31.39 19.24
N VAL A 251 32.24 -32.05 19.95
CA VAL A 251 30.84 -32.06 19.54
C VAL A 251 30.27 -30.65 19.57
N ALA A 252 30.57 -29.89 20.62
CA ALA A 252 30.09 -28.52 20.72
C ALA A 252 30.61 -27.67 19.57
N LEU A 253 31.90 -27.80 19.27
CA LEU A 253 32.49 -27.04 18.17
C LEU A 253 31.82 -27.38 16.84
N GLY A 254 31.72 -28.68 16.52
CA GLY A 254 31.10 -29.07 15.27
C GLY A 254 29.66 -28.61 15.16
N ILE A 255 28.89 -28.80 16.24
CA ILE A 255 27.48 -28.44 16.23
C ILE A 255 27.31 -26.94 16.05
N THR A 256 28.10 -26.14 16.77
CA THR A 256 27.93 -24.69 16.66
C THR A 256 28.41 -24.19 15.30
N THR A 257 29.43 -24.81 14.71
CA THR A 257 29.81 -24.42 13.36
C THR A 257 28.70 -24.76 12.36
N VAL A 258 28.06 -25.91 12.53
CA VAL A 258 26.92 -26.25 11.67
C VAL A 258 25.81 -25.21 11.82
N LEU A 259 25.50 -24.82 13.06
CA LEU A 259 24.47 -23.83 13.29
C LEU A 259 24.84 -22.49 12.67
N THR A 260 26.12 -22.12 12.73
CA THR A 260 26.53 -20.85 12.15
C THR A 260 26.41 -20.89 10.63
N MET A 261 26.76 -22.02 10.00
CA MET A 261 26.58 -22.13 8.56
C MET A 261 25.10 -22.01 8.18
N THR A 262 24.23 -22.68 8.95
CA THR A 262 22.80 -22.62 8.66
C THR A 262 22.26 -21.21 8.83
N THR A 263 22.67 -20.50 9.88
CA THR A 263 22.16 -19.15 10.07
C THR A 263 22.73 -18.18 9.05
N ILE A 264 23.95 -18.42 8.56
CA ILE A 264 24.49 -17.60 7.48
C ILE A 264 23.65 -17.79 6.22
N ASN A 265 23.36 -19.04 5.87
CA ASN A 265 22.52 -19.29 4.71
C ASN A 265 21.14 -18.67 4.88
N THR A 266 20.61 -18.70 6.10
CA THR A 266 19.30 -18.11 6.36
C THR A 266 19.33 -16.60 6.16
N HIS A 267 20.31 -15.92 6.77
CA HIS A 267 20.42 -14.48 6.62
C HIS A 267 20.64 -14.09 5.17
N LEU A 268 21.27 -14.95 4.38
CA LEU A 268 21.45 -14.63 2.96
C LEU A 268 20.16 -14.81 2.17
N ARG A 269 19.46 -15.92 2.40
CA ARG A 269 18.32 -16.25 1.53
C ARG A 269 17.12 -15.33 1.74
N GLU A 270 17.07 -14.57 2.84
CA GLU A 270 15.92 -13.70 3.07
C GLU A 270 15.81 -12.59 2.04
N THR A 271 16.90 -12.27 1.33
CA THR A 271 16.90 -11.18 0.36
C THR A 271 16.65 -11.63 -1.07
N LEU A 272 17.10 -12.82 -1.44
CA LEU A 272 16.92 -13.32 -2.78
C LEU A 272 15.47 -13.78 -2.99
N PRO A 273 15.01 -13.85 -4.24
CA PRO A 273 13.68 -14.38 -4.52
C PRO A 273 13.70 -15.91 -4.42
N LYS A 274 12.53 -16.50 -4.68
CA LYS A 274 12.38 -17.95 -4.64
C LYS A 274 12.69 -18.48 -6.04
N ILE A 275 13.96 -18.79 -6.28
CA ILE A 275 14.40 -19.30 -7.57
C ILE A 275 14.71 -20.78 -7.44
N PRO A 276 14.30 -21.61 -8.38
CA PRO A 276 14.41 -23.06 -8.21
C PRO A 276 15.82 -23.61 -8.39
N TYR A 277 16.60 -22.99 -9.26
CA TYR A 277 17.95 -23.48 -9.50
C TYR A 277 18.88 -23.07 -8.37
N VAL A 278 20.05 -23.71 -8.32
CA VAL A 278 21.03 -23.46 -7.28
C VAL A 278 22.02 -22.40 -7.76
N LYS A 279 22.20 -21.35 -6.95
CA LYS A 279 23.07 -20.25 -7.31
C LYS A 279 24.53 -20.67 -7.13
N ALA A 280 25.44 -19.71 -7.22
CA ALA A 280 26.85 -19.99 -6.95
C ALA A 280 27.17 -19.93 -5.47
N ILE A 281 26.64 -18.92 -4.78
CA ILE A 281 26.89 -18.81 -3.35
C ILE A 281 26.20 -19.94 -2.60
N ASP A 282 25.09 -20.46 -3.14
CA ASP A 282 24.48 -21.64 -2.54
C ASP A 282 25.37 -22.86 -2.72
N MET A 283 26.04 -22.98 -3.87
CA MET A 283 27.00 -24.07 -4.05
C MET A 283 28.17 -23.94 -3.07
N TYR A 284 28.66 -22.72 -2.87
CA TYR A 284 29.74 -22.52 -1.90
C TYR A 284 29.30 -22.89 -0.50
N LEU A 285 28.10 -22.48 -0.09
CA LEU A 285 27.62 -22.79 1.25
C LEU A 285 27.39 -24.29 1.41
N MET A 286 26.91 -24.95 0.35
CA MET A 286 26.74 -26.40 0.41
C MET A 286 28.08 -27.10 0.56
N GLY A 287 29.11 -26.63 -0.15
CA GLY A 287 30.43 -27.20 0.01
C GLY A 287 30.98 -27.01 1.42
N CYS A 288 30.84 -25.80 1.97
CA CYS A 288 31.32 -25.54 3.32
C CYS A 288 30.57 -26.40 4.35
N PHE A 289 29.26 -26.56 4.17
CA PHE A 289 28.51 -27.39 5.10
C PHE A 289 28.87 -28.86 4.95
N VAL A 290 29.17 -29.31 3.74
CA VAL A 290 29.64 -30.69 3.58
C VAL A 290 30.97 -30.88 4.30
N PHE A 291 31.85 -29.89 4.23
CA PHE A 291 33.13 -30.01 4.93
C PHE A 291 32.92 -30.05 6.44
N VAL A 292 32.06 -29.19 6.97
CA VAL A 292 31.81 -29.19 8.41
C VAL A 292 31.17 -30.50 8.84
N PHE A 293 30.21 -31.01 8.06
CA PHE A 293 29.55 -32.25 8.41
C PHE A 293 30.51 -33.43 8.35
N MET A 294 31.45 -33.42 7.40
CA MET A 294 32.45 -34.47 7.36
C MET A 294 33.43 -34.37 8.52
N ALA A 295 33.73 -33.14 8.98
CA ALA A 295 34.52 -33.01 10.19
C ALA A 295 33.82 -33.64 11.38
N LEU A 296 32.53 -33.36 11.54
CA LEU A 296 31.79 -33.92 12.67
C LEU A 296 31.68 -35.44 12.56
N LEU A 297 31.44 -35.96 11.35
CA LEU A 297 31.38 -37.41 11.17
C LEU A 297 32.74 -38.05 11.39
N GLU A 298 33.83 -37.35 11.06
CA GLU A 298 35.15 -37.88 11.34
C GLU A 298 35.38 -37.99 12.84
N TYR A 299 34.93 -36.99 13.61
CA TYR A 299 35.04 -37.11 15.05
C TYR A 299 34.20 -38.27 15.56
N ALA A 300 32.99 -38.45 15.01
CA ALA A 300 32.16 -39.57 15.44
C ALA A 300 32.86 -40.89 15.17
N LEU A 301 33.51 -41.00 14.01
CA LEU A 301 34.24 -42.22 13.69
C LEU A 301 35.41 -42.43 14.64
N VAL A 302 36.12 -41.35 14.99
CA VAL A 302 37.21 -41.47 15.95
C VAL A 302 36.69 -41.97 17.29
N ASN A 303 35.60 -41.36 17.77
CA ASN A 303 35.06 -41.73 19.07
C ASN A 303 34.47 -43.14 19.07
N TYR A 304 34.07 -43.65 17.90
CA TYR A 304 33.52 -44.99 17.86
C TYR A 304 34.63 -46.05 17.95
N ILE A 305 35.70 -45.87 17.20
CA ILE A 305 36.78 -46.85 17.14
C ILE A 305 37.93 -46.47 18.09
N PHE A 306 37.68 -45.57 19.04
CA PHE A 306 38.72 -45.18 19.99
C PHE A 306 38.92 -46.25 21.05
N PHE A 307 37.84 -46.85 21.54
CA PHE A 307 37.98 -47.90 22.55
C PHE A 307 38.61 -49.17 21.95
N SER A 308 38.27 -49.49 20.71
CA SER A 308 38.80 -50.71 20.10
C SER A 308 40.27 -50.56 19.73
N GLN A 309 40.63 -49.43 19.12
CA GLN A 309 42.01 -49.18 18.72
C GLN A 309 42.38 -47.76 19.15
N PRO A 310 43.33 -47.58 20.08
CA PRO A 310 43.71 -46.23 20.49
C PRO A 310 44.71 -45.56 19.56
N ALA A 311 45.32 -46.28 18.63
CA ALA A 311 46.26 -45.70 17.69
C ALA A 311 45.59 -45.30 16.38
N ARG A 312 44.51 -46.00 15.99
CA ARG A 312 43.76 -45.61 14.81
C ARG A 312 43.17 -44.21 14.95
N ALA A 313 42.77 -43.83 16.17
CA ALA A 313 42.25 -42.49 16.40
C ALA A 313 43.33 -41.44 16.15
N ALA A 314 44.52 -41.65 16.71
CA ALA A 314 45.60 -40.69 16.51
C ALA A 314 46.03 -40.65 15.05
N ALA A 315 46.00 -41.80 14.36
CA ALA A 315 46.34 -41.83 12.96
C ALA A 315 45.33 -41.00 12.14
N ILE A 316 44.05 -41.21 12.40
CA ILE A 316 43.02 -40.47 11.67
C ILE A 316 43.12 -38.97 11.96
N ASP A 317 43.42 -38.62 13.21
CA ASP A 317 43.55 -37.20 13.54
C ASP A 317 44.74 -36.58 12.83
N ARG A 318 45.90 -37.24 12.88
CA ARG A 318 47.09 -36.70 12.22
C ARG A 318 46.91 -36.64 10.71
N TRP A 319 46.11 -37.53 10.14
CA TRP A 319 45.85 -37.48 8.71
C TRP A 319 44.89 -36.34 8.37
N SER A 320 43.82 -36.19 9.16
CA SER A 320 42.85 -35.14 8.89
C SER A 320 43.45 -33.75 9.03
N ARG A 321 44.34 -33.57 10.00
CA ARG A 321 44.94 -32.25 10.24
C ARG A 321 45.60 -31.69 8.99
N ILE A 322 46.13 -32.56 8.12
CA ILE A 322 46.76 -32.11 6.89
C ILE A 322 45.89 -32.40 5.67
N PHE A 323 44.83 -33.19 5.82
CA PHE A 323 43.97 -33.52 4.68
C PHE A 323 42.85 -32.53 4.48
N PHE A 324 42.25 -32.01 5.57
CA PHE A 324 41.10 -31.13 5.40
C PHE A 324 41.47 -29.80 4.75
N PRO A 325 42.50 -29.06 5.21
CA PRO A 325 42.85 -27.81 4.52
C PRO A 325 43.22 -28.00 3.07
N VAL A 326 43.82 -29.14 2.72
CA VAL A 326 44.19 -29.39 1.33
C VAL A 326 42.95 -29.49 0.45
N VAL A 327 41.98 -30.31 0.86
CA VAL A 327 40.77 -30.46 0.06
C VAL A 327 39.98 -29.15 0.03
N PHE A 328 39.98 -28.41 1.13
CA PHE A 328 39.27 -27.13 1.12
C PHE A 328 39.90 -26.14 0.16
N SER A 329 41.23 -26.06 0.15
CA SER A 329 41.90 -25.16 -0.78
C SER A 329 41.69 -25.60 -2.21
N PHE A 330 41.71 -26.91 -2.47
CA PHE A 330 41.46 -27.40 -3.82
C PHE A 330 40.05 -27.04 -4.29
N PHE A 331 39.06 -27.27 -3.44
CA PHE A 331 37.69 -26.91 -3.78
C PHE A 331 37.55 -25.40 -3.98
N ASN A 332 38.24 -24.61 -3.16
CA ASN A 332 38.19 -23.16 -3.31
C ASN A 332 38.74 -22.73 -4.65
N ILE A 333 39.89 -23.28 -5.04
CA ILE A 333 40.50 -22.89 -6.31
C ILE A 333 39.64 -23.35 -7.48
N VAL A 334 39.08 -24.56 -7.41
CA VAL A 334 38.24 -25.04 -8.49
C VAL A 334 36.99 -24.19 -8.64
N TYR A 335 36.38 -23.81 -7.51
CA TYR A 335 35.19 -22.96 -7.56
C TYR A 335 35.51 -21.59 -8.13
N TRP A 336 36.58 -20.95 -7.64
CA TRP A 336 36.93 -19.62 -8.13
C TRP A 336 37.43 -19.65 -9.57
N LEU A 337 37.91 -20.79 -10.04
CA LEU A 337 38.30 -20.91 -11.45
C LEU A 337 37.08 -21.12 -12.34
N TYR A 338 36.11 -21.91 -11.87
CA TYR A 338 34.94 -22.17 -12.68
C TYR A 338 34.01 -20.96 -12.75
N TYR A 339 33.99 -20.13 -11.71
CA TYR A 339 33.08 -18.99 -11.70
C TYR A 339 33.74 -17.68 -12.11
N VAL A 340 35.05 -17.53 -11.90
CA VAL A 340 35.72 -16.30 -12.32
C VAL A 340 36.69 -16.60 -13.46
N ASP B 10 -4.38 19.07 -50.35
CA ASP B 10 -5.13 19.04 -49.10
C ASP B 10 -5.69 17.65 -48.83
N ASN B 11 -4.82 16.77 -48.34
CA ASN B 11 -5.22 15.42 -47.93
C ASN B 11 -5.69 15.38 -46.48
N THR B 12 -4.99 16.09 -45.59
CA THR B 12 -5.49 16.24 -44.23
C THR B 12 -6.84 16.92 -44.22
N THR B 13 -7.10 17.83 -45.17
CA THR B 13 -8.38 18.52 -45.19
C THR B 13 -9.52 17.59 -45.61
N VAL B 14 -9.30 16.76 -46.64
CA VAL B 14 -10.36 15.85 -47.03
C VAL B 14 -10.58 14.78 -45.97
N PHE B 15 -9.52 14.35 -45.27
CA PHE B 15 -9.73 13.39 -44.20
C PHE B 15 -10.43 14.02 -43.01
N THR B 16 -10.17 15.30 -42.72
CA THR B 16 -10.90 15.99 -41.67
C THR B 16 -12.37 16.11 -42.05
N ARG B 17 -12.66 16.41 -43.32
CA ARG B 17 -14.05 16.46 -43.75
C ARG B 17 -14.72 15.09 -43.61
N ILE B 18 -13.99 14.01 -43.91
CA ILE B 18 -14.53 12.68 -43.76
C ILE B 18 -14.86 12.40 -42.29
N LEU B 19 -13.91 12.68 -41.40
CA LEU B 19 -14.14 12.41 -39.98
C LEU B 19 -15.22 13.30 -39.39
N ASP B 20 -15.41 14.50 -39.95
CA ASP B 20 -16.48 15.36 -39.45
C ASP B 20 -17.84 14.88 -39.93
N ARG B 21 -17.94 14.45 -41.19
CA ARG B 21 -19.15 13.83 -41.68
C ARG B 21 -19.43 12.51 -40.98
N LEU B 22 -18.40 11.87 -40.41
CA LEU B 22 -18.57 10.57 -39.78
C LEU B 22 -19.22 10.68 -38.41
N LEU B 23 -18.93 11.75 -37.67
CA LEU B 23 -19.48 11.96 -36.34
C LEU B 23 -20.63 12.97 -36.34
N ASP B 24 -21.28 13.18 -37.48
CA ASP B 24 -22.44 14.06 -37.57
C ASP B 24 -23.67 13.28 -37.18
N GLY B 25 -24.20 13.55 -35.99
CA GLY B 25 -25.34 12.79 -35.48
C GLY B 25 -24.96 11.51 -34.78
N TYR B 26 -23.72 11.37 -34.35
CA TYR B 26 -23.28 10.16 -33.66
C TYR B 26 -23.57 10.28 -32.17
N ASP B 27 -24.23 9.26 -31.62
CA ASP B 27 -24.52 9.18 -30.20
C ASP B 27 -23.66 8.08 -29.60
N ASN B 28 -22.67 8.46 -28.79
CA ASN B 28 -21.77 7.50 -28.17
C ASN B 28 -22.33 6.92 -26.88
N ARG B 29 -23.64 6.97 -26.69
CA ARG B 29 -24.28 6.34 -25.55
C ARG B 29 -25.16 5.16 -25.94
N LEU B 30 -25.28 4.86 -27.23
CA LEU B 30 -26.14 3.79 -27.71
C LEU B 30 -25.30 2.83 -28.54
N ARG B 31 -25.40 1.54 -28.23
CA ARG B 31 -24.66 0.53 -28.94
C ARG B 31 -25.20 0.38 -30.37
N PRO B 32 -24.39 -0.15 -31.29
CA PRO B 32 -24.88 -0.35 -32.65
C PRO B 32 -26.03 -1.35 -32.68
N GLY B 33 -27.13 -0.93 -33.30
CA GLY B 33 -28.32 -1.75 -33.30
C GLY B 33 -28.91 -1.88 -31.92
N LEU B 34 -29.44 -0.77 -31.41
CA LEU B 34 -29.91 -0.75 -30.02
C LEU B 34 -31.15 -1.62 -29.85
N GLY B 35 -32.12 -1.50 -30.75
CA GLY B 35 -33.33 -2.28 -30.63
C GLY B 35 -33.53 -3.26 -31.77
N GLU B 36 -32.62 -3.26 -32.74
CA GLU B 36 -32.83 -4.00 -33.98
C GLU B 36 -31.90 -5.19 -34.13
N ARG B 37 -30.95 -5.40 -33.21
CA ARG B 37 -29.99 -6.49 -33.36
C ARG B 37 -29.28 -6.71 -32.03
N VAL B 38 -28.36 -7.66 -32.02
CA VAL B 38 -27.50 -7.95 -30.88
C VAL B 38 -26.06 -7.78 -31.31
N THR B 39 -25.29 -7.03 -30.51
CA THR B 39 -23.90 -6.75 -30.87
C THR B 39 -23.05 -8.01 -30.74
N GLU B 40 -22.05 -8.12 -31.61
CA GLU B 40 -21.18 -9.29 -31.68
C GLU B 40 -19.74 -8.80 -31.55
N VAL B 41 -19.23 -8.77 -30.32
CA VAL B 41 -17.87 -8.30 -30.05
C VAL B 41 -16.92 -9.47 -30.11
N LYS B 42 -15.99 -9.44 -31.06
CA LYS B 42 -14.99 -10.49 -31.25
C LYS B 42 -13.74 -10.14 -30.46
N THR B 43 -13.31 -11.02 -29.58
CA THR B 43 -12.26 -10.77 -28.61
C THR B 43 -10.99 -11.55 -28.96
N ASP B 44 -9.86 -11.04 -28.49
CA ASP B 44 -8.58 -11.69 -28.71
C ASP B 44 -7.61 -11.20 -27.64
N ILE B 45 -6.67 -12.04 -27.27
CA ILE B 45 -5.71 -11.73 -26.21
C ILE B 45 -4.31 -12.17 -26.63
N PHE B 46 -3.33 -11.31 -26.42
CA PHE B 46 -1.93 -11.59 -26.70
C PHE B 46 -1.15 -11.25 -25.44
N VAL B 47 -0.92 -12.26 -24.59
CA VAL B 47 -0.26 -12.07 -23.30
C VAL B 47 1.22 -11.80 -23.56
N THR B 48 1.65 -10.56 -23.35
CA THR B 48 3.05 -10.22 -23.56
C THR B 48 3.94 -10.72 -22.42
N SER B 49 3.39 -10.88 -21.22
CA SER B 49 4.19 -11.33 -20.09
C SER B 49 3.26 -11.84 -19.00
N PHE B 50 3.44 -13.09 -18.60
CA PHE B 50 2.68 -13.67 -17.49
C PHE B 50 3.45 -13.39 -16.20
N GLY B 51 2.95 -12.45 -15.41
CA GLY B 51 3.69 -11.97 -14.27
C GLY B 51 3.81 -13.00 -13.17
N PRO B 52 4.46 -12.61 -12.08
CA PRO B 52 4.73 -13.56 -10.99
C PRO B 52 3.48 -13.87 -10.19
N VAL B 53 3.19 -15.16 -10.05
CA VAL B 53 2.02 -15.63 -9.32
C VAL B 53 2.32 -15.56 -7.83
N SER B 54 1.68 -14.61 -7.13
CA SER B 54 1.88 -14.45 -5.70
C SER B 54 1.06 -15.50 -4.96
N ASP B 55 1.73 -16.28 -4.10
CA ASP B 55 1.04 -17.33 -3.36
C ASP B 55 0.30 -16.80 -2.14
N HIS B 56 0.80 -15.73 -1.52
CA HIS B 56 0.18 -15.24 -0.30
C HIS B 56 -1.14 -14.54 -0.60
N ASP B 57 -1.14 -13.65 -1.59
CA ASP B 57 -2.36 -12.93 -1.95
C ASP B 57 -3.29 -13.76 -2.82
N MET B 58 -2.89 -14.96 -3.22
CA MET B 58 -3.65 -15.81 -4.12
C MET B 58 -4.06 -15.04 -5.37
N GLU B 59 -3.10 -14.31 -5.92
CA GLU B 59 -3.29 -13.50 -7.11
C GLU B 59 -2.17 -13.78 -8.10
N TYR B 60 -2.32 -13.27 -9.32
CA TYR B 60 -1.28 -13.38 -10.32
C TYR B 60 -1.39 -12.21 -11.27
N THR B 61 -0.25 -11.66 -11.65
CA THR B 61 -0.20 -10.51 -12.55
C THR B 61 -0.03 -11.00 -13.99
N ILE B 62 -0.62 -10.25 -14.91
CA ILE B 62 -0.54 -10.58 -16.34
C ILE B 62 -0.57 -9.27 -17.10
N ASP B 63 0.00 -9.28 -18.30
CA ASP B 63 0.12 -8.07 -19.12
C ASP B 63 -0.32 -8.43 -20.53
N VAL B 64 -1.49 -7.94 -20.95
CA VAL B 64 -2.14 -8.44 -22.16
C VAL B 64 -2.34 -7.29 -23.15
N PHE B 65 -2.65 -7.69 -24.38
CA PHE B 65 -3.07 -6.82 -25.50
C PHE B 65 -4.51 -7.18 -25.79
N PHE B 66 -5.44 -6.57 -25.09
CA PHE B 66 -6.85 -6.91 -25.23
C PHE B 66 -7.38 -6.32 -26.53
N ARG B 67 -7.61 -7.17 -27.53
CA ARG B 67 -8.16 -6.74 -28.80
C ARG B 67 -9.66 -7.03 -28.86
N GLN B 68 -10.44 -6.07 -29.32
CA GLN B 68 -11.87 -6.24 -29.51
C GLN B 68 -12.24 -5.71 -30.88
N SER B 69 -13.33 -6.24 -31.43
CA SER B 69 -13.74 -5.79 -32.75
C SER B 69 -15.24 -6.01 -32.92
N TRP B 70 -15.95 -4.97 -33.30
CA TRP B 70 -17.38 -5.08 -33.57
C TRP B 70 -17.69 -4.45 -34.91
N LYS B 71 -18.96 -4.30 -35.25
CA LYS B 71 -19.36 -3.72 -36.52
C LYS B 71 -20.38 -2.62 -36.25
N ASP B 72 -19.99 -1.38 -36.54
CA ASP B 72 -20.83 -0.21 -36.30
C ASP B 72 -21.20 0.37 -37.65
N GLU B 73 -22.47 0.23 -38.03
CA GLU B 73 -22.92 0.71 -39.34
C GLU B 73 -22.96 2.22 -39.41
N ARG B 74 -22.91 2.92 -38.28
CA ARG B 74 -22.92 4.37 -38.28
C ARG B 74 -21.56 4.97 -38.62
N LEU B 75 -20.54 4.13 -38.83
CA LEU B 75 -19.20 4.58 -39.15
C LEU B 75 -18.77 4.14 -40.54
N LYS B 76 -19.72 3.96 -41.45
CA LYS B 76 -19.37 3.65 -42.83
C LYS B 76 -18.83 4.90 -43.52
N PHE B 77 -17.75 4.71 -44.28
CA PHE B 77 -17.16 5.81 -45.00
C PHE B 77 -16.51 5.28 -46.27
N LYS B 78 -16.54 6.09 -47.32
CA LYS B 78 -15.89 5.78 -48.59
C LYS B 78 -14.90 6.91 -48.89
N GLY B 79 -13.63 6.55 -49.02
CA GLY B 79 -12.60 7.54 -49.26
C GLY B 79 -11.39 6.95 -49.96
N PRO B 80 -10.30 7.72 -50.00
CA PRO B 80 -9.10 7.23 -50.68
C PRO B 80 -8.46 6.03 -49.98
N MET B 81 -8.57 5.95 -48.66
CA MET B 81 -8.01 4.84 -47.91
C MET B 81 -9.11 3.86 -47.50
N THR B 82 -8.69 2.61 -47.29
CA THR B 82 -9.61 1.57 -46.85
C THR B 82 -9.81 1.62 -45.34
N VAL B 83 -8.74 1.48 -44.57
CA VAL B 83 -8.80 1.51 -43.12
C VAL B 83 -8.31 2.86 -42.64
N LEU B 84 -8.86 3.31 -41.52
CA LEU B 84 -8.43 4.54 -40.87
C LEU B 84 -7.76 4.15 -39.56
N ARG B 85 -6.43 4.26 -39.51
CA ARG B 85 -5.67 4.03 -38.29
C ARG B 85 -5.68 5.32 -37.47
N LEU B 86 -6.75 5.51 -36.71
CA LEU B 86 -6.97 6.77 -36.03
C LEU B 86 -6.25 6.80 -34.68
N ASN B 87 -6.28 7.98 -34.06
CA ASN B 87 -5.60 8.19 -32.79
C ASN B 87 -6.32 7.41 -31.68
N ASN B 88 -5.79 7.51 -30.47
CA ASN B 88 -6.40 6.87 -29.32
C ASN B 88 -7.44 7.75 -28.64
N LEU B 89 -7.56 9.01 -29.04
CA LEU B 89 -8.58 9.90 -28.50
C LEU B 89 -9.86 9.86 -29.32
N MET B 90 -9.80 9.44 -30.58
CA MET B 90 -11.02 9.26 -31.36
C MET B 90 -11.88 8.15 -30.78
N ALA B 91 -11.26 7.15 -30.13
CA ALA B 91 -12.01 6.07 -29.52
C ALA B 91 -12.82 6.53 -28.30
N SER B 92 -12.68 7.77 -27.87
CA SER B 92 -13.50 8.31 -26.80
C SER B 92 -14.72 9.05 -27.32
N LYS B 93 -14.89 9.15 -28.64
CA LYS B 93 -16.04 9.80 -29.24
C LYS B 93 -16.98 8.81 -29.91
N ILE B 94 -16.65 7.52 -29.94
CA ILE B 94 -17.53 6.49 -30.49
C ILE B 94 -17.92 5.56 -29.37
N TRP B 95 -18.79 4.59 -29.65
CA TRP B 95 -19.17 3.60 -28.65
C TRP B 95 -18.14 2.48 -28.60
N THR B 96 -17.70 2.14 -27.40
CA THR B 96 -16.72 1.10 -27.18
C THR B 96 -17.19 0.22 -26.03
N PRO B 97 -17.18 -1.10 -26.17
CA PRO B 97 -17.78 -1.96 -25.15
C PRO B 97 -17.02 -1.90 -23.84
N ASP B 98 -17.78 -2.02 -22.75
CA ASP B 98 -17.24 -1.83 -21.40
C ASP B 98 -16.89 -3.16 -20.76
N THR B 99 -15.91 -3.84 -21.36
CA THR B 99 -15.48 -5.13 -20.85
C THR B 99 -14.78 -4.98 -19.52
N PHE B 100 -15.10 -5.87 -18.57
CA PHE B 100 -14.44 -5.88 -17.28
C PHE B 100 -14.11 -7.31 -16.90
N PHE B 101 -13.05 -7.47 -16.12
CA PHE B 101 -12.56 -8.78 -15.73
C PHE B 101 -13.19 -9.20 -14.41
N HIS B 102 -13.98 -10.27 -14.45
CA HIS B 102 -14.78 -10.68 -13.30
C HIS B 102 -13.93 -10.97 -12.06
N ASN B 103 -12.65 -11.27 -12.24
CA ASN B 103 -11.79 -11.62 -11.12
C ASN B 103 -10.53 -10.78 -11.11
N GLY B 104 -10.66 -9.50 -11.43
CA GLY B 104 -9.54 -8.58 -11.32
C GLY B 104 -9.55 -7.88 -9.98
N LYS B 105 -8.35 -7.58 -9.46
CA LYS B 105 -8.22 -6.91 -8.17
C LYS B 105 -7.92 -5.43 -8.34
N LYS B 106 -6.82 -5.10 -9.00
CA LYS B 106 -6.50 -3.71 -9.32
C LYS B 106 -5.69 -3.72 -10.62
N SER B 107 -6.40 -3.57 -11.73
CA SER B 107 -5.78 -3.60 -13.06
C SER B 107 -5.61 -2.18 -13.57
N VAL B 108 -4.52 -1.93 -14.27
CA VAL B 108 -4.23 -0.62 -14.82
C VAL B 108 -4.15 -0.72 -16.33
N ALA B 109 -4.54 0.36 -17.01
CA ALA B 109 -4.46 0.47 -18.45
C ALA B 109 -3.39 1.51 -18.75
N HIS B 110 -2.19 1.03 -19.06
CA HIS B 110 -1.02 1.88 -19.23
C HIS B 110 -1.30 3.04 -20.17
N ASN B 111 -0.87 4.24 -19.76
CA ASN B 111 -0.99 5.45 -20.58
C ASN B 111 0.34 6.18 -20.64
N MET B 112 1.40 5.44 -20.92
CA MET B 112 2.72 5.98 -21.13
C MET B 112 3.15 5.68 -22.56
N THR B 113 3.52 6.71 -23.32
CA THR B 113 3.47 8.10 -22.89
C THR B 113 2.10 8.71 -23.16
N MET B 114 1.56 8.43 -24.33
CA MET B 114 0.17 8.77 -24.60
C MET B 114 -0.68 7.60 -24.12
N PRO B 115 -2.00 7.69 -24.09
CA PRO B 115 -2.79 6.52 -23.68
C PRO B 115 -2.57 5.38 -24.67
N ASN B 116 -2.28 4.21 -24.14
CA ASN B 116 -1.98 3.04 -24.96
C ASN B 116 -3.30 2.46 -25.43
N LYS B 117 -3.69 2.81 -26.65
CA LYS B 117 -4.90 2.31 -27.27
C LYS B 117 -4.70 2.34 -28.78
N LEU B 118 -5.65 1.76 -29.50
CA LEU B 118 -5.52 1.64 -30.93
C LEU B 118 -6.90 1.48 -31.53
N LEU B 119 -7.17 2.19 -32.62
CA LEU B 119 -8.47 2.18 -33.25
C LEU B 119 -8.28 2.18 -34.77
N ARG B 120 -8.81 1.16 -35.42
CA ARG B 120 -8.77 1.06 -36.88
C ARG B 120 -10.21 0.91 -37.37
N ILE B 121 -10.67 1.91 -38.11
CA ILE B 121 -12.03 1.92 -38.66
C ILE B 121 -11.93 1.47 -40.11
N THR B 122 -12.31 0.23 -40.38
CA THR B 122 -12.40 -0.24 -41.75
C THR B 122 -13.54 0.48 -42.47
N GLU B 123 -13.50 0.46 -43.80
CA GLU B 123 -14.44 1.25 -44.58
C GLU B 123 -15.86 0.70 -44.55
N ASP B 124 -16.03 -0.57 -44.22
CA ASP B 124 -17.37 -1.17 -44.16
C ASP B 124 -17.96 -1.12 -42.75
N GLY B 125 -17.34 -0.37 -41.84
CA GLY B 125 -17.86 -0.19 -40.51
C GLY B 125 -17.18 -1.04 -39.45
N THR B 126 -16.38 -2.02 -39.84
CA THR B 126 -15.75 -2.90 -38.87
C THR B 126 -14.68 -2.16 -38.10
N LEU B 127 -14.78 -2.17 -36.79
CA LEU B 127 -13.83 -1.49 -35.92
C LEU B 127 -12.86 -2.48 -35.30
N LEU B 128 -11.65 -2.02 -35.02
CA LEU B 128 -10.68 -2.76 -34.22
C LEU B 128 -10.19 -1.85 -33.13
N TYR B 129 -10.33 -2.28 -31.88
CA TYR B 129 -10.04 -1.47 -30.71
C TYR B 129 -9.14 -2.30 -29.80
N THR B 130 -7.88 -1.91 -29.69
CA THR B 130 -6.89 -2.67 -28.95
C THR B 130 -6.37 -1.85 -27.78
N MET B 131 -6.26 -2.48 -26.62
CA MET B 131 -5.73 -1.87 -25.42
C MET B 131 -4.54 -2.67 -24.94
N ARG B 132 -3.63 -2.02 -24.23
CA ARG B 132 -2.53 -2.70 -23.55
C ARG B 132 -2.71 -2.50 -22.07
N LEU B 133 -2.86 -3.59 -21.32
CA LEU B 133 -3.27 -3.42 -19.94
C LEU B 133 -2.72 -4.52 -19.05
N THR B 134 -2.38 -4.15 -17.83
CA THR B 134 -1.88 -5.07 -16.81
C THR B 134 -3.05 -5.44 -15.90
N VAL B 135 -3.35 -6.74 -15.83
CA VAL B 135 -4.43 -7.26 -15.01
C VAL B 135 -3.83 -8.02 -13.84
N ARG B 136 -4.21 -7.64 -12.62
CA ARG B 136 -3.76 -8.31 -11.41
C ARG B 136 -4.91 -9.18 -10.91
N ALA B 137 -5.02 -10.37 -11.48
CA ALA B 137 -6.21 -11.19 -11.31
C ALA B 137 -6.10 -12.09 -10.09
N GLU B 138 -7.21 -12.73 -9.75
CA GLU B 138 -7.29 -13.69 -8.66
C GLU B 138 -7.07 -15.10 -9.17
N CYS B 139 -6.60 -15.96 -8.29
CA CYS B 139 -6.37 -17.37 -8.63
C CYS B 139 -6.41 -18.18 -7.34
N PRO B 140 -7.60 -18.60 -6.91
CA PRO B 140 -7.68 -19.40 -5.68
C PRO B 140 -7.00 -20.74 -5.86
N MET B 141 -6.19 -21.11 -4.87
CA MET B 141 -5.35 -22.31 -4.94
C MET B 141 -5.70 -23.27 -3.83
N HIS B 142 -5.66 -24.56 -4.13
CA HIS B 142 -5.70 -25.60 -3.12
C HIS B 142 -4.28 -26.12 -2.92
N LEU B 143 -3.75 -25.91 -1.72
CA LEU B 143 -2.34 -26.15 -1.42
C LEU B 143 -2.15 -27.39 -0.56
N GLU B 144 -2.93 -28.44 -0.84
CA GLU B 144 -2.74 -29.70 -0.11
C GLU B 144 -1.56 -30.50 -0.62
N ASP B 145 -1.14 -30.30 -1.86
CA ASP B 145 0.02 -30.98 -2.43
C ASP B 145 1.25 -30.08 -2.50
N PHE B 146 1.27 -29.04 -1.70
CA PHE B 146 2.40 -28.11 -1.69
C PHE B 146 3.67 -28.86 -1.28
N PRO B 147 4.80 -28.62 -1.96
CA PRO B 147 5.04 -27.76 -3.12
C PRO B 147 5.04 -28.51 -4.44
N MET B 148 4.26 -29.59 -4.52
CA MET B 148 4.18 -30.40 -5.73
C MET B 148 2.78 -30.34 -6.33
N ASP B 149 2.20 -29.14 -6.37
CA ASP B 149 0.84 -28.94 -6.84
C ASP B 149 0.82 -28.40 -8.26
N ALA B 150 -0.38 -28.38 -8.84
CA ALA B 150 -0.61 -27.80 -10.15
C ALA B 150 -1.89 -26.99 -10.08
N HIS B 151 -1.87 -25.81 -10.68
CA HIS B 151 -2.98 -24.87 -10.59
C HIS B 151 -3.54 -24.58 -11.98
N ALA B 152 -4.71 -23.96 -12.00
CA ALA B 152 -5.34 -23.47 -13.22
C ALA B 152 -5.83 -22.06 -12.89
N CYS B 153 -5.00 -21.06 -13.15
CA CYS B 153 -5.35 -19.70 -12.81
C CYS B 153 -6.27 -19.12 -13.88
N PRO B 154 -7.51 -18.79 -13.54
CA PRO B 154 -8.46 -18.32 -14.55
C PRO B 154 -8.31 -16.83 -14.81
N LEU B 155 -8.81 -16.42 -15.97
CA LEU B 155 -8.92 -15.00 -16.36
C LEU B 155 -10.27 -14.80 -17.01
N LYS B 156 -11.28 -14.51 -16.20
CA LYS B 156 -12.63 -14.33 -16.70
C LYS B 156 -12.86 -12.86 -17.03
N PHE B 157 -13.50 -12.60 -18.17
CA PHE B 157 -13.85 -11.25 -18.53
C PHE B 157 -15.16 -11.25 -19.29
N GLY B 158 -16.00 -10.28 -18.99
CA GLY B 158 -17.30 -10.19 -19.64
C GLY B 158 -17.71 -8.75 -19.79
N SER B 159 -18.99 -8.52 -19.98
CA SER B 159 -19.50 -7.16 -20.14
C SER B 159 -20.07 -6.66 -18.83
N TYR B 160 -20.09 -5.34 -18.68
CA TYR B 160 -20.78 -4.67 -17.59
C TYR B 160 -21.96 -3.92 -18.18
N ALA B 161 -23.14 -4.12 -17.59
CA ALA B 161 -24.37 -3.41 -17.94
C ALA B 161 -25.02 -3.89 -19.24
N TYR B 162 -24.36 -4.80 -19.97
CA TYR B 162 -24.91 -5.32 -21.22
C TYR B 162 -25.13 -6.81 -21.06
N THR B 163 -26.39 -7.22 -21.08
CA THR B 163 -26.75 -8.62 -20.83
C THR B 163 -26.47 -9.46 -22.08
N ARG B 164 -26.98 -10.68 -22.09
CA ARG B 164 -26.80 -11.56 -23.24
C ARG B 164 -27.67 -11.14 -24.42
N ALA B 165 -28.76 -10.42 -24.16
CA ALA B 165 -29.62 -9.99 -25.25
C ALA B 165 -29.04 -8.83 -26.05
N GLU B 166 -28.07 -8.11 -25.49
CA GLU B 166 -27.52 -6.93 -26.15
C GLU B 166 -26.12 -7.13 -26.70
N VAL B 167 -25.18 -7.59 -25.87
CA VAL B 167 -23.79 -7.75 -26.29
C VAL B 167 -23.36 -9.18 -26.00
N VAL B 168 -22.95 -9.91 -27.03
CA VAL B 168 -22.41 -11.25 -26.88
C VAL B 168 -20.96 -11.23 -27.34
N TYR B 169 -20.11 -11.95 -26.62
CA TYR B 169 -18.69 -12.01 -26.91
C TYR B 169 -18.37 -13.29 -27.67
N GLU B 170 -17.29 -13.25 -28.45
CA GLU B 170 -16.79 -14.43 -29.14
C GLU B 170 -15.31 -14.25 -29.39
N TRP B 171 -14.62 -15.36 -29.61
CA TRP B 171 -13.22 -15.33 -29.99
C TRP B 171 -13.12 -15.15 -31.50
N THR B 172 -12.12 -14.38 -31.93
CA THR B 172 -12.03 -14.04 -33.34
C THR B 172 -11.49 -15.19 -34.16
N ARG B 173 -10.37 -15.79 -33.73
CA ARG B 173 -9.86 -16.98 -34.38
C ARG B 173 -10.42 -18.21 -33.68
N GLU B 174 -9.96 -19.38 -34.08
CA GLU B 174 -10.36 -20.60 -33.39
C GLU B 174 -10.08 -20.45 -31.90
N PRO B 175 -10.99 -20.89 -31.03
CA PRO B 175 -10.78 -20.70 -29.59
C PRO B 175 -9.44 -21.22 -29.09
N ALA B 176 -8.83 -22.17 -29.79
CA ALA B 176 -7.50 -22.63 -29.40
C ALA B 176 -6.43 -21.61 -29.76
N ARG B 177 -6.63 -20.85 -30.85
CA ARG B 177 -5.63 -19.93 -31.34
C ARG B 177 -5.95 -18.48 -31.01
N SER B 178 -6.76 -18.24 -29.98
CA SER B 178 -7.12 -16.88 -29.60
C SER B 178 -6.17 -16.32 -28.56
N VAL B 179 -6.10 -16.95 -27.38
CA VAL B 179 -5.21 -16.49 -26.32
C VAL B 179 -3.80 -16.93 -26.69
N VAL B 180 -3.00 -16.00 -27.20
CA VAL B 180 -1.63 -16.29 -27.60
C VAL B 180 -0.70 -15.81 -26.49
N VAL B 181 0.42 -16.49 -26.33
CA VAL B 181 1.44 -16.08 -25.37
C VAL B 181 2.74 -15.81 -26.12
N ALA B 182 3.39 -14.70 -25.80
CA ALA B 182 4.68 -14.39 -26.39
C ALA B 182 5.70 -15.45 -25.99
N GLU B 183 6.75 -15.58 -26.80
CA GLU B 183 7.77 -16.59 -26.54
C GLU B 183 8.55 -16.27 -25.27
N ASP B 184 9.22 -15.12 -25.23
CA ASP B 184 9.95 -14.69 -24.06
C ASP B 184 9.05 -14.08 -22.99
N GLY B 185 7.74 -14.19 -23.16
CA GLY B 185 6.80 -13.61 -22.22
C GLY B 185 6.47 -14.51 -21.05
N SER B 186 7.41 -14.64 -20.12
CA SER B 186 7.17 -15.42 -18.91
C SER B 186 8.08 -14.88 -17.82
N ARG B 187 7.49 -14.25 -16.81
CA ARG B 187 8.22 -13.78 -15.64
C ARG B 187 8.05 -14.68 -14.45
N LEU B 188 7.68 -15.95 -14.68
CA LEU B 188 7.43 -16.89 -13.61
C LEU B 188 8.75 -17.42 -13.08
N ASN B 189 9.14 -16.95 -11.89
CA ASN B 189 10.35 -17.48 -11.26
C ASN B 189 10.13 -18.89 -10.75
N GLN B 190 9.02 -19.11 -10.04
CA GLN B 190 8.79 -20.35 -9.32
C GLN B 190 7.88 -21.32 -10.07
N TYR B 191 6.92 -20.84 -10.84
CA TYR B 191 5.98 -21.72 -11.52
C TYR B 191 6.49 -22.04 -12.93
N ASP B 192 5.66 -22.74 -13.69
CA ASP B 192 6.02 -23.13 -15.05
C ASP B 192 4.72 -23.24 -15.84
N LEU B 193 4.52 -22.33 -16.79
CA LEU B 193 3.27 -22.28 -17.54
C LEU B 193 3.21 -23.45 -18.51
N LEU B 194 2.13 -24.24 -18.41
CA LEU B 194 1.95 -25.40 -19.28
C LEU B 194 1.18 -25.03 -20.54
N GLY B 195 0.01 -24.41 -20.41
CA GLY B 195 -0.77 -24.04 -21.58
C GLY B 195 -2.05 -23.34 -21.17
N GLN B 196 -2.67 -22.72 -22.16
CA GLN B 196 -3.93 -22.03 -21.96
C GLN B 196 -5.11 -22.94 -22.29
N THR B 197 -6.29 -22.52 -21.85
CA THR B 197 -7.50 -23.30 -22.07
C THR B 197 -8.67 -22.33 -22.00
N VAL B 198 -9.29 -22.04 -23.13
CA VAL B 198 -10.33 -21.04 -23.19
C VAL B 198 -11.68 -21.73 -23.09
N ASP B 199 -12.71 -20.94 -22.80
CA ASP B 199 -14.06 -21.45 -22.63
C ASP B 199 -15.01 -20.27 -22.63
N SER B 200 -16.27 -20.54 -22.98
CA SER B 200 -17.31 -19.54 -22.94
C SER B 200 -18.45 -20.02 -22.06
N GLY B 201 -19.04 -19.13 -21.30
CA GLY B 201 -20.16 -19.48 -20.46
C GLY B 201 -21.15 -18.34 -20.30
N ILE B 202 -22.19 -18.56 -19.52
CA ILE B 202 -23.27 -17.60 -19.35
C ILE B 202 -23.62 -17.56 -17.87
N VAL B 203 -23.37 -16.44 -17.21
CA VAL B 203 -23.59 -16.32 -15.78
C VAL B 203 -24.86 -15.52 -15.55
N GLN B 204 -25.42 -15.68 -14.35
CA GLN B 204 -26.64 -14.97 -13.96
C GLN B 204 -26.35 -14.17 -12.71
N SER B 205 -26.52 -12.86 -12.80
CA SER B 205 -26.30 -11.96 -11.69
C SER B 205 -27.65 -11.41 -11.20
N SER B 206 -27.58 -10.50 -10.25
CA SER B 206 -28.81 -9.91 -9.71
C SER B 206 -29.45 -8.95 -10.71
N THR B 207 -28.75 -8.56 -11.76
CA THR B 207 -29.28 -7.61 -12.74
C THR B 207 -29.74 -8.27 -14.03
N GLY B 208 -29.15 -9.40 -14.41
CA GLY B 208 -29.51 -10.03 -15.65
C GLY B 208 -28.69 -11.26 -15.90
N GLU B 209 -28.54 -11.59 -17.18
CA GLU B 209 -27.84 -12.80 -17.63
C GLU B 209 -26.75 -12.39 -18.61
N TYR B 210 -25.50 -12.54 -18.21
CA TYR B 210 -24.36 -12.04 -18.96
C TYR B 210 -23.56 -13.17 -19.58
N VAL B 211 -22.71 -12.81 -20.53
CA VAL B 211 -21.82 -13.75 -21.22
C VAL B 211 -20.42 -13.55 -20.66
N VAL B 212 -19.77 -14.64 -20.27
CA VAL B 212 -18.48 -14.59 -19.60
C VAL B 212 -17.50 -15.44 -20.38
N MET B 213 -16.39 -14.83 -20.79
CA MET B 213 -15.32 -15.53 -21.48
C MET B 213 -14.25 -15.91 -20.47
N THR B 214 -14.02 -17.20 -20.29
CA THR B 214 -13.09 -17.71 -19.30
C THR B 214 -11.83 -18.19 -19.97
N THR B 215 -10.68 -17.93 -19.35
CA THR B 215 -9.40 -18.42 -19.85
C THR B 215 -8.58 -18.92 -18.67
N HIS B 216 -8.13 -20.17 -18.74
CA HIS B 216 -7.33 -20.76 -17.69
C HIS B 216 -5.88 -20.90 -18.17
N PHE B 217 -4.94 -20.59 -17.28
CA PHE B 217 -3.53 -20.80 -17.52
C PHE B 217 -3.09 -21.90 -16.56
N HIS B 218 -2.67 -23.04 -17.10
CA HIS B 218 -2.28 -24.18 -16.28
C HIS B 218 -0.83 -24.01 -15.83
N LEU B 219 -0.64 -23.91 -14.52
CA LEU B 219 0.69 -23.71 -13.94
C LEU B 219 1.10 -24.95 -13.16
N LYS B 220 2.42 -25.15 -13.06
CA LYS B 220 3.00 -26.31 -12.39
C LYS B 220 4.21 -25.83 -11.62
N ARG B 221 4.17 -25.91 -10.30
CA ARG B 221 5.22 -25.33 -9.47
C ARG B 221 6.54 -26.09 -9.64
N LYS B 222 7.63 -25.36 -9.51
CA LYS B 222 8.97 -25.95 -9.56
C LYS B 222 9.45 -26.24 -8.15
N ILE B 223 9.86 -27.49 -7.92
CA ILE B 223 10.29 -27.93 -6.59
C ILE B 223 11.74 -27.60 -6.28
N GLY B 224 12.44 -26.95 -7.21
CA GLY B 224 13.87 -26.75 -7.05
C GLY B 224 14.25 -25.98 -5.79
N TYR B 225 13.52 -24.91 -5.50
CA TYR B 225 13.87 -24.09 -4.35
C TYR B 225 13.51 -24.79 -3.05
N PHE B 226 12.32 -25.38 -3.00
CA PHE B 226 11.86 -26.00 -1.76
C PHE B 226 12.72 -27.19 -1.40
N VAL B 227 13.22 -27.93 -2.38
CA VAL B 227 14.16 -29.01 -2.08
C VAL B 227 15.34 -28.47 -1.29
N ILE B 228 16.11 -27.56 -1.91
CA ILE B 228 17.36 -27.11 -1.31
C ILE B 228 17.13 -26.31 -0.03
N GLN B 229 15.93 -25.77 0.19
CA GLN B 229 15.74 -24.94 1.36
C GLN B 229 15.00 -25.62 2.51
N THR B 230 14.18 -26.64 2.25
CA THR B 230 13.52 -27.37 3.32
C THR B 230 13.93 -28.84 3.36
N TYR B 231 13.89 -29.54 2.23
CA TYR B 231 14.11 -30.98 2.27
C TYR B 231 15.58 -31.31 2.56
N LEU B 232 16.49 -30.50 2.03
CA LEU B 232 17.90 -30.70 2.36
C LEU B 232 18.21 -30.44 3.82
N PRO B 233 17.81 -29.31 4.42
CA PRO B 233 18.09 -29.14 5.85
C PRO B 233 17.38 -30.15 6.73
N CYS B 234 16.16 -30.56 6.39
CA CYS B 234 15.46 -31.56 7.21
C CYS B 234 16.19 -32.89 7.19
N ILE B 235 16.58 -33.36 6.01
CA ILE B 235 17.30 -34.62 5.92
C ILE B 235 18.66 -34.52 6.60
N MET B 236 19.36 -33.41 6.40
CA MET B 236 20.65 -33.24 7.05
C MET B 236 20.52 -33.23 8.56
N THR B 237 19.48 -32.59 9.09
CA THR B 237 19.25 -32.58 10.52
C THR B 237 18.94 -33.99 11.03
N VAL B 238 18.10 -34.73 10.32
CA VAL B 238 17.79 -36.10 10.74
C VAL B 238 19.05 -36.95 10.76
N ILE B 239 19.90 -36.81 9.76
CA ILE B 239 21.15 -37.59 9.71
C ILE B 239 22.06 -37.19 10.87
N LEU B 240 22.26 -35.89 11.07
CA LEU B 240 23.04 -35.39 12.19
C LEU B 240 22.52 -35.93 13.52
N SER B 241 21.20 -36.08 13.65
CA SER B 241 20.63 -36.58 14.89
C SER B 241 20.86 -38.08 15.05
N GLN B 242 20.73 -38.84 13.97
CA GLN B 242 20.99 -40.28 14.03
C GLN B 242 22.47 -40.61 14.15
N VAL B 243 23.34 -39.63 13.92
CA VAL B 243 24.77 -39.84 14.19
C VAL B 243 25.00 -40.10 15.66
N SER B 244 24.14 -39.55 16.52
CA SER B 244 24.31 -39.66 17.96
C SER B 244 24.35 -41.09 18.46
N PHE B 245 23.84 -42.05 17.67
CA PHE B 245 23.82 -43.43 18.13
C PHE B 245 25.21 -44.06 18.07
N TRP B 246 26.06 -43.61 17.15
CA TRP B 246 27.38 -44.21 16.99
C TRP B 246 28.37 -43.75 18.04
N LEU B 247 28.05 -42.72 18.81
CA LEU B 247 28.90 -42.32 19.91
C LEU B 247 28.79 -43.33 21.06
N ASN B 248 29.75 -43.26 21.98
CA ASN B 248 29.75 -44.17 23.11
C ASN B 248 28.69 -43.76 24.12
N ARG B 249 28.28 -44.73 24.94
CA ARG B 249 27.24 -44.50 25.93
C ARG B 249 27.74 -43.75 27.15
N GLU B 250 29.05 -43.64 27.35
CA GLU B 250 29.63 -42.94 28.49
C GLU B 250 29.83 -41.46 28.21
N SER B 251 29.25 -40.93 27.15
CA SER B 251 29.38 -39.53 26.77
C SER B 251 27.99 -38.91 26.74
N VAL B 252 27.55 -38.41 27.88
CA VAL B 252 26.20 -37.85 28.02
C VAL B 252 26.11 -36.43 27.46
N PRO B 253 27.06 -35.52 27.75
CA PRO B 253 26.92 -34.16 27.22
C PRO B 253 26.89 -34.09 25.70
N ALA B 254 27.72 -34.89 25.02
CA ALA B 254 27.75 -34.85 23.56
C ALA B 254 26.41 -35.28 22.96
N ARG B 255 25.88 -36.41 23.41
CA ARG B 255 24.63 -36.91 22.86
C ARG B 255 23.47 -35.98 23.22
N THR B 256 23.48 -35.42 24.43
CA THR B 256 22.45 -34.47 24.81
C THR B 256 22.50 -33.23 23.91
N VAL B 257 23.71 -32.73 23.62
CA VAL B 257 23.85 -31.57 22.75
C VAL B 257 23.34 -31.90 21.35
N PHE B 258 23.72 -33.06 20.82
CA PHE B 258 23.20 -33.52 19.53
C PHE B 258 21.68 -33.44 19.51
N GLY B 259 21.05 -34.07 20.49
CA GLY B 259 19.59 -34.13 20.51
C GLY B 259 18.95 -32.75 20.59
N VAL B 260 19.40 -31.92 21.54
CA VAL B 260 18.74 -30.65 21.76
C VAL B 260 18.97 -29.70 20.60
N THR B 261 20.17 -29.73 20.00
CA THR B 261 20.43 -28.86 18.86
C THR B 261 19.62 -29.29 17.65
N THR B 262 19.51 -30.59 17.41
CA THR B 262 18.69 -31.05 16.30
C THR B 262 17.22 -30.67 16.50
N VAL B 263 16.74 -30.76 17.74
CA VAL B 263 15.36 -30.37 18.01
C VAL B 263 15.16 -28.87 17.78
N LEU B 264 16.09 -28.05 18.25
CA LEU B 264 15.99 -26.61 18.03
C LEU B 264 16.00 -26.28 16.55
N THR B 265 16.89 -26.92 15.79
CA THR B 265 16.95 -26.69 14.35
C THR B 265 15.63 -27.07 13.69
N MET B 266 15.10 -28.25 14.03
CA MET B 266 13.83 -28.69 13.47
C MET B 266 12.71 -27.71 13.81
N THR B 267 12.70 -27.18 15.02
CA THR B 267 11.66 -26.22 15.41
C THR B 267 11.77 -24.94 14.58
N THR B 268 12.98 -24.39 14.47
CA THR B 268 13.17 -23.18 13.68
C THR B 268 12.78 -23.43 12.22
N LEU B 269 13.07 -24.62 11.70
CA LEU B 269 12.73 -24.93 10.31
C LEU B 269 11.23 -25.08 10.14
N SER B 270 10.56 -25.75 11.07
CA SER B 270 9.11 -25.90 10.99
C SER B 270 8.41 -24.56 11.08
N ILE B 271 9.01 -23.61 11.80
CA ILE B 271 8.40 -22.28 11.89
C ILE B 271 8.67 -21.48 10.63
N SER B 272 9.91 -21.52 10.13
CA SER B 272 10.28 -20.70 8.97
C SER B 272 9.59 -21.18 7.70
N ALA B 273 9.56 -22.49 7.46
CA ALA B 273 9.02 -23.01 6.21
C ALA B 273 7.52 -22.71 6.08
N ARG B 274 6.80 -22.73 7.19
CA ARG B 274 5.37 -22.43 7.17
C ARG B 274 5.09 -20.97 6.85
N ASN B 275 6.06 -20.08 7.08
CA ASN B 275 5.85 -18.65 6.91
C ASN B 275 5.53 -18.28 5.46
N SER B 276 6.00 -19.07 4.51
CA SER B 276 5.87 -18.70 3.10
C SER B 276 4.41 -18.72 2.65
N LEU B 277 3.69 -19.77 2.99
CA LEU B 277 2.36 -20.01 2.47
C LEU B 277 1.34 -19.12 3.19
N PRO B 278 0.21 -18.83 2.54
CA PRO B 278 -0.90 -18.19 3.26
C PRO B 278 -1.43 -19.08 4.38
N LYS B 279 -2.07 -18.44 5.36
CA LYS B 279 -2.53 -19.12 6.56
C LYS B 279 -3.74 -19.97 6.23
N VAL B 280 -3.49 -21.14 5.66
CA VAL B 280 -4.55 -22.09 5.34
C VAL B 280 -4.74 -23.02 6.53
N ALA B 281 -5.91 -23.65 6.58
CA ALA B 281 -6.33 -24.44 7.73
C ALA B 281 -6.14 -25.94 7.53
N TYR B 282 -5.40 -26.35 6.51
CA TYR B 282 -5.11 -27.76 6.29
C TYR B 282 -3.60 -27.98 6.28
N ALA B 283 -3.21 -29.24 6.22
CA ALA B 283 -1.81 -29.63 6.27
C ALA B 283 -1.33 -29.98 4.87
N THR B 284 -0.30 -29.29 4.40
CA THR B 284 0.27 -29.51 3.08
C THR B 284 1.13 -30.78 3.12
N ALA B 285 1.89 -31.02 2.05
CA ALA B 285 2.80 -32.16 2.06
C ALA B 285 4.10 -31.83 2.79
N MET B 286 4.65 -30.64 2.53
CA MET B 286 5.86 -30.24 3.24
C MET B 286 5.67 -30.26 4.74
N ASP B 287 4.47 -29.96 5.21
CA ASP B 287 4.21 -30.05 6.65
C ASP B 287 4.27 -31.50 7.13
N TRP B 288 3.80 -32.44 6.31
CA TRP B 288 3.91 -33.84 6.70
C TRP B 288 5.37 -34.28 6.76
N PHE B 289 6.17 -33.85 5.79
CA PHE B 289 7.59 -34.16 5.83
C PHE B 289 8.26 -33.59 7.08
N ILE B 290 7.95 -32.33 7.40
CA ILE B 290 8.57 -31.70 8.56
C ILE B 290 8.11 -32.39 9.84
N ALA B 291 6.85 -32.78 9.91
CA ALA B 291 6.35 -33.47 11.09
C ALA B 291 7.04 -34.82 11.27
N VAL B 292 7.23 -35.57 10.19
CA VAL B 292 7.90 -36.85 10.31
C VAL B 292 9.36 -36.68 10.72
N CYS B 293 10.05 -35.67 10.17
CA CYS B 293 11.42 -35.44 10.58
C CYS B 293 11.51 -35.03 12.04
N TYR B 294 10.56 -34.23 12.52
CA TYR B 294 10.53 -33.86 13.92
C TYR B 294 10.29 -35.08 14.80
N ALA B 295 9.41 -35.98 14.36
CA ALA B 295 9.18 -37.21 15.10
C ALA B 295 10.45 -38.05 15.17
N PHE B 296 11.21 -38.09 14.08
CA PHE B 296 12.45 -38.86 14.08
C PHE B 296 13.48 -38.26 15.04
N VAL B 297 13.62 -36.94 15.07
CA VAL B 297 14.56 -36.32 15.98
C VAL B 297 14.15 -36.54 17.44
N PHE B 298 12.85 -36.35 17.73
CA PHE B 298 12.37 -36.60 19.08
C PHE B 298 12.56 -38.05 19.48
N SER B 299 12.39 -38.99 18.53
CA SER B 299 12.60 -40.39 18.84
C SER B 299 14.06 -40.68 19.13
N ALA B 300 14.97 -40.03 18.41
CA ALA B 300 16.39 -40.18 18.74
C ALA B 300 16.68 -39.70 20.16
N LEU B 301 16.10 -38.57 20.54
CA LEU B 301 16.37 -38.05 21.89
C LEU B 301 15.78 -38.96 22.96
N ILE B 302 14.57 -39.47 22.75
CA ILE B 302 13.98 -40.38 23.72
C ILE B 302 14.76 -41.69 23.79
N GLU B 303 15.30 -42.14 22.66
CA GLU B 303 16.15 -43.33 22.68
C GLU B 303 17.39 -43.10 23.52
N PHE B 304 18.03 -41.94 23.36
CA PHE B 304 19.18 -41.64 24.21
C PHE B 304 18.79 -41.58 25.68
N ALA B 305 17.63 -41.00 25.98
CA ALA B 305 17.18 -40.94 27.37
C ALA B 305 17.00 -42.32 27.95
N THR B 306 16.40 -43.24 27.18
CA THR B 306 16.23 -44.60 27.66
C THR B 306 17.57 -45.31 27.86
N VAL B 307 18.49 -45.13 26.90
CA VAL B 307 19.81 -45.74 27.03
C VAL B 307 20.51 -45.25 28.29
N ASN B 308 20.46 -43.94 28.56
CA ASN B 308 21.11 -43.41 29.74
C ASN B 308 20.39 -43.79 31.02
N TYR B 309 19.08 -44.05 30.95
CA TYR B 309 18.38 -44.55 32.13
C TYR B 309 18.77 -45.99 32.43
N PHE B 310 19.02 -46.79 31.39
CA PHE B 310 19.38 -48.19 31.60
C PHE B 310 20.87 -48.39 31.83
N THR B 311 21.71 -47.46 31.40
CA THR B 311 23.14 -47.55 31.65
C THR B 311 23.41 -47.57 33.16
N LYS B 312 24.51 -48.21 33.54
CA LYS B 312 24.97 -48.35 34.93
C LYS B 312 24.07 -49.26 35.73
N SER B 313 22.98 -49.75 35.13
CA SER B 313 22.13 -50.74 35.76
C SER B 313 22.01 -52.02 34.94
N GLN B 314 21.70 -51.90 33.65
CA GLN B 314 21.53 -53.05 32.76
C GLN B 314 22.22 -52.75 31.45
N PRO B 315 23.55 -52.81 31.42
CA PRO B 315 24.28 -52.39 30.21
C PRO B 315 23.98 -53.24 28.99
N ALA B 316 23.64 -54.52 29.18
CA ALA B 316 23.33 -55.37 28.03
C ALA B 316 22.11 -54.85 27.28
N ARG B 317 21.05 -54.49 28.01
CA ARG B 317 19.84 -53.99 27.38
C ARG B 317 20.10 -52.65 26.70
N ALA B 318 20.91 -51.78 27.32
CA ALA B 318 21.23 -50.50 26.71
C ALA B 318 21.98 -50.69 25.40
N ALA B 319 23.03 -51.52 25.42
CA ALA B 319 23.78 -51.78 24.20
C ALA B 319 22.90 -52.43 23.13
N LYS B 320 21.99 -53.30 23.55
CA LYS B 320 21.12 -53.98 22.59
C LYS B 320 20.19 -52.98 21.91
N ILE B 321 19.54 -52.10 22.69
CA ILE B 321 18.62 -51.16 22.08
C ILE B 321 19.37 -50.14 21.23
N ASP B 322 20.60 -49.79 21.61
CA ASP B 322 21.39 -48.88 20.78
C ASP B 322 21.74 -49.54 19.45
N ARG B 323 22.22 -50.78 19.50
CA ARG B 323 22.56 -51.50 18.28
C ARG B 323 21.33 -51.73 17.40
N LEU B 324 20.16 -51.90 18.01
CA LEU B 324 18.95 -52.05 17.22
C LEU B 324 18.55 -50.73 16.55
N SER B 325 18.60 -49.63 17.31
CA SER B 325 18.24 -48.34 16.74
C SER B 325 19.16 -47.97 15.58
N ARG B 326 20.45 -48.32 15.70
CA ARG B 326 21.41 -47.99 14.65
C ARG B 326 20.94 -48.44 13.26
N ILE B 327 20.17 -49.52 13.19
CA ILE B 327 19.69 -50.04 11.91
C ILE B 327 18.23 -49.65 11.71
N ALA B 328 17.47 -49.57 12.81
CA ALA B 328 16.04 -49.34 12.69
C ALA B 328 15.71 -47.91 12.29
N PHE B 329 16.58 -46.96 12.59
CA PHE B 329 16.27 -45.58 12.24
C PHE B 329 16.56 -45.25 10.78
N PRO B 330 17.76 -45.59 10.25
CA PRO B 330 18.00 -45.30 8.83
C PRO B 330 17.05 -46.02 7.89
N LEU B 331 16.73 -47.29 8.15
CA LEU B 331 15.80 -47.99 7.29
C LEU B 331 14.42 -47.37 7.34
N LEU B 332 13.96 -46.97 8.53
CA LEU B 332 12.66 -46.34 8.64
C LEU B 332 12.61 -45.02 7.88
N PHE B 333 13.66 -44.20 8.02
CA PHE B 333 13.67 -42.95 7.29
C PHE B 333 13.75 -43.17 5.79
N GLY B 334 14.51 -44.18 5.35
CA GLY B 334 14.60 -44.47 3.93
C GLY B 334 13.27 -44.89 3.34
N ILE B 335 12.56 -45.80 4.03
CA ILE B 335 11.29 -46.25 3.49
C ILE B 335 10.25 -45.13 3.59
N PHE B 336 10.36 -44.25 4.58
CA PHE B 336 9.46 -43.11 4.63
C PHE B 336 9.68 -42.18 3.44
N ASN B 337 10.95 -41.87 3.13
CA ASN B 337 11.24 -41.05 1.97
C ASN B 337 10.73 -41.71 0.69
N LEU B 338 10.94 -43.03 0.57
CA LEU B 338 10.43 -43.74 -0.60
C LEU B 338 8.92 -43.56 -0.73
N VAL B 339 8.18 -43.84 0.34
CA VAL B 339 6.73 -43.73 0.29
C VAL B 339 6.31 -42.30 -0.05
N TYR B 340 6.93 -41.32 0.61
CA TYR B 340 6.51 -39.93 0.45
C TYR B 340 6.74 -39.44 -0.97
N TRP B 341 7.96 -39.60 -1.49
CA TRP B 341 8.23 -39.14 -2.84
C TRP B 341 7.42 -39.93 -3.87
N ALA B 342 7.16 -41.20 -3.61
CA ALA B 342 6.37 -41.99 -4.56
C ALA B 342 4.92 -41.52 -4.58
N THR B 343 4.35 -41.20 -3.43
CA THR B 343 2.94 -40.80 -3.41
C THR B 343 2.74 -39.36 -3.82
N TYR B 344 3.77 -38.52 -3.74
CA TYR B 344 3.60 -37.12 -4.11
C TYR B 344 4.23 -36.73 -5.45
N LEU B 345 4.97 -37.64 -6.09
CA LEU B 345 5.46 -37.37 -7.44
C LEU B 345 4.59 -38.02 -8.51
N ASN B 346 3.68 -38.92 -8.14
CA ASN B 346 2.83 -39.59 -9.12
C ASN B 346 1.58 -38.79 -9.44
N ARG B 347 1.08 -38.00 -8.50
CA ARG B 347 -0.12 -37.20 -8.71
C ARG B 347 0.12 -36.11 -9.74
N SER C 7 -35.95 5.73 -37.83
CA SER C 7 -35.43 4.48 -37.30
C SER C 7 -35.58 4.44 -35.79
N ASN C 8 -35.47 3.24 -35.21
CA ASN C 8 -35.55 3.10 -33.76
C ASN C 8 -34.37 3.80 -33.08
N MET C 9 -33.19 3.74 -33.70
CA MET C 9 -32.02 4.37 -33.10
C MET C 9 -32.16 5.88 -33.04
N SER C 10 -32.66 6.50 -34.12
CA SER C 10 -32.87 7.94 -34.12
C SER C 10 -33.95 8.33 -33.12
N LEU C 11 -34.98 7.50 -33.00
CA LEU C 11 -36.02 7.76 -31.99
C LEU C 11 -35.44 7.73 -30.59
N VAL C 12 -34.58 6.74 -30.30
CA VAL C 12 -33.96 6.66 -28.98
C VAL C 12 -33.04 7.85 -28.75
N LYS C 13 -32.30 8.27 -29.78
CA LYS C 13 -31.42 9.42 -29.62
C LYS C 13 -32.21 10.69 -29.34
N GLU C 14 -33.32 10.88 -30.04
CA GLU C 14 -34.17 12.04 -29.77
C GLU C 14 -34.76 11.97 -28.36
N THR C 15 -35.19 10.79 -27.94
CA THR C 15 -35.73 10.63 -26.58
C THR C 15 -34.69 11.00 -25.54
N VAL C 16 -33.46 10.50 -25.71
CA VAL C 16 -32.41 10.78 -24.73
C VAL C 16 -32.05 12.26 -24.73
N ASP C 17 -31.94 12.87 -25.90
CA ASP C 17 -31.65 14.30 -25.97
C ASP C 17 -32.73 15.11 -25.29
N ARG C 18 -34.00 14.69 -25.44
CA ARG C 18 -35.09 15.38 -24.75
C ARG C 18 -34.99 15.19 -23.25
N LEU C 19 -34.59 13.99 -22.81
CA LEU C 19 -34.46 13.73 -21.38
C LEU C 19 -33.40 14.61 -20.75
N LEU C 20 -32.20 14.63 -21.33
CA LEU C 20 -31.10 15.38 -20.74
C LEU C 20 -31.16 16.88 -21.00
N LYS C 21 -32.09 17.34 -21.82
CA LYS C 21 -32.25 18.77 -22.05
C LYS C 21 -33.10 19.39 -20.95
N GLY C 22 -32.65 20.53 -20.43
CA GLY C 22 -33.35 21.14 -19.31
C GLY C 22 -33.27 20.32 -18.04
N TYR C 23 -32.18 19.59 -17.85
CA TYR C 23 -31.99 18.74 -16.68
C TYR C 23 -30.98 19.42 -15.75
N ASP C 24 -31.40 19.68 -14.51
CA ASP C 24 -30.55 20.33 -13.53
C ASP C 24 -29.98 19.25 -12.60
N ILE C 25 -28.66 19.05 -12.66
CA ILE C 25 -28.01 18.03 -11.86
C ILE C 25 -27.88 18.44 -10.40
N ARG C 26 -27.90 19.74 -10.11
CA ARG C 26 -27.74 20.21 -8.73
C ARG C 26 -28.94 19.88 -7.86
N LEU C 27 -30.10 19.60 -8.45
CA LEU C 27 -31.33 19.38 -7.71
C LEU C 27 -31.73 17.92 -7.78
N ARG C 28 -31.94 17.30 -6.63
CA ARG C 28 -32.40 15.92 -6.59
C ARG C 28 -33.85 15.84 -7.07
N PRO C 29 -34.32 14.64 -7.38
CA PRO C 29 -35.76 14.48 -7.70
C PRO C 29 -36.62 14.91 -6.52
N ASP C 30 -37.69 15.64 -6.83
CA ASP C 30 -38.58 16.21 -5.83
C ASP C 30 -37.79 17.12 -4.87
N PHE C 31 -37.25 18.20 -5.43
CA PHE C 31 -36.41 19.08 -4.62
C PHE C 31 -37.20 19.84 -3.57
N GLY C 32 -38.51 20.01 -3.76
CA GLY C 32 -39.29 20.71 -2.77
C GLY C 32 -40.40 19.86 -2.18
N GLY C 33 -40.23 18.54 -2.21
CA GLY C 33 -41.26 17.64 -1.77
C GLY C 33 -40.74 16.53 -0.88
N PRO C 34 -41.30 15.33 -1.04
CA PRO C 34 -40.94 14.23 -0.15
C PRO C 34 -39.55 13.70 -0.48
N PRO C 35 -38.95 12.92 0.41
CA PRO C 35 -37.63 12.37 0.11
C PRO C 35 -37.70 11.29 -0.95
N VAL C 36 -36.57 11.08 -1.61
CA VAL C 36 -36.43 10.07 -2.64
C VAL C 36 -35.98 8.77 -1.99
N ALA C 37 -36.46 7.65 -2.52
CA ALA C 37 -36.16 6.34 -1.95
C ALA C 37 -35.08 5.66 -2.78
N VAL C 38 -33.94 5.35 -2.16
CA VAL C 38 -32.79 4.77 -2.81
C VAL C 38 -32.62 3.35 -2.28
N GLY C 39 -32.91 2.36 -3.12
CA GLY C 39 -32.82 0.97 -2.69
C GLY C 39 -31.47 0.36 -3.02
N MET C 40 -30.86 -0.28 -2.04
CA MET C 40 -29.49 -0.78 -2.15
C MET C 40 -29.47 -2.29 -2.41
N ASN C 41 -28.50 -2.72 -3.21
CA ASN C 41 -28.15 -4.11 -3.40
C ASN C 41 -26.64 -4.24 -3.34
N ILE C 42 -26.18 -5.38 -2.85
CA ILE C 42 -24.75 -5.66 -2.77
C ILE C 42 -24.53 -7.11 -3.17
N ASP C 43 -23.62 -7.34 -4.09
CA ASP C 43 -23.25 -8.68 -4.54
C ASP C 43 -21.78 -8.84 -4.19
N ILE C 44 -21.50 -9.28 -2.96
CA ILE C 44 -20.13 -9.32 -2.46
C ILE C 44 -19.32 -10.30 -3.29
N ALA C 45 -18.32 -9.79 -4.00
CA ALA C 45 -17.50 -10.63 -4.87
C ALA C 45 -16.45 -11.40 -4.08
N SER C 46 -15.70 -10.72 -3.23
CA SER C 46 -14.68 -11.37 -2.44
C SER C 46 -14.24 -10.47 -1.30
N ILE C 47 -13.73 -11.08 -0.24
CA ILE C 47 -13.08 -10.39 0.86
C ILE C 47 -11.61 -10.78 0.82
N ASP C 48 -10.76 -9.83 0.38
CA ASP C 48 -9.41 -10.20 -0.01
C ASP C 48 -8.53 -10.52 1.19
N MET C 49 -8.31 -9.53 2.06
CA MET C 49 -7.39 -9.71 3.18
C MET C 49 -7.97 -9.09 4.43
N VAL C 50 -7.88 -9.82 5.54
CA VAL C 50 -8.36 -9.35 6.84
C VAL C 50 -7.13 -9.25 7.72
N SER C 51 -6.53 -8.07 7.78
CA SER C 51 -5.24 -7.87 8.42
C SER C 51 -5.41 -7.48 9.88
N GLU C 52 -4.69 -8.17 10.75
CA GLU C 52 -4.72 -7.85 12.18
C GLU C 52 -3.78 -6.72 12.53
N VAL C 53 -2.86 -6.36 11.64
CA VAL C 53 -1.89 -5.32 11.95
C VAL C 53 -2.41 -3.93 11.56
N ASN C 54 -3.27 -3.85 10.55
CA ASN C 54 -3.90 -2.60 10.17
C ASN C 54 -5.35 -2.50 10.63
N MET C 55 -5.89 -3.59 11.18
CA MET C 55 -7.26 -3.63 11.68
C MET C 55 -8.25 -3.28 10.58
N ASP C 56 -8.01 -3.78 9.38
CA ASP C 56 -8.88 -3.50 8.24
C ASP C 56 -9.21 -4.81 7.52
N TYR C 57 -10.05 -4.68 6.50
CA TYR C 57 -10.39 -5.79 5.63
C TYR C 57 -10.85 -5.22 4.29
N THR C 58 -10.35 -5.80 3.21
CA THR C 58 -10.64 -5.33 1.86
C THR C 58 -11.71 -6.20 1.24
N LEU C 59 -12.79 -5.59 0.77
CA LEU C 59 -13.86 -6.34 0.12
C LEU C 59 -14.26 -5.66 -1.18
N THR C 60 -14.48 -6.48 -2.20
CA THR C 60 -14.91 -6.03 -3.52
C THR C 60 -16.37 -6.39 -3.71
N MET C 61 -17.19 -5.40 -4.07
CA MET C 61 -18.63 -5.59 -4.13
C MET C 61 -19.18 -4.94 -5.38
N TYR C 62 -20.39 -5.37 -5.75
CA TYR C 62 -21.15 -4.77 -6.85
C TYR C 62 -22.26 -3.94 -6.19
N PHE C 63 -21.94 -2.70 -5.88
CA PHE C 63 -22.84 -1.85 -5.11
C PHE C 63 -23.84 -1.18 -6.04
N GLN C 64 -25.12 -1.54 -5.92
CA GLN C 64 -26.13 -1.05 -6.83
C GLN C 64 -27.20 -0.26 -6.08
N GLN C 65 -27.60 0.86 -6.65
CA GLN C 65 -28.65 1.68 -6.07
C GLN C 65 -29.74 1.88 -7.10
N ALA C 66 -30.97 2.02 -6.63
CA ALA C 66 -32.12 2.15 -7.52
C ALA C 66 -33.06 3.20 -6.94
N TRP C 67 -33.23 4.30 -7.66
CA TRP C 67 -34.19 5.30 -7.21
C TRP C 67 -35.21 5.56 -8.31
N ARG C 68 -36.07 6.53 -8.08
CA ARG C 68 -37.14 6.87 -9.03
C ARG C 68 -37.05 8.36 -9.36
N ASP C 69 -36.52 8.66 -10.53
CA ASP C 69 -36.39 10.04 -11.02
C ASP C 69 -37.50 10.27 -12.03
N LYS C 70 -38.41 11.19 -11.72
CA LYS C 70 -39.55 11.44 -12.60
C LYS C 70 -39.13 12.16 -13.88
N ARG C 71 -38.01 12.87 -13.88
CA ARG C 71 -37.61 13.61 -15.07
C ARG C 71 -37.04 12.69 -16.15
N LEU C 72 -36.55 11.52 -15.78
CA LEU C 72 -36.07 10.53 -16.75
C LEU C 72 -37.15 9.50 -17.04
N SER C 73 -38.31 9.98 -17.47
CA SER C 73 -39.45 9.14 -17.78
C SER C 73 -39.83 9.33 -19.24
N TYR C 74 -39.90 8.23 -19.98
CA TYR C 74 -40.21 8.25 -21.40
C TYR C 74 -41.29 7.22 -21.71
N ASN C 75 -42.18 7.56 -22.62
CA ASN C 75 -43.33 6.72 -22.97
C ASN C 75 -43.49 6.61 -24.47
N VAL C 76 -42.37 6.53 -25.19
CA VAL C 76 -42.38 6.32 -26.63
C VAL C 76 -41.88 4.93 -26.99
N ILE C 77 -40.75 4.53 -26.43
CA ILE C 77 -40.14 3.22 -26.68
C ILE C 77 -40.44 2.31 -25.51
N PRO C 78 -40.66 1.01 -25.74
CA PRO C 78 -40.98 0.08 -24.64
C PRO C 78 -39.81 -0.69 -24.07
N LEU C 79 -38.57 -0.37 -24.42
CA LEU C 79 -37.41 -1.14 -23.97
C LEU C 79 -36.70 -0.42 -22.84
N ASN C 80 -36.09 -1.21 -21.96
CA ASN C 80 -35.33 -0.69 -20.83
C ASN C 80 -33.98 -0.20 -21.33
N LEU C 81 -33.82 1.11 -21.43
CA LEU C 81 -32.60 1.68 -21.98
C LEU C 81 -31.40 1.37 -21.08
N THR C 82 -30.28 1.05 -21.70
CA THR C 82 -29.00 0.92 -21.01
C THR C 82 -28.01 1.83 -21.73
N LEU C 83 -27.59 2.89 -21.06
CA LEU C 83 -26.69 3.87 -21.64
C LEU C 83 -25.25 3.58 -21.24
N ASP C 84 -24.33 4.23 -21.94
CA ASP C 84 -22.91 4.11 -21.59
C ASP C 84 -22.68 4.62 -20.18
N ASN C 85 -21.59 4.15 -19.57
CA ASN C 85 -21.26 4.56 -18.21
C ASN C 85 -20.81 6.01 -18.13
N ARG C 86 -20.77 6.73 -19.24
CA ARG C 86 -20.38 8.13 -19.24
C ARG C 86 -21.56 9.08 -19.12
N VAL C 87 -22.79 8.58 -19.24
CA VAL C 87 -23.96 9.44 -19.05
C VAL C 87 -24.24 9.69 -17.58
N ALA C 88 -23.61 8.94 -16.68
CA ALA C 88 -23.78 9.17 -15.24
C ALA C 88 -23.19 10.50 -14.80
N ASP C 89 -22.36 11.14 -15.62
CA ASP C 89 -21.85 12.47 -15.33
C ASP C 89 -22.86 13.56 -15.64
N GLN C 90 -24.05 13.20 -16.12
CA GLN C 90 -25.08 14.15 -16.47
C GLN C 90 -26.41 13.90 -15.77
N LEU C 91 -26.49 12.87 -14.93
CA LEU C 91 -27.66 12.60 -14.11
C LEU C 91 -27.36 13.00 -12.67
N TRP C 92 -28.37 12.85 -11.82
CA TRP C 92 -28.21 12.98 -10.38
C TRP C 92 -28.06 11.60 -9.77
N VAL C 93 -27.00 11.41 -9.00
CA VAL C 93 -26.76 10.13 -8.32
C VAL C 93 -26.51 10.42 -6.84
N PRO C 94 -27.05 9.60 -5.93
CA PRO C 94 -27.00 9.94 -4.51
C PRO C 94 -25.58 9.97 -3.96
N ASP C 95 -25.36 10.86 -2.99
CA ASP C 95 -24.04 11.11 -2.44
C ASP C 95 -23.72 10.11 -1.33
N THR C 96 -23.69 8.84 -1.71
CA THR C 96 -23.48 7.77 -0.76
C THR C 96 -21.99 7.59 -0.46
N TYR C 97 -21.66 7.39 0.82
CA TYR C 97 -20.29 7.19 1.23
C TYR C 97 -20.24 6.13 2.32
N PHE C 98 -19.16 5.37 2.33
CA PHE C 98 -18.93 4.38 3.37
C PHE C 98 -18.19 5.04 4.52
N LEU C 99 -18.76 4.96 5.72
CA LEU C 99 -18.24 5.76 6.82
C LEU C 99 -16.89 5.25 7.31
N ASN C 100 -16.66 3.94 7.26
CA ASN C 100 -15.47 3.35 7.84
C ASN C 100 -14.49 2.85 6.79
N ASP C 101 -14.40 3.53 5.65
CA ASP C 101 -13.44 3.17 4.63
C ASP C 101 -12.16 3.98 4.77
N LYS C 102 -11.07 3.43 4.27
CA LYS C 102 -9.77 4.07 4.32
C LYS C 102 -9.19 4.34 2.95
N LYS C 103 -9.38 3.43 2.01
CA LYS C 103 -8.98 3.66 0.63
C LYS C 103 -9.86 2.78 -0.26
N SER C 104 -10.52 3.39 -1.23
CA SER C 104 -11.46 2.66 -2.07
C SER C 104 -11.43 3.24 -3.47
N PHE C 105 -11.92 2.45 -4.43
CA PHE C 105 -11.86 2.87 -5.82
C PHE C 105 -12.86 2.08 -6.64
N VAL C 106 -13.45 2.73 -7.64
CA VAL C 106 -14.23 2.05 -8.66
C VAL C 106 -13.26 1.53 -9.71
N HIS C 107 -13.30 0.24 -9.99
CA HIS C 107 -12.35 -0.37 -10.90
C HIS C 107 -12.45 0.27 -12.28
N GLY C 108 -11.31 0.60 -12.87
CA GLY C 108 -11.29 1.35 -14.10
C GLY C 108 -10.69 0.63 -15.28
N VAL C 109 -11.01 -0.65 -15.43
CA VAL C 109 -10.54 -1.46 -16.55
C VAL C 109 -11.68 -2.36 -16.99
N THR C 110 -11.98 -2.36 -18.30
CA THR C 110 -11.26 -1.56 -19.28
C THR C 110 -11.81 -0.14 -19.35
N VAL C 111 -12.97 0.08 -18.73
CA VAL C 111 -13.54 1.40 -18.55
C VAL C 111 -13.84 1.60 -17.07
N LYS C 112 -14.36 2.77 -16.73
CA LYS C 112 -14.85 3.00 -15.38
C LYS C 112 -16.02 2.07 -15.13
N ASN C 113 -15.85 1.12 -14.21
CA ASN C 113 -16.85 0.08 -14.03
C ASN C 113 -18.09 0.62 -13.33
N ARG C 114 -19.00 1.20 -14.09
CA ARG C 114 -20.31 1.55 -13.56
C ARG C 114 -21.36 1.29 -14.62
N MET C 115 -22.59 1.07 -14.15
CA MET C 115 -23.73 0.70 -14.96
C MET C 115 -24.85 1.69 -14.67
N ILE C 116 -25.42 2.26 -15.72
CA ILE C 116 -26.62 3.09 -15.59
C ILE C 116 -27.70 2.45 -16.45
N ARG C 117 -28.92 2.41 -15.93
CA ARG C 117 -29.97 1.66 -16.61
C ARG C 117 -31.31 2.31 -16.27
N LEU C 118 -31.87 3.03 -17.23
CA LEU C 118 -33.17 3.63 -17.03
C LEU C 118 -34.27 2.59 -17.17
N HIS C 119 -35.50 3.02 -16.91
CA HIS C 119 -36.69 2.19 -17.09
C HIS C 119 -37.79 3.08 -17.65
N PRO C 120 -38.75 2.51 -18.37
CA PRO C 120 -39.78 3.35 -19.01
C PRO C 120 -40.69 4.08 -18.04
N ASP C 121 -40.59 3.84 -16.74
CA ASP C 121 -41.40 4.55 -15.76
C ASP C 121 -40.58 5.55 -14.94
N GLY C 122 -39.31 5.74 -15.28
CA GLY C 122 -38.46 6.68 -14.58
C GLY C 122 -37.48 6.04 -13.62
N THR C 123 -37.73 4.81 -13.19
CA THR C 123 -36.83 4.14 -12.27
C THR C 123 -35.43 4.04 -12.87
N VAL C 124 -34.44 4.40 -12.07
CA VAL C 124 -33.04 4.37 -12.51
C VAL C 124 -32.28 3.40 -11.63
N LEU C 125 -31.45 2.57 -12.27
CA LEU C 125 -30.50 1.69 -11.61
C LEU C 125 -29.09 2.19 -11.89
N TYR C 126 -28.21 2.05 -10.90
CA TYR C 126 -26.88 2.65 -10.94
C TYR C 126 -25.97 1.76 -10.11
N GLY C 127 -25.15 0.97 -10.78
CA GLY C 127 -24.27 0.02 -10.12
C GLY C 127 -22.81 0.40 -10.29
N LEU C 128 -22.01 0.12 -9.28
CA LEU C 128 -20.57 0.32 -9.32
C LEU C 128 -19.90 -0.96 -8.87
N ARG C 129 -18.59 -1.07 -9.13
CA ARG C 129 -17.80 -2.21 -8.69
C ARG C 129 -16.71 -1.65 -7.78
N ILE C 130 -16.99 -1.66 -6.49
CA ILE C 130 -16.17 -0.94 -5.52
C ILE C 130 -15.26 -1.94 -4.82
N THR C 131 -14.11 -1.45 -4.33
CA THR C 131 -13.18 -2.27 -3.57
C THR C 131 -12.78 -1.47 -2.33
N THR C 132 -13.55 -1.61 -1.26
CA THR C 132 -13.34 -0.80 -0.07
C THR C 132 -12.45 -1.53 0.92
N THR C 133 -11.44 -0.82 1.44
CA THR C 133 -10.60 -1.32 2.53
C THR C 133 -11.17 -0.77 3.83
N ALA C 134 -12.24 -1.42 4.28
CA ALA C 134 -12.94 -0.92 5.46
C ALA C 134 -12.14 -1.22 6.72
N ALA C 135 -12.48 -0.52 7.80
CA ALA C 135 -11.81 -0.68 9.08
C ALA C 135 -12.52 -1.73 9.92
N CYS C 136 -11.74 -2.64 10.51
CA CYS C 136 -12.25 -3.77 11.30
C CYS C 136 -11.49 -3.78 12.62
N MET C 137 -11.97 -3.01 13.59
CA MET C 137 -11.33 -2.94 14.89
C MET C 137 -11.58 -4.23 15.66
N MET C 138 -10.50 -4.94 16.01
CA MET C 138 -10.59 -6.27 16.56
C MET C 138 -10.25 -6.26 18.05
N ASP C 139 -10.96 -7.08 18.80
CA ASP C 139 -10.64 -7.35 20.21
C ASP C 139 -9.87 -8.66 20.25
N LEU C 140 -8.55 -8.55 20.38
CA LEU C 140 -7.66 -9.71 20.33
C LEU C 140 -7.37 -10.29 21.70
N ARG C 141 -8.27 -10.14 22.67
CA ARG C 141 -8.06 -10.72 23.99
C ARG C 141 -8.24 -12.23 23.99
N ARG C 142 -8.67 -12.83 22.88
CA ARG C 142 -8.86 -14.27 22.79
C ARG C 142 -8.20 -14.84 21.54
N TYR C 143 -7.32 -14.08 20.91
CA TYR C 143 -6.65 -14.53 19.70
C TYR C 143 -5.86 -15.81 19.98
N PRO C 144 -5.95 -16.83 19.11
CA PRO C 144 -6.69 -16.92 17.85
C PRO C 144 -8.07 -17.55 17.96
N LEU C 145 -8.57 -17.72 19.17
CA LEU C 145 -9.89 -18.32 19.39
C LEU C 145 -10.97 -17.27 19.48
N ASP C 146 -11.06 -16.39 18.48
CA ASP C 146 -11.93 -15.22 18.55
C ASP C 146 -12.90 -15.20 17.37
N GLU C 147 -14.05 -14.57 17.59
CA GLU C 147 -15.03 -14.32 16.55
C GLU C 147 -15.13 -12.82 16.33
N GLN C 148 -14.72 -12.36 15.16
CA GLN C 148 -14.69 -10.94 14.87
C GLN C 148 -16.02 -10.47 14.30
N ASN C 149 -16.23 -9.16 14.36
CA ASN C 149 -17.48 -8.53 13.95
C ASN C 149 -17.11 -7.14 13.44
N CYS C 150 -17.02 -6.99 12.12
CA CYS C 150 -16.80 -5.67 11.54
C CYS C 150 -17.76 -5.41 10.40
N THR C 151 -18.25 -4.18 10.33
CA THR C 151 -19.41 -3.74 9.59
C THR C 151 -18.98 -3.01 8.33
N LEU C 152 -19.97 -2.48 7.62
CA LEU C 152 -19.72 -1.56 6.50
C LEU C 152 -20.85 -0.53 6.49
N GLU C 153 -20.60 0.62 7.13
CA GLU C 153 -21.62 1.64 7.29
C GLU C 153 -21.76 2.46 6.02
N ILE C 154 -22.95 2.43 5.42
CA ILE C 154 -23.25 3.07 4.15
C ILE C 154 -24.20 4.22 4.46
N GLU C 155 -23.69 5.45 4.44
CA GLU C 155 -24.46 6.61 4.85
C GLU C 155 -24.48 7.65 3.73
N SER C 156 -25.57 8.42 3.65
CA SER C 156 -25.64 9.52 2.69
C SER C 156 -25.03 10.77 3.32
N TYR C 157 -24.19 11.47 2.57
CA TYR C 157 -23.43 12.57 3.14
C TYR C 157 -24.26 13.86 3.17
N GLY C 158 -24.67 14.35 2.01
CA GLY C 158 -25.23 15.69 1.94
C GLY C 158 -26.66 15.81 2.39
N TYR C 159 -27.46 14.76 2.19
CA TYR C 159 -28.91 14.84 2.32
C TYR C 159 -29.37 14.29 3.66
N THR C 160 -30.13 15.09 4.40
CA THR C 160 -30.72 14.69 5.66
C THR C 160 -31.77 13.61 5.43
N THR C 161 -32.41 13.17 6.52
CA THR C 161 -33.44 12.15 6.39
C THR C 161 -34.71 12.67 5.74
N ASP C 162 -34.88 13.99 5.65
CA ASP C 162 -35.99 14.57 4.90
C ASP C 162 -35.62 14.86 3.46
N ASP C 163 -34.55 14.24 2.97
CA ASP C 163 -34.12 14.41 1.59
C ASP C 163 -33.72 13.10 0.92
N ILE C 164 -33.67 11.98 1.65
CA ILE C 164 -33.33 10.69 1.06
C ILE C 164 -33.72 9.62 2.07
N GLU C 165 -34.01 8.42 1.57
CA GLU C 165 -34.41 7.30 2.41
C GLU C 165 -33.75 6.05 1.88
N PHE C 166 -32.91 5.42 2.69
CA PHE C 166 -32.20 4.22 2.32
C PHE C 166 -32.98 3.00 2.79
N TYR C 167 -33.08 1.99 1.93
CA TYR C 167 -33.75 0.75 2.29
C TYR C 167 -33.18 -0.37 1.44
N TRP C 168 -32.97 -1.52 2.07
CA TRP C 168 -32.50 -2.69 1.33
C TRP C 168 -33.59 -3.19 0.39
N ARG C 169 -33.20 -3.56 -0.82
CA ARG C 169 -34.14 -4.04 -1.82
C ARG C 169 -34.30 -5.55 -1.66
N GLY C 170 -35.42 -5.95 -1.04
CA GLY C 170 -35.67 -7.33 -0.68
C GLY C 170 -35.57 -7.61 0.80
N ASP C 171 -34.65 -6.92 1.47
CA ASP C 171 -34.48 -6.90 2.92
C ASP C 171 -33.90 -8.20 3.48
N ASP C 172 -33.84 -9.24 2.65
CA ASP C 172 -33.05 -10.43 2.98
C ASP C 172 -32.23 -10.97 1.82
N ASN C 173 -32.65 -10.76 0.57
CA ASN C 173 -31.85 -11.11 -0.60
C ASN C 173 -31.10 -9.90 -1.14
N ALA C 174 -30.93 -8.86 -0.32
CA ALA C 174 -30.18 -7.70 -0.77
C ALA C 174 -28.70 -8.04 -0.92
N VAL C 175 -28.11 -8.66 0.09
CA VAL C 175 -26.70 -9.00 0.09
C VAL C 175 -26.57 -10.48 -0.28
N THR C 176 -26.03 -10.77 -1.45
CA THR C 176 -25.82 -12.13 -1.92
C THR C 176 -24.33 -12.43 -2.03
N GLY C 177 -24.03 -13.71 -2.24
CA GLY C 177 -22.65 -14.11 -2.43
C GLY C 177 -21.83 -14.20 -1.17
N VAL C 178 -22.48 -14.24 0.00
CA VAL C 178 -21.73 -14.36 1.25
C VAL C 178 -21.43 -15.82 1.57
N THR C 179 -22.36 -16.72 1.25
CA THR C 179 -22.14 -18.14 1.50
C THR C 179 -21.20 -18.77 0.48
N LYS C 180 -20.75 -18.02 -0.51
CA LYS C 180 -19.79 -18.51 -1.49
C LYS C 180 -18.38 -17.99 -1.23
N ILE C 181 -18.22 -17.07 -0.27
CA ILE C 181 -16.90 -16.57 0.08
C ILE C 181 -16.13 -17.65 0.82
N GLU C 182 -14.99 -18.07 0.28
CA GLU C 182 -14.13 -19.05 0.92
C GLU C 182 -12.82 -18.36 1.28
N LEU C 183 -12.63 -18.10 2.57
CA LEU C 183 -11.45 -17.46 3.10
C LEU C 183 -10.42 -18.49 3.54
N PRO C 184 -9.13 -18.16 3.43
CA PRO C 184 -8.10 -19.13 3.82
C PRO C 184 -7.99 -19.32 5.32
N GLN C 185 -8.29 -18.30 6.11
CA GLN C 185 -8.17 -18.41 7.57
C GLN C 185 -9.51 -18.29 8.28
N PHE C 186 -10.27 -17.23 8.02
CA PHE C 186 -11.52 -17.01 8.71
C PHE C 186 -12.62 -17.89 8.11
N SER C 187 -13.85 -17.69 8.56
CA SER C 187 -15.01 -18.40 8.03
C SER C 187 -16.25 -17.64 8.42
N ILE C 188 -16.99 -17.12 7.42
CA ILE C 188 -18.17 -16.31 7.72
C ILE C 188 -19.22 -17.17 8.41
N VAL C 189 -19.60 -16.76 9.61
CA VAL C 189 -20.61 -17.50 10.38
C VAL C 189 -22.00 -16.94 10.16
N ASP C 190 -22.14 -15.62 10.18
CA ASP C 190 -23.44 -14.99 10.04
C ASP C 190 -23.25 -13.58 9.52
N TYR C 191 -24.30 -13.04 8.90
CA TYR C 191 -24.31 -11.66 8.45
C TYR C 191 -25.68 -11.05 8.72
N LYS C 192 -25.70 -9.76 9.07
CA LYS C 192 -26.91 -9.07 9.44
C LYS C 192 -26.98 -7.71 8.75
N LEU C 193 -28.20 -7.30 8.41
CA LEU C 193 -28.47 -6.04 7.74
C LEU C 193 -29.26 -5.14 8.68
N ILE C 194 -28.74 -3.94 8.94
CA ILE C 194 -29.36 -3.01 9.87
C ILE C 194 -29.65 -1.71 9.14
N THR C 195 -30.67 -0.99 9.64
CA THR C 195 -31.07 0.29 9.08
C THR C 195 -31.31 1.27 10.22
N LYS C 196 -30.51 2.33 10.28
CA LYS C 196 -30.53 3.30 11.37
C LYS C 196 -30.66 4.70 10.80
N LYS C 197 -30.81 5.67 11.70
CA LYS C 197 -30.81 7.09 11.35
C LYS C 197 -29.89 7.79 12.36
N VAL C 198 -28.63 7.97 11.98
CA VAL C 198 -27.66 8.57 12.88
C VAL C 198 -27.89 10.07 12.95
N VAL C 199 -27.44 10.68 14.05
CA VAL C 199 -27.66 12.10 14.29
C VAL C 199 -26.30 12.78 14.44
N PHE C 200 -26.01 13.73 13.57
CA PHE C 200 -24.85 14.59 13.68
C PHE C 200 -25.32 16.02 13.96
N SER C 201 -24.36 16.89 14.25
CA SER C 201 -24.69 18.26 14.61
C SER C 201 -25.32 19.03 13.46
N THR C 202 -25.37 18.45 12.27
CA THR C 202 -26.00 19.10 11.13
C THR C 202 -27.32 18.45 10.71
N GLY C 203 -27.76 17.41 11.40
CA GLY C 203 -29.04 16.81 11.06
C GLY C 203 -29.09 15.35 11.46
N SER C 204 -30.04 14.65 10.84
CA SER C 204 -30.22 13.22 11.05
C SER C 204 -30.15 12.52 9.70
N TYR C 205 -29.09 11.77 9.48
CA TYR C 205 -28.84 11.14 8.19
C TYR C 205 -29.10 9.64 8.25
N PRO C 206 -29.59 9.05 7.16
CA PRO C 206 -29.84 7.61 7.17
C PRO C 206 -28.53 6.83 7.14
N ARG C 207 -28.61 5.56 7.51
CA ARG C 207 -27.43 4.72 7.50
C ARG C 207 -27.85 3.27 7.37
N LEU C 208 -27.16 2.52 6.52
CA LEU C 208 -27.33 1.08 6.44
C LEU C 208 -26.06 0.42 6.95
N SER C 209 -26.20 -0.76 7.54
CA SER C 209 -25.06 -1.52 8.02
C SER C 209 -25.14 -2.94 7.52
N LEU C 210 -24.05 -3.42 6.94
CA LEU C 210 -23.88 -4.83 6.60
C LEU C 210 -22.78 -5.34 7.52
N SER C 211 -23.11 -6.31 8.36
CA SER C 211 -22.22 -6.76 9.41
C SER C 211 -21.96 -8.26 9.28
N PHE C 212 -20.70 -8.66 9.26
CA PHE C 212 -20.34 -10.07 9.21
C PHE C 212 -19.94 -10.54 10.60
N LYS C 213 -19.71 -11.85 10.71
CA LYS C 213 -19.14 -12.42 11.93
C LYS C 213 -18.19 -13.52 11.51
N LEU C 214 -16.89 -13.21 11.52
CA LEU C 214 -15.86 -14.11 11.03
C LEU C 214 -15.27 -14.88 12.20
N LYS C 215 -15.31 -16.20 12.12
CA LYS C 215 -14.72 -17.07 13.13
C LYS C 215 -13.36 -17.56 12.62
N ARG C 216 -12.32 -17.32 13.40
CA ARG C 216 -10.97 -17.67 12.98
C ARG C 216 -10.72 -19.16 13.16
N ASN C 217 -10.12 -19.78 12.14
CA ASN C 217 -9.75 -21.18 12.23
C ASN C 217 -8.48 -21.35 13.06
N ILE C 218 -8.42 -22.44 13.82
CA ILE C 218 -7.33 -22.69 14.75
C ILE C 218 -6.41 -23.79 14.27
N GLY C 219 -6.61 -24.32 13.07
CA GLY C 219 -5.71 -25.35 12.58
C GLY C 219 -4.30 -24.86 12.34
N TYR C 220 -4.16 -23.68 11.73
CA TYR C 220 -2.84 -23.17 11.43
C TYR C 220 -2.05 -22.87 12.69
N PHE C 221 -2.71 -22.36 13.73
CA PHE C 221 -2.01 -22.04 14.96
C PHE C 221 -1.64 -23.30 15.74
N ILE C 222 -2.55 -24.28 15.75
CA ILE C 222 -2.22 -25.59 16.29
C ILE C 222 -1.00 -26.17 15.58
N LEU C 223 -0.85 -25.86 14.30
CA LEU C 223 0.29 -26.35 13.55
C LEU C 223 1.57 -25.59 13.88
N GLN C 224 1.48 -24.28 14.06
CA GLN C 224 2.67 -23.43 14.05
C GLN C 224 3.21 -23.08 15.43
N THR C 225 2.35 -22.75 16.40
CA THR C 225 2.82 -22.24 17.69
C THR C 225 2.39 -23.06 18.88
N TYR C 226 1.31 -23.85 18.78
CA TYR C 226 0.93 -24.68 19.92
C TYR C 226 1.72 -25.98 19.95
N MET C 227 1.85 -26.65 18.80
CA MET C 227 2.55 -27.93 18.77
C MET C 227 4.04 -27.79 19.06
N PRO C 228 4.77 -26.82 18.49
CA PRO C 228 6.19 -26.70 18.87
C PRO C 228 6.40 -26.40 20.34
N SER C 229 5.57 -25.55 20.94
CA SER C 229 5.72 -25.27 22.37
C SER C 229 5.41 -26.50 23.21
N ILE C 230 4.36 -27.24 22.85
CA ILE C 230 4.03 -28.45 23.61
C ILE C 230 5.17 -29.46 23.52
N LEU C 231 5.70 -29.68 22.32
CA LEU C 231 6.79 -30.65 22.18
C LEU C 231 8.07 -30.15 22.83
N ILE C 232 8.26 -28.84 22.91
CA ILE C 232 9.43 -28.30 23.61
C ILE C 232 9.31 -28.53 25.11
N THR C 233 8.10 -28.41 25.66
CA THR C 233 7.92 -28.74 27.07
C THR C 233 8.11 -30.23 27.32
N ILE C 234 7.59 -31.07 26.43
CA ILE C 234 7.82 -32.51 26.54
C ILE C 234 9.32 -32.81 26.53
N LEU C 235 10.06 -32.14 25.66
CA LEU C 235 11.51 -32.30 25.62
C LEU C 235 12.15 -31.86 26.93
N SER C 236 11.70 -30.74 27.48
CA SER C 236 12.24 -30.28 28.76
C SER C 236 12.04 -31.31 29.85
N TRP C 237 10.94 -32.05 29.80
CA TRP C 237 10.70 -33.05 30.85
C TRP C 237 11.71 -34.20 30.82
N VAL C 238 12.40 -34.40 29.70
CA VAL C 238 13.40 -35.48 29.62
C VAL C 238 14.51 -35.24 30.63
N SER C 239 14.76 -33.98 30.99
CA SER C 239 15.86 -33.61 31.87
C SER C 239 15.79 -34.30 33.24
N PHE C 240 14.71 -34.99 33.56
CA PHE C 240 14.59 -35.68 34.83
C PHE C 240 15.09 -37.12 34.78
N TRP C 241 15.01 -37.76 33.62
CA TRP C 241 15.47 -39.14 33.49
C TRP C 241 16.99 -39.22 33.39
N ILE C 242 17.66 -38.12 33.05
CA ILE C 242 19.11 -38.10 33.10
C ILE C 242 19.56 -38.15 34.56
N ASN C 243 20.67 -38.84 34.82
CA ASN C 243 21.20 -38.93 36.17
C ASN C 243 21.57 -37.54 36.69
N TYR C 244 21.35 -37.34 37.99
CA TYR C 244 21.60 -36.03 38.58
C TYR C 244 23.08 -35.71 38.70
N ASP C 245 23.97 -36.62 38.31
CA ASP C 245 25.39 -36.32 38.30
C ASP C 245 25.79 -35.53 37.06
N ALA C 246 25.04 -35.67 35.97
CA ALA C 246 25.34 -34.94 34.75
C ALA C 246 24.99 -33.47 34.94
N SER C 247 26.02 -32.61 34.91
CA SER C 247 25.84 -31.19 35.18
C SER C 247 25.72 -30.35 33.92
N ALA C 248 26.26 -30.82 32.80
CA ALA C 248 26.18 -30.06 31.55
C ALA C 248 25.01 -30.50 30.68
N ALA C 249 24.58 -31.76 30.78
CA ALA C 249 23.51 -32.24 29.92
C ALA C 249 22.18 -31.62 30.29
N ARG C 250 21.83 -31.63 31.58
CA ARG C 250 20.54 -31.09 31.99
C ARG C 250 20.49 -29.58 31.83
N VAL C 251 21.61 -28.90 32.06
CA VAL C 251 21.66 -27.46 31.83
C VAL C 251 21.51 -27.16 30.35
N ALA C 252 22.15 -27.95 29.49
CA ALA C 252 21.98 -27.77 28.05
C ALA C 252 20.51 -27.94 27.66
N LEU C 253 19.86 -28.98 28.20
CA LEU C 253 18.45 -29.21 27.92
C LEU C 253 17.61 -28.00 28.34
N GLY C 254 17.76 -27.56 29.59
CA GLY C 254 16.95 -26.44 30.07
C GLY C 254 17.20 -25.15 29.31
N ILE C 255 18.46 -24.87 29.00
CA ILE C 255 18.78 -23.63 28.31
C ILE C 255 18.24 -23.65 26.88
N THR C 256 18.46 -24.76 26.16
CA THR C 256 17.91 -24.87 24.82
C THR C 256 16.39 -24.76 24.84
N THR C 257 15.75 -25.29 25.89
CA THR C 257 14.31 -25.25 25.96
C THR C 257 13.81 -23.81 26.17
N VAL C 258 14.42 -23.09 27.11
CA VAL C 258 14.08 -21.69 27.31
C VAL C 258 14.29 -20.89 26.04
N LEU C 259 15.40 -21.14 25.35
CA LEU C 259 15.72 -20.38 24.15
C LEU C 259 14.75 -20.68 23.02
N THR C 260 14.31 -21.94 22.91
CA THR C 260 13.34 -22.25 21.87
C THR C 260 11.98 -21.63 22.16
N MET C 261 11.58 -21.61 23.43
CA MET C 261 10.32 -20.95 23.78
C MET C 261 10.38 -19.46 23.46
N THR C 262 11.48 -18.79 23.82
CA THR C 262 11.57 -17.37 23.51
C THR C 262 11.69 -17.13 22.01
N THR C 263 12.27 -18.08 21.26
CA THR C 263 12.32 -17.94 19.81
C THR C 263 10.91 -18.02 19.21
N ILE C 264 10.12 -18.99 19.65
CA ILE C 264 8.74 -19.08 19.22
C ILE C 264 8.00 -17.76 19.50
N ASN C 265 8.20 -17.22 20.71
CA ASN C 265 7.51 -15.97 21.06
C ASN C 265 7.93 -14.82 20.16
N THR C 266 9.25 -14.66 19.95
CA THR C 266 9.72 -13.54 19.13
C THR C 266 9.26 -13.68 17.69
N HIS C 267 9.22 -14.90 17.16
CA HIS C 267 8.69 -15.07 15.81
C HIS C 267 7.21 -14.72 15.76
N LEU C 268 6.45 -15.10 16.78
CA LEU C 268 5.02 -14.84 16.76
C LEU C 268 4.71 -13.34 16.89
N ARG C 269 5.46 -12.63 17.72
CA ARG C 269 5.11 -11.24 17.99
C ARG C 269 5.42 -10.33 16.81
N GLU C 270 6.39 -10.69 15.97
CA GLU C 270 6.74 -9.86 14.83
C GLU C 270 5.60 -9.74 13.82
N THR C 271 4.59 -10.60 13.92
CA THR C 271 3.44 -10.52 13.02
C THR C 271 2.34 -9.64 13.60
N LEU C 272 1.88 -9.94 14.82
CA LEU C 272 0.82 -9.17 15.44
C LEU C 272 1.27 -7.73 15.68
N PRO C 273 0.34 -6.79 15.81
CA PRO C 273 0.69 -5.40 16.06
C PRO C 273 1.06 -5.18 17.53
N LYS C 274 1.44 -3.94 17.84
CA LYS C 274 1.68 -3.55 19.23
C LYS C 274 0.35 -3.54 19.96
N ILE C 275 0.11 -4.56 20.78
CA ILE C 275 -1.18 -4.71 21.45
C ILE C 275 -0.95 -4.86 22.96
N PRO C 276 -1.64 -4.06 23.78
CA PRO C 276 -1.32 -4.04 25.22
C PRO C 276 -1.66 -5.31 25.99
N TYR C 277 -2.89 -5.80 25.89
CA TYR C 277 -3.34 -6.86 26.76
C TYR C 277 -2.67 -8.19 26.43
N VAL C 278 -3.00 -9.21 27.20
CA VAL C 278 -2.41 -10.54 27.08
C VAL C 278 -3.34 -11.41 26.27
N LYS C 279 -2.94 -11.74 25.05
CA LYS C 279 -3.74 -12.60 24.19
C LYS C 279 -3.75 -14.02 24.74
N ALA C 280 -4.50 -14.90 24.08
CA ALA C 280 -4.57 -16.29 24.53
C ALA C 280 -3.29 -17.04 24.19
N ILE C 281 -2.74 -16.82 22.99
CA ILE C 281 -1.51 -17.51 22.63
C ILE C 281 -0.35 -17.01 23.46
N ASP C 282 -0.35 -15.74 23.86
CA ASP C 282 0.65 -15.25 24.79
C ASP C 282 0.50 -15.93 26.15
N MET C 283 -0.73 -16.19 26.57
CA MET C 283 -0.93 -16.90 27.83
C MET C 283 -0.40 -18.32 27.74
N TYR C 284 -0.61 -18.99 26.62
CA TYR C 284 -0.07 -20.34 26.46
C TYR C 284 1.45 -20.34 26.48
N LEU C 285 2.06 -19.39 25.78
CA LEU C 285 3.53 -19.31 25.77
C LEU C 285 4.07 -18.98 27.15
N MET C 286 3.40 -18.11 27.90
CA MET C 286 3.84 -17.81 29.25
C MET C 286 3.71 -19.01 30.16
N GLY C 287 2.65 -19.81 30.01
CA GLY C 287 2.53 -21.02 30.81
C GLY C 287 3.60 -22.04 30.49
N CYS C 288 3.87 -22.24 29.20
CA CYS C 288 4.92 -23.18 28.82
C CYS C 288 6.28 -22.71 29.30
N PHE C 289 6.55 -21.40 29.23
CA PHE C 289 7.82 -20.90 29.72
C PHE C 289 7.92 -21.00 31.23
N VAL C 290 6.81 -20.83 31.95
CA VAL C 290 6.84 -21.04 33.39
C VAL C 290 7.18 -22.48 33.72
N PHE C 291 6.59 -23.43 32.99
CA PHE C 291 6.92 -24.83 33.22
C PHE C 291 8.39 -25.13 32.94
N VAL C 292 8.92 -24.54 31.86
CA VAL C 292 10.33 -24.77 31.53
C VAL C 292 11.24 -24.18 32.60
N PHE C 293 10.96 -22.94 33.00
CA PHE C 293 11.76 -22.31 34.05
C PHE C 293 11.68 -23.09 35.35
N MET C 294 10.51 -23.67 35.65
CA MET C 294 10.38 -24.47 36.86
C MET C 294 11.20 -25.75 36.76
N ALA C 295 11.27 -26.36 35.58
CA ALA C 295 12.14 -27.51 35.41
C ALA C 295 13.61 -27.13 35.65
N LEU C 296 14.02 -25.97 35.12
CA LEU C 296 15.41 -25.55 35.30
C LEU C 296 15.71 -25.25 36.77
N LEU C 297 14.80 -24.56 37.45
CA LEU C 297 14.99 -24.31 38.88
C LEU C 297 15.00 -25.61 39.68
N GLU C 298 14.20 -26.60 39.26
CA GLU C 298 14.23 -27.89 39.93
C GLU C 298 15.59 -28.54 39.80
N TYR C 299 16.18 -28.49 38.61
CA TYR C 299 17.52 -29.06 38.47
C TYR C 299 18.53 -28.30 39.32
N ALA C 300 18.43 -26.97 39.37
CA ALA C 300 19.36 -26.21 40.20
C ALA C 300 19.22 -26.59 41.67
N LEU C 301 18.00 -26.79 42.14
CA LEU C 301 17.77 -27.20 43.51
C LEU C 301 18.34 -28.59 43.78
N VAL C 302 18.19 -29.50 42.81
CA VAL C 302 18.76 -30.84 42.96
C VAL C 302 20.28 -30.78 43.03
N ASN C 303 20.89 -29.98 42.16
CA ASN C 303 22.34 -29.86 42.16
C ASN C 303 22.85 -29.17 43.41
N TYR C 304 22.01 -28.35 44.06
CA TYR C 304 22.43 -27.71 45.30
C TYR C 304 22.54 -28.72 46.43
N ILE C 305 21.53 -29.58 46.60
CA ILE C 305 21.48 -30.52 47.71
C ILE C 305 21.93 -31.92 47.31
N PHE C 306 22.62 -32.05 46.17
CA PHE C 306 23.08 -33.37 45.73
C PHE C 306 24.22 -33.87 46.62
N PHE C 307 25.26 -33.05 46.82
CA PHE C 307 26.41 -33.49 47.59
C PHE C 307 26.06 -33.80 49.03
N SER C 308 25.09 -33.08 49.59
CA SER C 308 24.74 -33.26 50.99
C SER C 308 23.90 -34.52 51.21
N GLN C 309 22.90 -34.76 50.37
CA GLN C 309 21.98 -35.87 50.58
C GLN C 309 21.34 -36.33 49.27
N PRO C 310 21.89 -37.36 48.62
CA PRO C 310 21.32 -37.79 47.33
C PRO C 310 19.96 -38.46 47.44
N ALA C 311 19.57 -38.92 48.63
CA ALA C 311 18.27 -39.57 48.77
C ALA C 311 17.13 -38.58 48.48
N ARG C 312 17.21 -37.38 49.09
CA ARG C 312 16.20 -36.37 48.82
C ARG C 312 16.26 -35.90 47.37
N ALA C 313 17.45 -35.90 46.76
CA ALA C 313 17.56 -35.56 45.35
C ALA C 313 16.79 -36.54 44.48
N ALA C 314 17.00 -37.85 44.71
CA ALA C 314 16.28 -38.85 43.94
C ALA C 314 14.78 -38.77 44.21
N ALA C 315 14.39 -38.49 45.45
CA ALA C 315 12.97 -38.35 45.77
C ALA C 315 12.35 -37.18 45.01
N ILE C 316 13.07 -36.05 44.95
CA ILE C 316 12.57 -34.89 44.23
C ILE C 316 12.48 -35.19 42.74
N ASP C 317 13.45 -35.92 42.20
CA ASP C 317 13.40 -36.28 40.79
C ASP C 317 12.20 -37.18 40.49
N ARG C 318 11.92 -38.15 41.36
CA ARG C 318 10.75 -39.00 41.17
C ARG C 318 9.47 -38.19 41.23
N TRP C 319 9.34 -37.34 42.26
CA TRP C 319 8.15 -36.51 42.38
C TRP C 319 7.98 -35.62 41.16
N SER C 320 9.08 -35.10 40.61
CA SER C 320 9.00 -34.26 39.44
C SER C 320 8.52 -35.06 38.23
N ARG C 321 9.15 -36.20 37.98
CA ARG C 321 8.69 -37.08 36.91
C ARG C 321 7.21 -37.39 37.01
N ILE C 322 6.69 -37.49 38.24
CA ILE C 322 5.29 -37.88 38.40
C ILE C 322 4.36 -36.69 38.26
N PHE C 323 4.76 -35.53 38.79
CA PHE C 323 3.83 -34.42 38.98
C PHE C 323 4.09 -33.21 38.10
N PHE C 324 5.04 -33.27 37.18
CA PHE C 324 5.06 -32.18 36.19
C PHE C 324 4.07 -32.45 35.06
N PRO C 325 4.03 -33.65 34.48
CA PRO C 325 3.00 -33.91 33.45
C PRO C 325 1.58 -33.74 33.96
N VAL C 326 1.33 -34.04 35.24
CA VAL C 326 -0.02 -33.88 35.78
C VAL C 326 -0.41 -32.41 35.81
N VAL C 327 0.46 -31.55 36.35
CA VAL C 327 0.16 -30.13 36.41
C VAL C 327 0.07 -29.53 35.01
N PHE C 328 0.92 -30.00 34.08
CA PHE C 328 0.84 -29.47 32.73
C PHE C 328 -0.46 -29.89 32.04
N SER C 329 -0.91 -31.13 32.26
CA SER C 329 -2.17 -31.55 31.67
C SER C 329 -3.34 -30.80 32.29
N PHE C 330 -3.29 -30.53 33.59
CA PHE C 330 -4.36 -29.76 34.22
C PHE C 330 -4.40 -28.33 33.69
N PHE C 331 -3.23 -27.70 33.55
CA PHE C 331 -3.18 -26.37 32.96
C PHE C 331 -3.69 -26.37 31.54
N ASN C 332 -3.30 -27.40 30.76
CA ASN C 332 -3.76 -27.50 29.39
C ASN C 332 -5.27 -27.63 29.31
N ILE C 333 -5.86 -28.43 30.20
CA ILE C 333 -7.31 -28.63 30.18
C ILE C 333 -8.03 -27.36 30.61
N VAL C 334 -7.57 -26.71 31.68
CA VAL C 334 -8.26 -25.49 32.11
C VAL C 334 -8.11 -24.40 31.06
N TYR C 335 -6.98 -24.35 30.35
CA TYR C 335 -6.81 -23.40 29.27
C TYR C 335 -7.79 -23.69 28.14
N TRP C 336 -7.76 -24.91 27.61
CA TRP C 336 -8.61 -25.26 26.48
C TRP C 336 -10.08 -25.33 26.84
N LEU C 337 -10.44 -25.22 28.12
CA LEU C 337 -11.84 -25.12 28.48
C LEU C 337 -12.28 -23.69 28.80
N TYR C 338 -11.35 -22.83 29.20
CA TYR C 338 -11.72 -21.43 29.45
C TYR C 338 -11.83 -20.65 28.16
N TYR C 339 -11.03 -20.98 27.14
CA TYR C 339 -11.04 -20.22 25.89
C TYR C 339 -11.99 -20.81 24.86
N VAL C 340 -12.04 -22.12 24.73
CA VAL C 340 -13.00 -22.75 23.83
C VAL C 340 -14.41 -22.64 24.40
N ASP D 10 -43.91 21.61 -9.86
CA ASP D 10 -42.74 21.71 -10.71
C ASP D 10 -41.73 22.70 -10.11
N ASN D 11 -41.36 22.46 -8.85
CA ASN D 11 -40.41 23.33 -8.17
C ASN D 11 -39.01 23.24 -8.77
N THR D 12 -38.73 22.22 -9.58
CA THR D 12 -37.42 22.11 -10.21
C THR D 12 -37.13 23.34 -11.07
N THR D 13 -38.12 23.82 -11.82
CA THR D 13 -37.88 24.96 -12.71
C THR D 13 -37.63 26.24 -11.92
N VAL D 14 -38.43 26.50 -10.88
CA VAL D 14 -38.23 27.72 -10.11
C VAL D 14 -36.91 27.68 -9.36
N PHE D 15 -36.52 26.51 -8.87
CA PHE D 15 -35.22 26.41 -8.19
C PHE D 15 -34.06 26.54 -9.17
N THR D 16 -34.23 26.03 -10.40
CA THR D 16 -33.23 26.26 -11.43
C THR D 16 -33.08 27.75 -11.73
N ARG D 17 -34.21 28.47 -11.82
CA ARG D 17 -34.13 29.90 -12.07
C ARG D 17 -33.47 30.63 -10.91
N ILE D 18 -33.76 30.20 -9.68
CA ILE D 18 -33.11 30.81 -8.51
C ILE D 18 -31.60 30.61 -8.58
N LEU D 19 -31.17 29.38 -8.85
CA LEU D 19 -29.73 29.10 -8.91
C LEU D 19 -29.07 29.89 -10.04
N ASP D 20 -29.71 29.96 -11.20
CA ASP D 20 -29.11 30.68 -12.32
C ASP D 20 -29.09 32.18 -12.10
N ARG D 21 -30.01 32.70 -11.29
CA ARG D 21 -29.92 34.11 -10.90
C ARG D 21 -28.81 34.31 -9.88
N LEU D 22 -28.60 33.34 -9.00
CA LEU D 22 -27.50 33.43 -8.03
C LEU D 22 -26.15 33.46 -8.72
N LEU D 23 -25.93 32.54 -9.66
CA LEU D 23 -24.62 32.44 -10.31
C LEU D 23 -24.44 33.40 -11.47
N ASP D 24 -25.48 34.10 -11.89
CA ASP D 24 -25.34 35.09 -12.96
C ASP D 24 -24.62 36.32 -12.43
N GLY D 25 -23.39 36.53 -12.89
CA GLY D 25 -22.60 37.64 -12.40
C GLY D 25 -21.92 37.36 -11.09
N TYR D 26 -21.40 36.15 -10.92
CA TYR D 26 -20.69 35.76 -9.71
C TYR D 26 -19.22 35.53 -10.06
N ASP D 27 -18.34 36.06 -9.23
CA ASP D 27 -16.89 35.92 -9.42
C ASP D 27 -16.34 35.12 -8.26
N ASN D 28 -15.94 33.87 -8.54
CA ASN D 28 -15.43 33.00 -7.49
C ASN D 28 -13.96 33.27 -7.15
N ARG D 29 -13.38 34.34 -7.68
CA ARG D 29 -12.02 34.73 -7.34
C ARG D 29 -11.98 35.85 -6.31
N LEU D 30 -13.14 36.34 -5.88
CA LEU D 30 -13.23 37.46 -4.95
C LEU D 30 -13.93 36.99 -3.69
N ARG D 31 -13.29 37.18 -2.55
CA ARG D 31 -13.91 36.80 -1.29
C ARG D 31 -15.10 37.70 -1.00
N PRO D 32 -16.08 37.22 -0.22
CA PRO D 32 -17.24 38.06 0.13
C PRO D 32 -16.81 39.25 0.97
N GLY D 33 -17.22 40.44 0.55
CA GLY D 33 -16.81 41.64 1.22
C GLY D 33 -15.34 41.93 0.96
N LEU D 34 -14.99 42.15 -0.30
CA LEU D 34 -13.59 42.38 -0.64
C LEU D 34 -13.12 43.75 -0.20
N GLY D 35 -14.01 44.74 -0.18
CA GLY D 35 -13.61 46.09 0.14
C GLY D 35 -13.79 46.49 1.60
N GLU D 36 -14.97 46.24 2.15
CA GLU D 36 -15.37 46.84 3.42
C GLU D 36 -15.62 45.82 4.52
N ARG D 37 -15.00 44.65 4.45
CA ARG D 37 -15.23 43.64 5.47
C ARG D 37 -14.06 42.68 5.53
N VAL D 38 -13.89 42.06 6.69
CA VAL D 38 -12.96 40.95 6.87
C VAL D 38 -13.78 39.68 7.02
N THR D 39 -13.54 38.71 6.15
CA THR D 39 -14.35 37.50 6.14
C THR D 39 -14.17 36.73 7.43
N GLU D 40 -15.27 36.19 7.95
CA GLU D 40 -15.29 35.48 9.23
C GLU D 40 -15.65 34.03 8.93
N VAL D 41 -14.65 33.15 8.90
CA VAL D 41 -14.88 31.74 8.61
C VAL D 41 -15.00 31.00 9.93
N LYS D 42 -16.22 30.56 10.24
CA LYS D 42 -16.51 29.89 11.49
C LYS D 42 -16.38 28.39 11.28
N THR D 43 -15.25 27.83 11.72
CA THR D 43 -14.92 26.43 11.50
C THR D 43 -15.42 25.55 12.63
N ASP D 44 -15.21 24.25 12.47
CA ASP D 44 -15.67 23.22 13.39
C ASP D 44 -15.11 21.90 12.91
N ILE D 45 -14.95 20.94 13.81
CA ILE D 45 -14.37 19.64 13.47
C ILE D 45 -15.14 18.56 14.22
N PHE D 46 -15.36 17.43 13.55
CA PHE D 46 -15.95 16.25 14.17
C PHE D 46 -15.04 15.08 13.83
N VAL D 47 -14.23 14.65 14.81
CA VAL D 47 -13.25 13.59 14.60
C VAL D 47 -13.99 12.26 14.67
N THR D 48 -14.26 11.65 13.52
CA THR D 48 -15.01 10.39 13.52
C THR D 48 -14.16 9.23 14.03
N SER D 49 -12.84 9.30 13.87
CA SER D 49 -11.97 8.22 14.33
C SER D 49 -10.53 8.72 14.37
N PHE D 50 -9.91 8.67 15.54
CA PHE D 50 -8.51 9.05 15.67
C PHE D 50 -7.65 7.88 15.20
N GLY D 51 -7.03 8.03 14.03
CA GLY D 51 -6.31 6.95 13.42
C GLY D 51 -5.09 6.55 14.23
N PRO D 52 -4.41 5.50 13.75
CA PRO D 52 -3.26 4.97 14.50
C PRO D 52 -2.08 5.92 14.46
N VAL D 53 -1.57 6.28 15.64
CA VAL D 53 -0.45 7.21 15.76
C VAL D 53 0.82 6.44 15.41
N SER D 54 1.34 6.67 14.21
CA SER D 54 2.58 6.02 13.77
C SER D 54 3.75 6.64 14.53
N ASP D 55 4.42 5.83 15.36
CA ASP D 55 5.55 6.32 16.12
C ASP D 55 6.82 6.39 15.29
N HIS D 56 6.93 5.55 14.26
CA HIS D 56 8.13 5.55 13.43
C HIS D 56 8.26 6.86 12.66
N ASP D 57 7.20 7.27 11.97
CA ASP D 57 7.22 8.49 11.18
C ASP D 57 6.94 9.74 12.00
N MET D 58 6.65 9.60 13.29
CA MET D 58 6.26 10.72 14.14
C MET D 58 5.04 11.44 13.57
N GLU D 59 4.15 10.70 12.94
CA GLU D 59 2.92 11.23 12.37
C GLU D 59 1.73 10.63 13.10
N TYR D 60 0.54 11.07 12.70
CA TYR D 60 -0.69 10.46 13.18
C TYR D 60 -1.80 10.74 12.19
N THR D 61 -2.71 9.78 12.05
CA THR D 61 -3.83 9.87 11.13
C THR D 61 -5.09 10.23 11.90
N ILE D 62 -5.95 11.02 11.29
CA ILE D 62 -7.20 11.44 11.93
C ILE D 62 -8.24 11.68 10.86
N ASP D 63 -9.42 11.09 11.04
CA ASP D 63 -10.51 11.18 10.07
C ASP D 63 -11.49 12.23 10.59
N VAL D 64 -11.64 13.33 9.87
CA VAL D 64 -12.40 14.47 10.37
C VAL D 64 -13.55 14.80 9.43
N PHE D 65 -14.53 15.50 9.98
CA PHE D 65 -15.60 16.18 9.23
C PHE D 65 -15.32 17.67 9.35
N PHE D 66 -14.50 18.20 8.46
CA PHE D 66 -14.08 19.59 8.57
C PHE D 66 -15.20 20.50 8.07
N ARG D 67 -15.82 21.22 8.99
CA ARG D 67 -16.95 22.10 8.70
C ARG D 67 -16.51 23.56 8.68
N GLN D 68 -16.99 24.31 7.70
CA GLN D 68 -16.76 25.75 7.65
C GLN D 68 -18.06 26.45 7.34
N SER D 69 -18.14 27.73 7.70
CA SER D 69 -19.37 28.49 7.47
C SER D 69 -19.03 29.97 7.47
N TRP D 70 -19.15 30.62 6.32
CA TRP D 70 -18.97 32.04 6.18
C TRP D 70 -20.29 32.66 5.75
N LYS D 71 -20.30 33.99 5.60
CA LYS D 71 -21.50 34.71 5.21
C LYS D 71 -21.23 35.42 3.89
N ASP D 72 -21.87 34.93 2.83
CA ASP D 72 -21.74 35.49 1.49
C ASP D 72 -23.00 36.29 1.18
N GLU D 73 -22.85 37.60 1.01
CA GLU D 73 -23.99 38.46 0.72
C GLU D 73 -24.43 38.38 -0.73
N ARG D 74 -23.65 37.76 -1.61
CA ARG D 74 -24.00 37.62 -3.01
C ARG D 74 -24.84 36.39 -3.28
N LEU D 75 -25.27 35.68 -2.25
CA LEU D 75 -26.04 34.45 -2.37
C LEU D 75 -27.31 34.54 -1.53
N LYS D 76 -28.01 35.67 -1.63
CA LYS D 76 -29.32 35.84 -1.03
C LYS D 76 -30.38 35.48 -2.05
N PHE D 77 -31.39 34.72 -1.62
CA PHE D 77 -32.50 34.38 -2.49
C PHE D 77 -33.80 34.50 -1.72
N LYS D 78 -34.91 34.26 -2.42
CA LYS D 78 -36.25 34.33 -1.83
C LYS D 78 -37.13 33.36 -2.59
N GLY D 79 -37.35 32.19 -2.01
CA GLY D 79 -38.16 31.17 -2.64
C GLY D 79 -39.01 30.42 -1.65
N PRO D 80 -39.55 29.27 -2.07
CA PRO D 80 -40.39 28.49 -1.14
C PRO D 80 -39.59 27.87 0.00
N MET D 81 -38.39 27.38 -0.27
CA MET D 81 -37.56 26.76 0.75
C MET D 81 -36.66 27.80 1.41
N THR D 82 -36.26 27.51 2.64
CA THR D 82 -35.36 28.39 3.40
C THR D 82 -33.90 28.04 3.15
N VAL D 83 -33.53 26.78 3.33
CA VAL D 83 -32.15 26.32 3.19
C VAL D 83 -32.05 25.49 1.93
N LEU D 84 -31.12 25.86 1.05
CA LEU D 84 -30.86 25.09 -0.17
C LEU D 84 -29.77 24.07 0.14
N ARG D 85 -30.18 22.82 0.32
CA ARG D 85 -29.23 21.72 0.46
C ARG D 85 -28.79 21.31 -0.95
N LEU D 86 -27.76 21.96 -1.45
CA LEU D 86 -27.34 21.75 -2.83
C LEU D 86 -26.38 20.56 -2.93
N ASN D 87 -26.00 20.26 -4.17
CA ASN D 87 -25.08 19.19 -4.47
C ASN D 87 -23.64 19.64 -4.26
N ASN D 88 -22.73 18.68 -4.17
CA ASN D 88 -21.34 19.00 -3.89
C ASN D 88 -20.62 19.64 -5.06
N LEU D 89 -21.25 19.72 -6.23
CA LEU D 89 -20.61 20.34 -7.38
C LEU D 89 -20.90 21.83 -7.47
N MET D 90 -21.85 22.34 -6.71
CA MET D 90 -22.07 23.77 -6.63
C MET D 90 -20.95 24.48 -5.89
N ALA D 91 -20.22 23.77 -5.03
CA ALA D 91 -19.15 24.36 -4.24
C ALA D 91 -17.98 24.85 -5.08
N SER D 92 -17.92 24.49 -6.36
CA SER D 92 -16.83 24.93 -7.24
C SER D 92 -17.19 26.17 -8.03
N LYS D 93 -18.44 26.61 -8.02
CA LYS D 93 -18.85 27.83 -8.70
C LYS D 93 -18.97 29.02 -7.74
N ILE D 94 -18.75 28.81 -6.46
CA ILE D 94 -18.74 29.91 -5.49
C ILE D 94 -17.36 29.99 -4.86
N TRP D 95 -17.14 30.99 -4.00
CA TRP D 95 -15.87 31.13 -3.31
C TRP D 95 -15.87 30.30 -2.04
N THR D 96 -14.85 29.45 -1.89
CA THR D 96 -14.70 28.61 -0.71
C THR D 96 -13.28 28.78 -0.18
N PRO D 97 -13.10 29.02 1.11
CA PRO D 97 -11.77 29.34 1.63
C PRO D 97 -10.80 28.18 1.48
N ASP D 98 -9.54 28.52 1.25
CA ASP D 98 -8.50 27.52 0.95
C ASP D 98 -7.75 27.14 2.22
N THR D 99 -8.50 26.66 3.20
CA THR D 99 -7.91 26.25 4.48
C THR D 99 -6.94 25.11 4.26
N PHE D 100 -5.68 25.31 4.65
CA PHE D 100 -4.68 24.26 4.56
C PHE D 100 -4.13 23.96 5.94
N PHE D 101 -3.70 22.72 6.14
CA PHE D 101 -3.20 22.27 7.43
C PHE D 101 -1.70 22.51 7.49
N HIS D 102 -1.27 23.28 8.50
CA HIS D 102 0.10 23.77 8.53
C HIS D 102 1.12 22.64 8.61
N ASN D 103 0.74 21.49 9.15
CA ASN D 103 1.68 20.39 9.31
C ASN D 103 1.23 19.10 8.63
N GLY D 104 0.10 19.10 7.93
CA GLY D 104 -0.34 17.88 7.27
C GLY D 104 0.66 17.44 6.22
N LYS D 105 0.88 16.12 6.15
CA LYS D 105 1.83 15.55 5.20
C LYS D 105 1.17 15.10 3.92
N LYS D 106 0.26 14.12 4.00
CA LYS D 106 -0.46 13.61 2.83
C LYS D 106 -1.90 13.39 3.24
N SER D 107 -2.72 14.43 3.09
CA SER D 107 -4.13 14.34 3.39
C SER D 107 -4.89 13.99 2.11
N VAL D 108 -5.92 13.16 2.26
CA VAL D 108 -6.76 12.77 1.14
C VAL D 108 -8.19 13.18 1.43
N ALA D 109 -8.89 13.64 0.40
CA ALA D 109 -10.32 13.91 0.48
C ALA D 109 -11.03 12.80 -0.27
N HIS D 110 -11.98 12.15 0.40
CA HIS D 110 -12.51 10.89 -0.10
C HIS D 110 -13.45 11.12 -1.27
N ASN D 111 -13.43 10.19 -2.22
CA ASN D 111 -14.23 10.28 -3.44
C ASN D 111 -15.04 9.02 -3.64
N MET D 112 -15.70 8.57 -2.57
CA MET D 112 -16.55 7.39 -2.60
C MET D 112 -17.91 7.73 -2.04
N THR D 113 -18.95 7.61 -2.86
CA THR D 113 -18.84 7.23 -4.27
C THR D 113 -18.80 8.49 -5.11
N MET D 114 -19.30 9.57 -4.53
CA MET D 114 -19.26 10.91 -5.07
C MET D 114 -18.42 11.78 -4.14
N PRO D 115 -17.96 12.95 -4.59
CA PRO D 115 -17.15 13.80 -3.71
C PRO D 115 -17.83 14.07 -2.38
N ASN D 116 -17.17 13.68 -1.30
CA ASN D 116 -17.73 13.79 0.05
C ASN D 116 -17.64 15.25 0.49
N LYS D 117 -18.59 16.05 -0.02
CA LYS D 117 -18.72 17.43 0.37
C LYS D 117 -20.19 17.74 0.62
N LEU D 118 -20.46 18.95 1.07
CA LEU D 118 -21.80 19.37 1.43
C LEU D 118 -21.88 20.87 1.28
N LEU D 119 -23.06 21.36 0.94
CA LEU D 119 -23.28 22.80 0.78
C LEU D 119 -24.73 23.10 1.10
N ARG D 120 -24.97 23.91 2.13
CA ARG D 120 -26.30 24.38 2.48
C ARG D 120 -26.29 25.89 2.45
N ILE D 121 -26.96 26.48 1.47
CA ILE D 121 -27.03 27.92 1.33
C ILE D 121 -28.31 28.38 2.02
N THR D 122 -28.17 28.98 3.20
CA THR D 122 -29.31 29.57 3.89
C THR D 122 -29.79 30.79 3.11
N GLU D 123 -31.04 31.19 3.37
CA GLU D 123 -31.66 32.27 2.60
C GLU D 123 -31.00 33.62 2.83
N ASP D 124 -30.32 33.81 3.96
CA ASP D 124 -29.68 35.09 4.25
C ASP D 124 -28.21 35.11 3.87
N GLY D 125 -27.73 34.09 3.15
CA GLY D 125 -26.36 34.05 2.68
C GLY D 125 -25.43 33.19 3.50
N THR D 126 -25.85 32.75 4.69
CA THR D 126 -24.98 31.99 5.58
C THR D 126 -24.73 30.62 4.98
N LEU D 127 -23.51 30.37 4.52
CA LEU D 127 -23.16 29.11 3.88
C LEU D 127 -22.70 28.09 4.91
N LEU D 128 -22.65 26.83 4.47
CA LEU D 128 -22.14 25.74 5.30
C LEU D 128 -21.49 24.74 4.36
N TYR D 129 -20.23 24.41 4.61
CA TYR D 129 -19.42 23.66 3.66
C TYR D 129 -18.58 22.67 4.46
N THR D 130 -18.97 21.41 4.44
CA THR D 130 -18.25 20.38 5.19
C THR D 130 -17.55 19.44 4.20
N MET D 131 -16.41 18.93 4.63
CA MET D 131 -15.69 17.92 3.88
C MET D 131 -15.36 16.77 4.81
N ARG D 132 -15.07 15.62 4.23
CA ARG D 132 -14.65 14.45 5.00
C ARG D 132 -13.19 14.19 4.65
N LEU D 133 -12.29 14.47 5.58
CA LEU D 133 -10.87 14.39 5.31
C LEU D 133 -10.23 13.28 6.12
N THR D 134 -9.02 12.90 5.71
CA THR D 134 -8.20 11.92 6.41
C THR D 134 -6.81 12.55 6.51
N VAL D 135 -6.60 13.32 7.56
CA VAL D 135 -5.41 14.14 7.72
C VAL D 135 -4.32 13.30 8.36
N ARG D 136 -3.13 13.31 7.76
CA ARG D 136 -1.97 12.62 8.32
C ARG D 136 -0.99 13.70 8.73
N ALA D 137 -1.10 14.13 9.98
CA ALA D 137 -0.32 15.26 10.46
C ALA D 137 0.96 14.79 11.15
N GLU D 138 1.81 15.74 11.48
CA GLU D 138 3.06 15.47 12.18
C GLU D 138 2.88 15.73 13.66
N CYS D 139 3.37 14.81 14.48
CA CYS D 139 3.29 14.92 15.94
C CYS D 139 4.70 14.78 16.49
N PRO D 140 5.43 15.89 16.64
CA PRO D 140 6.81 15.78 17.15
C PRO D 140 6.83 15.23 18.56
N MET D 141 7.66 14.21 18.78
CA MET D 141 7.70 13.48 20.03
C MET D 141 9.08 13.57 20.66
N HIS D 142 9.10 13.69 21.98
CA HIS D 142 10.33 13.64 22.76
C HIS D 142 10.31 12.31 23.52
N LEU D 143 10.94 11.29 22.93
CA LEU D 143 10.91 9.94 23.47
C LEU D 143 12.02 9.76 24.52
N GLU D 144 11.99 10.60 25.54
CA GLU D 144 12.91 10.50 26.64
C GLU D 144 12.33 9.78 27.85
N ASP D 145 11.02 9.52 27.85
CA ASP D 145 10.37 8.73 28.89
C ASP D 145 9.79 7.45 28.33
N PHE D 146 10.29 7.00 27.18
CA PHE D 146 9.78 5.80 26.54
C PHE D 146 9.89 4.61 27.48
N PRO D 147 8.81 3.83 27.68
CA PRO D 147 7.50 3.98 27.07
C PRO D 147 6.45 4.54 28.03
N MET D 148 6.86 5.38 28.97
CA MET D 148 5.96 6.01 29.92
C MET D 148 5.76 7.48 29.60
N ASP D 149 5.71 7.82 28.32
CA ASP D 149 5.66 9.19 27.86
C ASP D 149 4.24 9.65 27.60
N ALA D 150 4.07 10.97 27.53
CA ALA D 150 2.79 11.59 27.18
C ALA D 150 3.04 12.61 26.08
N HIS D 151 2.18 12.61 25.07
CA HIS D 151 2.34 13.47 23.92
C HIS D 151 1.16 14.41 23.77
N ALA D 152 1.36 15.45 22.97
CA ALA D 152 0.29 16.39 22.61
C ALA D 152 0.38 16.57 21.10
N CYS D 153 -0.35 15.74 20.36
CA CYS D 153 -0.25 15.78 18.91
C CYS D 153 -1.08 16.95 18.38
N PRO D 154 -0.45 17.94 17.75
CA PRO D 154 -1.19 19.12 17.29
C PRO D 154 -1.81 18.92 15.92
N LEU D 155 -2.72 19.84 15.58
CA LEU D 155 -3.36 19.89 14.26
C LEU D 155 -3.65 21.36 13.96
N LYS D 156 -2.72 22.01 13.27
CA LYS D 156 -2.82 23.42 12.96
C LYS D 156 -3.35 23.61 11.55
N PHE D 157 -4.42 24.38 11.41
CA PHE D 157 -4.97 24.69 10.11
C PHE D 157 -5.22 26.19 10.00
N GLY D 158 -4.85 26.76 8.86
CA GLY D 158 -5.02 28.18 8.66
C GLY D 158 -5.34 28.48 7.22
N SER D 159 -5.23 29.74 6.82
CA SER D 159 -5.54 30.12 5.45
C SER D 159 -4.26 30.29 4.64
N TYR D 160 -4.37 30.01 3.36
CA TYR D 160 -3.30 30.23 2.40
C TYR D 160 -3.70 31.37 1.48
N ALA D 161 -2.78 32.29 1.21
CA ALA D 161 -2.96 33.43 0.32
C ALA D 161 -3.90 34.49 0.87
N TYR D 162 -4.47 34.30 2.07
CA TYR D 162 -5.36 35.29 2.68
C TYR D 162 -4.84 35.59 4.07
N THR D 163 -4.38 36.82 4.27
CA THR D 163 -3.74 37.23 5.52
C THR D 163 -4.81 37.44 6.59
N ARG D 164 -4.41 38.04 7.72
CA ARG D 164 -5.38 38.31 8.78
C ARG D 164 -6.32 39.43 8.41
N ALA D 165 -5.84 40.43 7.67
CA ALA D 165 -6.67 41.56 7.32
C ALA D 165 -7.80 41.19 6.36
N GLU D 166 -7.84 39.96 5.86
CA GLU D 166 -8.84 39.54 4.90
C GLU D 166 -9.73 38.41 5.41
N VAL D 167 -9.15 37.31 5.86
CA VAL D 167 -9.92 36.14 6.28
C VAL D 167 -9.47 35.75 7.69
N VAL D 168 -10.36 35.92 8.66
CA VAL D 168 -10.11 35.53 10.04
C VAL D 168 -10.94 34.30 10.35
N TYR D 169 -10.34 33.34 11.05
CA TYR D 169 -10.98 32.09 11.40
C TYR D 169 -11.49 32.19 12.84
N GLU D 170 -12.52 31.42 13.14
CA GLU D 170 -13.06 31.42 14.49
C GLU D 170 -13.86 30.15 14.70
N TRP D 171 -13.85 29.65 15.93
CA TRP D 171 -14.62 28.46 16.24
C TRP D 171 -16.11 28.82 16.29
N THR D 172 -16.95 27.85 15.96
CA THR D 172 -18.38 28.13 15.82
C THR D 172 -19.15 27.95 17.13
N ARG D 173 -18.68 27.10 18.02
CA ARG D 173 -19.22 26.97 19.36
C ARG D 173 -18.18 27.43 20.36
N GLU D 174 -18.48 27.29 21.64
CA GLU D 174 -17.49 27.57 22.65
C GLU D 174 -16.23 26.77 22.35
N PRO D 175 -15.05 27.39 22.34
CA PRO D 175 -13.84 26.68 21.93
C PRO D 175 -13.63 25.34 22.61
N ALA D 176 -14.19 25.14 23.80
CA ALA D 176 -14.09 23.83 24.43
C ALA D 176 -15.00 22.80 23.78
N ARG D 177 -15.99 23.23 23.00
CA ARG D 177 -16.98 22.34 22.42
C ARG D 177 -16.92 22.29 20.90
N SER D 178 -15.85 22.79 20.28
CA SER D 178 -15.77 22.79 18.83
C SER D 178 -15.23 21.46 18.31
N VAL D 179 -14.04 21.07 18.74
CA VAL D 179 -13.44 19.81 18.32
C VAL D 179 -14.11 18.69 19.10
N VAL D 180 -14.90 17.86 18.41
CA VAL D 180 -15.60 16.74 19.01
C VAL D 180 -14.98 15.46 18.51
N VAL D 181 -14.86 14.47 19.39
CA VAL D 181 -14.37 13.14 19.03
C VAL D 181 -15.48 12.13 19.26
N ALA D 182 -15.74 11.29 18.28
CA ALA D 182 -16.76 10.26 18.42
C ALA D 182 -16.39 9.29 19.53
N GLU D 183 -17.42 8.69 20.14
CA GLU D 183 -17.18 7.79 21.27
C GLU D 183 -16.47 6.52 20.81
N ASP D 184 -17.04 5.82 19.83
CA ASP D 184 -16.42 4.62 19.30
C ASP D 184 -15.30 4.90 18.30
N GLY D 185 -15.05 6.17 18.01
CA GLY D 185 -14.01 6.54 17.07
C GLY D 185 -12.64 6.64 17.73
N SER D 186 -12.06 5.50 18.06
CA SER D 186 -10.70 5.45 18.61
C SER D 186 -10.02 4.22 18.02
N ARG D 187 -9.32 4.41 16.92
CA ARG D 187 -8.51 3.35 16.33
C ARG D 187 -7.14 3.22 16.98
N LEU D 188 -6.94 3.88 18.11
CA LEU D 188 -5.67 3.81 18.85
C LEU D 188 -5.64 2.51 19.62
N ASN D 189 -4.72 1.62 19.27
CA ASN D 189 -4.51 0.39 20.03
C ASN D 189 -3.38 0.51 21.03
N GLN D 190 -2.42 1.40 20.80
CA GLN D 190 -1.26 1.56 21.65
C GLN D 190 -1.36 2.74 22.61
N TYR D 191 -1.93 3.86 22.16
CA TYR D 191 -2.02 5.06 22.96
C TYR D 191 -3.38 5.14 23.64
N ASP D 192 -3.66 6.29 24.27
CA ASP D 192 -4.91 6.49 24.99
C ASP D 192 -5.23 7.98 24.95
N LEU D 193 -6.27 8.34 24.20
CA LEU D 193 -6.61 9.76 24.05
C LEU D 193 -7.24 10.29 25.34
N LEU D 194 -6.66 11.36 25.87
CA LEU D 194 -7.15 11.95 27.10
C LEU D 194 -8.13 13.10 26.84
N GLY D 195 -7.75 14.07 26.03
CA GLY D 195 -8.64 15.18 25.74
C GLY D 195 -8.02 16.10 24.71
N GLN D 196 -8.90 16.91 24.11
CA GLN D 196 -8.47 17.89 23.13
C GLN D 196 -8.20 19.24 23.81
N THR D 197 -7.59 20.14 23.07
CA THR D 197 -7.25 21.46 23.59
C THR D 197 -7.07 22.39 22.42
N VAL D 198 -7.94 23.37 22.27
CA VAL D 198 -7.93 24.23 21.11
C VAL D 198 -7.25 25.55 21.46
N ASP D 199 -6.86 26.29 20.44
CA ASP D 199 -6.17 27.56 20.62
C ASP D 199 -6.17 28.30 19.29
N SER D 200 -6.12 29.62 19.35
CA SER D 200 -6.07 30.45 18.15
C SER D 200 -4.94 31.46 18.28
N GLY D 201 -4.04 31.48 17.30
CA GLY D 201 -2.93 32.41 17.31
C GLY D 201 -2.69 33.04 15.95
N ILE D 202 -1.56 33.72 15.81
CA ILE D 202 -1.23 34.45 14.58
C ILE D 202 0.23 34.21 14.29
N VAL D 203 0.53 33.70 13.09
CA VAL D 203 1.89 33.45 12.66
C VAL D 203 2.33 34.57 11.72
N GLN D 204 3.53 35.07 11.94
CA GLN D 204 4.14 36.03 11.04
C GLN D 204 4.74 35.30 9.84
N SER D 205 5.05 36.06 8.81
CA SER D 205 5.67 35.51 7.62
C SER D 205 6.42 36.61 6.90
N SER D 206 6.96 36.29 5.73
CA SER D 206 7.55 37.31 4.87
C SER D 206 6.50 38.07 4.09
N THR D 207 5.30 37.50 3.93
CA THR D 207 4.23 38.12 3.15
C THR D 207 3.23 38.86 4.02
N GLY D 208 2.91 38.33 5.20
CA GLY D 208 1.96 39.00 6.07
C GLY D 208 1.71 38.20 7.32
N GLU D 209 0.66 38.60 8.04
CA GLU D 209 0.25 37.95 9.27
C GLU D 209 -0.95 37.04 9.00
N TYR D 210 -0.83 35.77 9.36
CA TYR D 210 -1.87 34.80 9.08
C TYR D 210 -2.46 34.27 10.38
N VAL D 211 -3.76 33.98 10.36
CA VAL D 211 -4.45 33.42 11.50
C VAL D 211 -4.30 31.90 11.48
N VAL D 212 -3.95 31.32 12.61
CA VAL D 212 -3.66 29.89 12.70
C VAL D 212 -4.45 29.31 13.87
N MET D 213 -5.30 28.33 13.59
CA MET D 213 -6.03 27.63 14.62
C MET D 213 -5.31 26.31 14.93
N THR D 214 -5.11 26.03 16.21
CA THR D 214 -4.34 24.89 16.66
C THR D 214 -5.23 24.03 17.53
N THR D 215 -4.99 22.71 17.48
CA THR D 215 -5.76 21.76 18.27
C THR D 215 -4.84 20.62 18.67
N HIS D 216 -4.57 20.48 19.96
CA HIS D 216 -3.71 19.43 20.48
C HIS D 216 -4.58 18.31 21.04
N PHE D 217 -4.30 17.09 20.63
CA PHE D 217 -4.92 15.89 21.19
C PHE D 217 -3.89 15.29 22.14
N HIS D 218 -4.19 15.31 23.44
CA HIS D 218 -3.27 14.76 24.42
C HIS D 218 -3.41 13.24 24.45
N LEU D 219 -2.27 12.55 24.39
CA LEU D 219 -2.24 11.10 24.40
C LEU D 219 -1.49 10.61 25.64
N LYS D 220 -1.49 9.30 25.83
CA LYS D 220 -0.79 8.68 26.95
C LYS D 220 -0.55 7.23 26.60
N ARG D 221 0.72 6.85 26.44
CA ARG D 221 1.05 5.53 25.93
C ARG D 221 0.68 4.44 26.94
N LYS D 222 0.25 3.29 26.42
CA LYS D 222 -0.06 2.14 27.24
C LYS D 222 1.18 1.25 27.36
N ILE D 223 1.63 1.02 28.60
CA ILE D 223 2.87 0.28 28.85
C ILE D 223 2.68 -1.22 28.84
N GLY D 224 1.47 -1.72 28.59
CA GLY D 224 1.25 -3.16 28.71
C GLY D 224 2.09 -3.99 27.76
N TYR D 225 2.20 -3.56 26.51
CA TYR D 225 2.89 -4.40 25.54
C TYR D 225 4.39 -4.35 25.74
N PHE D 226 4.94 -3.17 26.04
CA PHE D 226 6.36 -3.07 26.35
C PHE D 226 6.70 -3.86 27.59
N VAL D 227 5.87 -3.76 28.63
CA VAL D 227 6.06 -4.61 29.80
C VAL D 227 6.17 -6.07 29.37
N ILE D 228 5.13 -6.58 28.72
CA ILE D 228 5.02 -8.00 28.43
C ILE D 228 6.19 -8.49 27.58
N GLN D 229 6.58 -7.71 26.58
CA GLN D 229 7.52 -8.22 25.59
C GLN D 229 8.96 -7.75 25.78
N THR D 230 9.22 -6.79 26.66
CA THR D 230 10.58 -6.38 26.97
C THR D 230 10.93 -6.57 28.44
N TYR D 231 10.11 -6.05 29.36
CA TYR D 231 10.53 -6.08 30.76
C TYR D 231 10.46 -7.48 31.33
N LEU D 232 9.50 -8.28 30.89
CA LEU D 232 9.45 -9.68 31.32
C LEU D 232 10.63 -10.48 30.80
N PRO D 233 11.01 -10.42 29.51
CA PRO D 233 12.21 -11.16 29.10
C PRO D 233 13.48 -10.67 29.77
N CYS D 234 13.62 -9.36 29.98
CA CYS D 234 14.81 -8.85 30.66
C CYS D 234 14.90 -9.37 32.08
N ILE D 235 13.81 -9.30 32.84
CA ILE D 235 13.82 -9.76 34.22
C ILE D 235 14.03 -11.27 34.29
N MET D 236 13.39 -12.01 33.39
CA MET D 236 13.58 -13.46 33.36
C MET D 236 15.02 -13.83 33.02
N THR D 237 15.64 -13.09 32.10
CA THR D 237 17.04 -13.32 31.79
C THR D 237 17.92 -13.04 33.00
N VAL D 238 17.68 -11.93 33.70
CA VAL D 238 18.48 -11.61 34.88
C VAL D 238 18.33 -12.69 35.94
N ILE D 239 17.11 -13.20 36.13
CA ILE D 239 16.88 -14.23 37.14
C ILE D 239 17.57 -15.54 36.74
N LEU D 240 17.33 -16.01 35.51
CA LEU D 240 18.01 -17.19 35.01
C LEU D 240 19.52 -17.06 35.12
N SER D 241 20.04 -15.84 35.04
CA SER D 241 21.47 -15.65 35.19
C SER D 241 21.90 -15.76 36.65
N GLN D 242 21.17 -15.10 37.55
CA GLN D 242 21.49 -15.17 38.98
C GLN D 242 21.25 -16.56 39.55
N VAL D 243 20.56 -17.43 38.82
CA VAL D 243 20.40 -18.82 39.25
C VAL D 243 21.75 -19.53 39.27
N SER D 244 22.69 -19.07 38.45
CA SER D 244 23.99 -19.71 38.30
C SER D 244 24.82 -19.69 39.58
N PHE D 245 24.32 -19.07 40.64
CA PHE D 245 25.05 -19.01 41.90
C PHE D 245 24.75 -20.18 42.83
N TRP D 246 23.60 -20.82 42.67
CA TRP D 246 23.25 -21.93 43.53
C TRP D 246 23.83 -23.25 43.07
N LEU D 247 24.41 -23.30 41.87
CA LEU D 247 25.12 -24.49 41.42
C LEU D 247 26.47 -24.58 42.10
N ASN D 248 26.95 -25.81 42.30
CA ASN D 248 28.22 -25.99 42.98
C ASN D 248 29.38 -25.51 42.13
N ARG D 249 30.53 -25.30 42.77
CA ARG D 249 31.69 -24.74 42.11
C ARG D 249 32.42 -25.76 41.25
N GLU D 250 32.11 -27.04 41.37
CA GLU D 250 32.77 -28.08 40.58
C GLU D 250 32.22 -28.15 39.16
N SER D 251 30.96 -27.76 38.96
CA SER D 251 30.32 -27.82 37.65
C SER D 251 30.58 -26.51 36.93
N VAL D 252 31.65 -26.46 36.16
CA VAL D 252 32.04 -25.27 35.42
C VAL D 252 31.25 -25.11 34.12
N PRO D 253 31.09 -26.15 33.28
CA PRO D 253 30.39 -25.93 32.01
C PRO D 253 28.95 -25.44 32.18
N ALA D 254 28.25 -25.89 33.22
CA ALA D 254 26.88 -25.43 33.44
C ALA D 254 26.84 -23.93 33.69
N ARG D 255 27.68 -23.43 34.60
CA ARG D 255 27.70 -22.01 34.90
C ARG D 255 28.17 -21.21 33.69
N THR D 256 29.11 -21.76 32.91
CA THR D 256 29.54 -21.08 31.70
C THR D 256 28.39 -20.95 30.70
N VAL D 257 27.62 -22.02 30.51
CA VAL D 257 26.47 -21.96 29.62
C VAL D 257 25.48 -20.92 30.11
N PHE D 258 25.16 -20.95 31.41
CA PHE D 258 24.27 -19.93 31.98
C PHE D 258 24.74 -18.53 31.61
N GLY D 259 25.99 -18.21 31.94
CA GLY D 259 26.50 -16.87 31.67
C GLY D 259 26.41 -16.48 30.21
N VAL D 260 26.92 -17.34 29.33
CA VAL D 260 26.99 -16.98 27.92
C VAL D 260 25.60 -16.80 27.33
N THR D 261 24.69 -17.74 27.61
CA THR D 261 23.36 -17.63 27.01
C THR D 261 22.59 -16.45 27.57
N THR D 262 22.79 -16.09 28.85
CA THR D 262 22.11 -14.90 29.35
C THR D 262 22.66 -13.64 28.70
N VAL D 263 23.97 -13.58 28.47
CA VAL D 263 24.52 -12.40 27.78
C VAL D 263 23.98 -12.31 26.35
N LEU D 264 23.89 -13.45 25.66
CA LEU D 264 23.35 -13.43 24.29
C LEU D 264 21.89 -12.98 24.29
N THR D 265 21.11 -13.48 25.24
CA THR D 265 19.71 -13.07 25.33
C THR D 265 19.59 -11.58 25.60
N MET D 266 20.46 -11.03 26.45
CA MET D 266 20.40 -9.59 26.71
C MET D 266 20.77 -8.80 25.48
N THR D 267 21.76 -9.26 24.72
CA THR D 267 22.13 -8.57 23.48
C THR D 267 20.96 -8.54 22.50
N THR D 268 20.36 -9.70 22.23
CA THR D 268 19.26 -9.72 21.27
C THR D 268 18.05 -8.95 21.79
N LEU D 269 17.85 -8.90 23.12
CA LEU D 269 16.76 -8.11 23.66
C LEU D 269 17.01 -6.62 23.45
N SER D 270 18.24 -6.16 23.68
CA SER D 270 18.56 -4.76 23.43
C SER D 270 18.32 -4.40 21.97
N ILE D 271 18.74 -5.27 21.05
CA ILE D 271 18.55 -4.98 19.63
C ILE D 271 17.07 -4.93 19.29
N SER D 272 16.30 -5.92 19.74
CA SER D 272 14.88 -5.97 19.42
C SER D 272 14.11 -4.83 20.09
N ALA D 273 14.60 -4.29 21.20
CA ALA D 273 13.95 -3.16 21.82
C ALA D 273 14.27 -1.85 21.12
N ARG D 274 15.49 -1.72 20.59
CA ARG D 274 15.81 -0.53 19.82
C ARG D 274 15.17 -0.55 18.44
N ASN D 275 14.82 -1.72 17.92
CA ASN D 275 14.25 -1.79 16.58
C ASN D 275 12.88 -1.12 16.49
N SER D 276 12.10 -1.14 17.58
CA SER D 276 10.73 -0.62 17.50
C SER D 276 10.71 0.89 17.34
N LEU D 277 11.68 1.59 17.92
CA LEU D 277 11.66 3.04 17.96
C LEU D 277 12.30 3.61 16.70
N PRO D 278 12.04 4.88 16.40
CA PRO D 278 12.85 5.58 15.39
C PRO D 278 14.32 5.60 15.79
N LYS D 279 15.16 5.80 14.79
CA LYS D 279 16.60 5.85 15.02
C LYS D 279 16.95 7.19 15.63
N VAL D 280 16.74 7.31 16.94
CA VAL D 280 16.92 8.56 17.65
C VAL D 280 18.28 8.52 18.35
N ALA D 281 18.83 9.71 18.60
CA ALA D 281 20.20 9.84 19.08
C ALA D 281 20.30 10.17 20.56
N TYR D 282 19.29 9.82 21.35
CA TYR D 282 19.41 9.90 22.81
C TYR D 282 18.96 8.58 23.42
N ALA D 283 19.07 8.50 24.74
CA ALA D 283 18.79 7.26 25.47
C ALA D 283 17.43 7.36 26.14
N THR D 284 16.61 6.34 25.93
CA THR D 284 15.28 6.28 26.50
C THR D 284 15.33 5.60 27.87
N ALA D 285 14.18 5.46 28.51
CA ALA D 285 14.14 4.77 29.80
C ALA D 285 14.35 3.27 29.63
N MET D 286 13.68 2.68 28.65
CA MET D 286 13.87 1.26 28.37
C MET D 286 15.34 0.96 28.06
N ASP D 287 16.04 1.88 27.42
CA ASP D 287 17.46 1.68 27.16
C ASP D 287 18.26 1.62 28.46
N TRP D 288 17.94 2.48 29.42
CA TRP D 288 18.64 2.43 30.70
C TRP D 288 18.33 1.14 31.44
N PHE D 289 17.08 0.69 31.38
CA PHE D 289 16.72 -0.58 32.03
C PHE D 289 17.49 -1.74 31.42
N ILE D 290 17.57 -1.78 30.09
CA ILE D 290 18.28 -2.88 29.44
C ILE D 290 19.78 -2.78 29.71
N ALA D 291 20.33 -1.58 29.79
CA ALA D 291 21.74 -1.43 30.15
C ALA D 291 22.01 -1.94 31.55
N VAL D 292 21.12 -1.65 32.50
CA VAL D 292 21.33 -2.12 33.86
C VAL D 292 21.20 -3.64 33.93
N CYS D 293 20.24 -4.21 33.21
CA CYS D 293 20.13 -5.67 33.20
C CYS D 293 21.35 -6.32 32.57
N TYR D 294 21.89 -5.71 31.51
CA TYR D 294 23.13 -6.21 30.93
C TYR D 294 24.26 -6.15 31.94
N ALA D 295 24.34 -5.05 32.71
CA ALA D 295 25.37 -4.96 33.73
C ALA D 295 25.19 -6.06 34.78
N PHE D 296 23.96 -6.37 35.12
CA PHE D 296 23.71 -7.41 36.12
C PHE D 296 24.14 -8.79 35.63
N VAL D 297 23.78 -9.14 34.40
CA VAL D 297 24.15 -10.47 33.89
C VAL D 297 25.67 -10.56 33.69
N PHE D 298 26.28 -9.48 33.20
CA PHE D 298 27.73 -9.50 33.04
C PHE D 298 28.43 -9.56 34.39
N SER D 299 27.88 -8.94 35.42
CA SER D 299 28.48 -9.03 36.75
C SER D 299 28.35 -10.43 37.32
N ALA D 300 27.22 -11.09 37.06
CA ALA D 300 27.09 -12.49 37.46
C ALA D 300 28.16 -13.36 36.80
N LEU D 301 28.37 -13.17 35.50
CA LEU D 301 29.41 -13.95 34.82
C LEU D 301 30.79 -13.64 35.36
N ILE D 302 31.08 -12.36 35.64
CA ILE D 302 32.39 -11.99 36.17
C ILE D 302 32.59 -12.58 37.56
N GLU D 303 31.53 -12.61 38.37
CA GLU D 303 31.64 -13.23 39.69
C GLU D 303 31.94 -14.71 39.58
N PHE D 304 31.27 -15.40 38.66
CA PHE D 304 31.58 -16.81 38.46
C PHE D 304 33.02 -16.99 38.00
N ALA D 305 33.51 -16.13 37.12
CA ALA D 305 34.88 -16.23 36.66
C ALA D 305 35.87 -16.04 37.81
N THR D 306 35.59 -15.09 38.70
CA THR D 306 36.46 -14.89 39.86
C THR D 306 36.42 -16.10 40.79
N VAL D 307 35.23 -16.65 41.02
CA VAL D 307 35.10 -17.84 41.87
C VAL D 307 35.93 -18.98 41.30
N ASN D 308 35.80 -19.22 39.99
CA ASN D 308 36.56 -20.31 39.38
C ASN D 308 38.06 -20.03 39.41
N TYR D 309 38.46 -18.77 39.32
CA TYR D 309 39.89 -18.45 39.37
C TYR D 309 40.45 -18.71 40.77
N PHE D 310 39.65 -18.45 41.81
CA PHE D 310 40.11 -18.68 43.17
C PHE D 310 39.89 -20.12 43.64
N THR D 311 39.16 -20.93 42.88
CA THR D 311 38.90 -22.30 43.27
C THR D 311 40.17 -23.14 43.16
N LYS D 312 40.30 -24.11 44.07
CA LYS D 312 41.43 -25.04 44.20
C LYS D 312 42.69 -24.35 44.74
N SER D 313 42.67 -23.04 44.96
CA SER D 313 43.77 -22.34 45.58
C SER D 313 43.36 -21.66 46.88
N GLN D 314 42.25 -20.93 46.89
CA GLN D 314 41.69 -20.32 48.09
C GLN D 314 40.19 -20.59 48.11
N PRO D 315 39.78 -21.83 48.36
CA PRO D 315 38.35 -22.16 48.29
C PRO D 315 37.52 -21.46 49.35
N ALA D 316 38.12 -21.02 50.45
CA ALA D 316 37.36 -20.28 51.46
C ALA D 316 36.85 -18.97 50.88
N ARG D 317 37.71 -18.21 50.20
CA ARG D 317 37.29 -16.96 49.61
C ARG D 317 36.27 -17.19 48.50
N ALA D 318 36.43 -18.26 47.72
CA ALA D 318 35.48 -18.56 46.66
C ALA D 318 34.09 -18.85 47.23
N ALA D 319 34.02 -19.75 48.21
CA ALA D 319 32.72 -20.05 48.81
C ALA D 319 32.13 -18.83 49.51
N LYS D 320 32.98 -17.99 50.12
CA LYS D 320 32.49 -16.80 50.79
C LYS D 320 31.86 -15.84 49.80
N ILE D 321 32.55 -15.54 48.70
CA ILE D 321 31.98 -14.58 47.76
C ILE D 321 30.81 -15.19 47.01
N ASP D 322 30.73 -16.51 46.90
CA ASP D 322 29.53 -17.09 46.28
C ASP D 322 28.32 -16.99 47.20
N ARG D 323 28.51 -17.30 48.49
CA ARG D 323 27.39 -17.17 49.43
C ARG D 323 27.01 -15.71 49.63
N LEU D 324 27.94 -14.78 49.42
CA LEU D 324 27.60 -13.37 49.49
C LEU D 324 26.88 -12.88 48.25
N SER D 325 27.27 -13.36 47.07
CA SER D 325 26.59 -13.01 45.83
C SER D 325 25.24 -13.69 45.70
N ARG D 326 24.97 -14.72 46.51
CA ARG D 326 23.61 -15.25 46.54
C ARG D 326 22.62 -14.30 47.21
N ILE D 327 23.09 -13.22 47.83
CA ILE D 327 22.20 -12.28 48.50
C ILE D 327 22.40 -10.87 47.93
N ALA D 328 23.60 -10.59 47.43
CA ALA D 328 23.91 -9.23 47.01
C ALA D 328 23.26 -8.88 45.67
N PHE D 329 23.20 -9.83 44.74
CA PHE D 329 22.58 -9.54 43.45
C PHE D 329 21.07 -9.36 43.53
N PRO D 330 20.30 -10.26 44.16
CA PRO D 330 18.84 -10.07 44.13
C PRO D 330 18.38 -8.83 44.87
N LEU D 331 18.99 -8.51 46.01
CA LEU D 331 18.61 -7.29 46.73
C LEU D 331 18.90 -6.05 45.90
N LEU D 332 20.05 -6.02 45.24
CA LEU D 332 20.38 -4.88 44.40
C LEU D 332 19.42 -4.76 43.22
N PHE D 333 19.03 -5.89 42.62
CA PHE D 333 18.09 -5.82 41.52
C PHE D 333 16.72 -5.35 42.00
N GLY D 334 16.29 -5.80 43.18
CA GLY D 334 15.03 -5.32 43.72
C GLY D 334 15.05 -3.83 44.00
N ILE D 335 16.15 -3.34 44.57
CA ILE D 335 16.27 -1.91 44.84
C ILE D 335 16.24 -1.12 43.54
N PHE D 336 16.96 -1.60 42.52
CA PHE D 336 16.97 -0.90 41.25
C PHE D 336 15.59 -0.88 40.62
N ASN D 337 14.87 -2.00 40.68
CA ASN D 337 13.52 -2.05 40.13
C ASN D 337 12.61 -1.06 40.85
N LEU D 338 12.66 -1.05 42.18
CA LEU D 338 11.83 -0.11 42.94
C LEU D 338 12.15 1.32 42.54
N VAL D 339 13.43 1.68 42.50
CA VAL D 339 13.81 3.05 42.16
C VAL D 339 13.33 3.41 40.75
N TYR D 340 13.62 2.55 39.78
CA TYR D 340 13.24 2.82 38.39
C TYR D 340 11.73 3.03 38.28
N TRP D 341 10.95 2.07 38.75
CA TRP D 341 9.51 2.15 38.58
C TRP D 341 8.92 3.33 39.34
N ALA D 342 9.43 3.60 40.55
CA ALA D 342 8.90 4.71 41.33
C ALA D 342 9.20 6.05 40.66
N THR D 343 10.45 6.28 40.26
CA THR D 343 10.78 7.57 39.65
C THR D 343 10.23 7.73 38.25
N TYR D 344 9.80 6.64 37.59
CA TYR D 344 9.21 6.80 36.27
C TYR D 344 7.69 6.76 36.26
N LEU D 345 7.06 6.29 37.33
CA LEU D 345 5.60 6.35 37.42
C LEU D 345 5.11 7.59 38.16
N ASN D 346 5.97 8.25 38.93
CA ASN D 346 5.56 9.47 39.62
C ASN D 346 5.32 10.61 38.65
N ARG D 347 6.11 10.69 37.58
CA ARG D 347 5.99 11.75 36.59
C ARG D 347 4.65 11.67 35.86
N GLY E 62 -17.15 43.94 -7.47
CA GLY E 62 -17.31 45.33 -7.87
C GLY E 62 -16.54 45.68 -9.12
N ASP E 63 -15.48 46.48 -8.95
CA ASP E 63 -14.62 46.84 -10.06
C ASP E 63 -13.42 45.90 -10.20
N VAL E 64 -13.12 45.10 -9.18
CA VAL E 64 -12.02 44.14 -9.29
C VAL E 64 -12.36 43.06 -10.32
N THR E 65 -13.63 42.69 -10.43
CA THR E 65 -14.03 41.77 -11.49
C THR E 65 -13.77 42.39 -12.86
N VAL E 66 -14.05 43.68 -13.01
CA VAL E 66 -13.79 44.37 -14.26
C VAL E 66 -12.30 44.36 -14.57
N ILE E 67 -11.46 44.59 -13.55
CA ILE E 67 -10.01 44.58 -13.75
C ILE E 67 -9.55 43.20 -14.20
N LEU E 68 -9.99 42.16 -13.48
CA LEU E 68 -9.57 40.81 -13.83
C LEU E 68 -10.07 40.41 -15.22
N ASN E 69 -11.23 40.90 -15.63
CA ASN E 69 -11.71 40.59 -16.97
C ASN E 69 -10.92 41.36 -18.03
N ASN E 70 -10.49 42.58 -17.72
CA ASN E 70 -9.70 43.35 -18.68
C ASN E 70 -8.29 42.83 -18.80
N LEU E 71 -7.77 42.19 -17.75
CA LEU E 71 -6.42 41.63 -17.83
C LEU E 71 -6.37 40.40 -18.69
N LEU E 72 -7.47 39.65 -18.78
CA LEU E 72 -7.50 38.38 -19.50
C LEU E 72 -8.16 38.50 -20.87
N GLU E 73 -8.42 39.71 -21.35
CA GLU E 73 -8.93 39.91 -22.70
C GLU E 73 -7.75 40.14 -23.64
N GLY E 74 -7.57 39.23 -24.59
CA GLY E 74 -6.39 39.27 -25.43
C GLY E 74 -5.15 38.80 -24.71
N TYR E 75 -5.26 37.73 -23.93
CA TYR E 75 -4.16 37.18 -23.16
C TYR E 75 -3.90 35.75 -23.64
N ASP E 76 -2.65 35.45 -23.95
CA ASP E 76 -2.23 34.13 -24.39
C ASP E 76 -1.27 33.57 -23.37
N ASN E 77 -1.72 32.57 -22.61
CA ASN E 77 -0.91 32.01 -21.54
C ASN E 77 0.06 30.94 -22.01
N LYS E 78 0.37 30.92 -23.29
CA LYS E 78 1.39 30.03 -23.83
C LYS E 78 2.69 30.75 -24.17
N LEU E 79 2.69 32.07 -24.11
CA LEU E 79 3.84 32.88 -24.49
C LEU E 79 4.36 33.61 -23.26
N ARG E 80 5.63 33.41 -22.94
CA ARG E 80 6.21 34.06 -21.78
C ARG E 80 6.28 35.56 -22.01
N PRO E 81 6.30 36.35 -20.94
CA PRO E 81 6.40 37.81 -21.11
C PRO E 81 7.71 38.18 -21.78
N ASP E 82 7.61 39.01 -22.82
CA ASP E 82 8.74 39.34 -23.69
C ASP E 82 9.30 38.08 -24.34
N ILE E 83 8.45 37.45 -25.17
CA ILE E 83 8.81 36.20 -25.81
C ILE E 83 9.93 36.42 -26.82
N GLY E 84 9.93 37.57 -27.49
CA GLY E 84 10.96 37.84 -28.47
C GLY E 84 11.73 39.12 -28.19
N VAL E 85 11.96 39.42 -26.91
CA VAL E 85 12.66 40.64 -26.54
C VAL E 85 13.89 40.33 -25.71
N LYS E 86 13.70 39.73 -24.54
CA LYS E 86 14.77 39.55 -23.57
C LYS E 86 14.37 38.44 -22.61
N PRO E 87 15.33 37.85 -21.90
CA PRO E 87 14.99 36.78 -20.96
C PRO E 87 14.20 37.31 -19.77
N THR E 88 13.42 36.42 -19.17
CA THR E 88 12.57 36.76 -18.03
C THR E 88 13.33 36.48 -16.74
N LEU E 89 13.57 37.53 -15.96
CA LEU E 89 14.27 37.38 -14.69
C LEU E 89 13.28 36.99 -13.60
N ILE E 90 13.52 35.84 -12.97
CA ILE E 90 12.63 35.29 -11.96
C ILE E 90 13.38 35.24 -10.64
N HIS E 91 12.83 35.85 -9.60
CA HIS E 91 13.43 35.83 -8.27
C HIS E 91 12.76 34.73 -7.46
N THR E 92 13.56 33.79 -6.97
CA THR E 92 13.07 32.61 -6.29
C THR E 92 13.44 32.65 -4.82
N ASP E 93 12.46 32.40 -3.95
CA ASP E 93 12.65 32.31 -2.51
C ASP E 93 12.06 31.00 -2.02
N MET E 94 12.45 30.61 -0.81
CA MET E 94 12.01 29.35 -0.24
C MET E 94 11.80 29.53 1.25
N TYR E 95 11.22 28.50 1.88
CA TYR E 95 11.10 28.45 3.33
C TYR E 95 11.06 26.98 3.72
N VAL E 96 12.20 26.44 4.13
CA VAL E 96 12.32 25.01 4.43
C VAL E 96 11.62 24.76 5.76
N ASN E 97 10.42 24.18 5.71
CA ASN E 97 9.73 23.81 6.94
C ASN E 97 10.48 22.71 7.69
N SER E 98 10.61 21.55 7.06
CA SER E 98 11.21 20.41 7.72
C SER E 98 11.93 19.56 6.67
N ILE E 99 13.13 19.11 7.02
CA ILE E 99 13.90 18.19 6.19
C ILE E 99 13.70 16.80 6.77
N GLY E 100 12.92 15.98 6.08
CA GLY E 100 12.52 14.68 6.58
C GLY E 100 13.67 13.71 6.76
N PRO E 101 13.34 12.46 7.05
CA PRO E 101 14.37 11.47 7.36
C PRO E 101 15.26 11.19 6.16
N VAL E 102 16.58 11.23 6.39
CA VAL E 102 17.56 10.99 5.34
C VAL E 102 17.88 9.51 5.38
N ASN E 103 17.15 8.72 4.60
CA ASN E 103 17.34 7.28 4.56
C ASN E 103 18.46 6.95 3.57
N ALA E 104 19.50 6.27 4.07
CA ALA E 104 20.65 5.98 3.23
C ALA E 104 20.39 4.86 2.24
N ILE E 105 19.37 4.03 2.48
CA ILE E 105 19.12 2.88 1.61
C ILE E 105 18.80 3.33 0.19
N ASN E 106 18.00 4.38 0.05
CA ASN E 106 17.63 4.90 -1.26
C ASN E 106 18.44 6.12 -1.66
N MET E 107 19.33 6.61 -0.80
CA MET E 107 20.15 7.79 -1.06
C MET E 107 19.26 9.01 -1.35
N GLU E 108 18.22 9.17 -0.54
CA GLU E 108 17.24 10.23 -0.74
C GLU E 108 16.92 10.87 0.61
N TYR E 109 16.23 12.01 0.55
CA TYR E 109 15.81 12.71 1.76
C TYR E 109 14.61 13.59 1.43
N THR E 110 13.67 13.66 2.36
CA THR E 110 12.43 14.41 2.17
C THR E 110 12.60 15.83 2.69
N ILE E 111 12.04 16.79 1.97
CA ILE E 111 12.08 18.19 2.32
C ILE E 111 10.72 18.80 2.02
N ASP E 112 10.30 19.77 2.83
CA ASP E 112 9.00 20.42 2.66
C ASP E 112 9.23 21.92 2.62
N ILE E 113 8.89 22.55 1.50
CA ILE E 113 9.25 23.93 1.25
C ILE E 113 8.02 24.72 0.81
N PHE E 114 8.20 26.05 0.78
CA PHE E 114 7.21 27.02 0.33
C PHE E 114 7.87 27.79 -0.80
N PHE E 115 7.80 27.27 -2.02
CA PHE E 115 8.54 27.84 -3.14
C PHE E 115 7.80 29.07 -3.67
N ALA E 116 8.48 30.22 -3.69
CA ALA E 116 7.88 31.47 -4.13
C ALA E 116 8.68 32.03 -5.30
N GLN E 117 7.99 32.38 -6.36
CA GLN E 117 8.61 32.91 -7.57
C GLN E 117 7.98 34.23 -7.94
N THR E 118 8.79 35.24 -8.19
CA THR E 118 8.27 36.55 -8.55
C THR E 118 8.93 37.04 -9.82
N TRP E 119 8.11 37.50 -10.76
CA TRP E 119 8.61 37.97 -12.04
C TRP E 119 7.80 39.16 -12.50
N TYR E 120 8.21 39.75 -13.61
CA TYR E 120 7.54 40.92 -14.17
C TYR E 120 6.78 40.53 -15.43
N ASP E 121 5.53 40.95 -15.51
CA ASP E 121 4.66 40.65 -16.64
C ASP E 121 3.99 41.96 -17.05
N ARG E 122 4.45 42.54 -18.16
CA ARG E 122 3.91 43.82 -18.62
C ARG E 122 2.50 43.71 -19.17
N ARG E 123 1.96 42.50 -19.30
CA ARG E 123 0.59 42.34 -19.77
C ARG E 123 -0.43 42.37 -18.65
N LEU E 124 -0.06 41.95 -17.44
CA LEU E 124 -0.93 42.07 -16.27
C LEU E 124 -0.68 43.39 -15.55
N LYS E 125 -0.77 44.48 -16.28
CA LYS E 125 -0.52 45.82 -15.75
C LYS E 125 -1.81 46.62 -15.82
N PHE E 126 -2.33 46.99 -14.65
CA PHE E 126 -3.56 47.77 -14.56
C PHE E 126 -3.29 49.06 -13.82
N ASN E 127 -4.27 49.97 -13.88
CA ASN E 127 -4.15 51.29 -13.25
C ASN E 127 -5.49 51.59 -12.58
N SER E 128 -5.59 51.31 -11.29
CA SER E 128 -6.79 51.58 -10.53
C SER E 128 -6.41 51.90 -9.09
N THR E 129 -7.42 52.15 -8.25
CA THR E 129 -7.18 52.57 -6.88
C THR E 129 -6.50 51.46 -6.08
N ILE E 130 -6.91 50.21 -6.29
CA ILE E 130 -6.28 49.10 -5.59
C ILE E 130 -4.86 48.92 -6.10
N LYS E 131 -3.93 48.70 -5.17
CA LYS E 131 -2.52 48.59 -5.54
C LYS E 131 -2.12 47.15 -5.88
N VAL E 132 -2.67 46.16 -5.17
CA VAL E 132 -2.24 44.78 -5.31
C VAL E 132 -3.47 43.89 -5.39
N LEU E 133 -3.40 42.85 -6.21
CA LEU E 133 -4.47 41.87 -6.32
C LEU E 133 -4.03 40.57 -5.64
N ARG E 134 -4.78 40.15 -4.64
CA ARG E 134 -4.49 38.95 -3.86
C ARG E 134 -5.49 37.87 -4.24
N LEU E 135 -5.00 36.76 -4.79
CA LEU E 135 -5.86 35.74 -5.37
C LEU E 135 -5.39 34.35 -4.95
N ASN E 136 -6.34 33.42 -4.97
CA ASN E 136 -6.08 32.02 -4.71
C ASN E 136 -5.74 31.33 -6.03
N SER E 137 -5.73 30.00 -6.03
CA SER E 137 -5.32 29.22 -7.19
C SER E 137 -6.39 29.14 -8.27
N ASN E 138 -7.40 30.02 -8.25
CA ASN E 138 -8.42 30.00 -9.28
C ASN E 138 -7.99 30.77 -10.53
N MET E 139 -6.94 31.57 -10.44
CA MET E 139 -6.43 32.31 -11.58
C MET E 139 -5.01 31.91 -11.95
N VAL E 140 -4.55 30.75 -11.49
CA VAL E 140 -3.22 30.29 -11.86
C VAL E 140 -3.23 29.66 -13.25
N GLY E 141 -4.31 28.98 -13.61
CA GLY E 141 -4.41 28.36 -14.91
C GLY E 141 -4.83 29.28 -16.04
N LYS E 142 -4.81 30.59 -15.82
CA LYS E 142 -5.17 31.55 -16.85
C LYS E 142 -4.04 32.52 -17.20
N ILE E 143 -2.97 32.56 -16.41
CA ILE E 143 -1.82 33.41 -16.70
C ILE E 143 -0.62 32.53 -16.98
N TRP E 144 0.51 33.13 -17.33
CA TRP E 144 1.73 32.36 -17.58
C TRP E 144 2.40 32.01 -16.26
N ILE E 145 2.82 30.75 -16.13
CA ILE E 145 3.48 30.26 -14.94
C ILE E 145 4.73 29.50 -15.36
N PRO E 146 5.92 29.86 -14.88
CA PRO E 146 7.13 29.20 -15.36
C PRO E 146 7.17 27.74 -14.92
N ASP E 147 7.80 26.92 -15.75
CA ASP E 147 7.80 25.47 -15.54
C ASP E 147 9.05 25.03 -14.81
N THR E 148 9.21 25.52 -13.58
CA THR E 148 10.37 25.15 -12.78
C THR E 148 10.24 23.73 -12.27
N PHE E 149 11.25 22.91 -12.54
CA PHE E 149 11.27 21.54 -12.08
C PHE E 149 12.57 21.28 -11.34
N PHE E 150 12.53 20.35 -10.39
CA PHE E 150 13.67 20.04 -9.54
C PHE E 150 14.43 18.86 -10.14
N ARG E 151 15.68 19.09 -10.51
CA ARG E 151 16.42 18.12 -11.31
C ARG E 151 16.84 16.88 -10.55
N ASN E 152 16.78 16.88 -9.22
CA ASN E 152 17.24 15.73 -8.45
C ASN E 152 16.16 15.19 -7.52
N SER E 153 14.90 15.32 -7.91
CA SER E 153 13.78 14.86 -7.10
C SER E 153 13.33 13.49 -7.61
N LYS E 154 13.40 12.48 -6.75
CA LYS E 154 12.91 11.16 -7.14
C LYS E 154 11.39 11.21 -7.35
N LYS E 155 10.67 11.71 -6.37
CA LYS E 155 9.23 11.92 -6.48
C LYS E 155 8.85 13.13 -5.66
N ALA E 156 8.13 14.07 -6.25
CA ALA E 156 7.73 15.29 -5.58
C ALA E 156 6.35 15.70 -6.05
N ASP E 157 5.60 16.35 -5.17
CA ASP E 157 4.24 16.74 -5.48
C ASP E 157 3.81 17.87 -4.57
N ALA E 158 2.95 18.74 -5.09
CA ALA E 158 2.37 19.80 -4.29
C ALA E 158 1.25 19.24 -3.42
N HIS E 159 0.64 20.10 -2.63
CA HIS E 159 -0.43 19.69 -1.73
C HIS E 159 -1.77 20.24 -2.23
N TRP E 160 -2.83 19.47 -2.03
CA TRP E 160 -4.13 19.81 -2.58
C TRP E 160 -5.25 19.89 -1.56
N ILE E 161 -4.98 19.65 -0.28
CA ILE E 161 -6.00 19.67 0.77
C ILE E 161 -5.90 20.98 1.52
N THR E 162 -7.03 21.68 1.67
CA THR E 162 -8.32 21.24 1.17
C THR E 162 -8.57 21.74 -0.24
N THR E 163 -8.09 22.95 -0.50
CA THR E 163 -8.06 23.60 -1.78
C THR E 163 -6.61 23.75 -2.22
N PRO E 164 -6.31 23.61 -3.52
CA PRO E 164 -4.91 23.70 -3.98
C PRO E 164 -4.10 24.77 -3.29
N ASN E 165 -2.99 24.38 -2.67
CA ASN E 165 -2.17 25.29 -1.89
C ASN E 165 -1.36 26.15 -2.84
N ARG E 166 -1.93 27.28 -3.23
CA ARG E 166 -1.26 28.23 -4.10
C ARG E 166 -1.64 29.64 -3.68
N MET E 167 -0.85 30.60 -4.14
CA MET E 167 -1.06 32.01 -3.87
C MET E 167 -0.59 32.81 -5.08
N LEU E 168 -1.37 33.81 -5.47
CA LEU E 168 -1.04 34.63 -6.63
C LEU E 168 -1.30 36.09 -6.28
N ARG E 169 -0.27 36.92 -6.34
CA ARG E 169 -0.42 38.33 -6.01
C ARG E 169 0.14 39.16 -7.16
N ILE E 170 -0.74 39.84 -7.87
CA ILE E 170 -0.39 40.64 -9.03
C ILE E 170 -0.41 42.10 -8.62
N TRP E 171 0.77 42.72 -8.54
CA TRP E 171 0.86 44.10 -8.09
C TRP E 171 0.41 45.04 -9.20
N ASN E 172 0.61 46.34 -8.98
CA ASN E 172 0.08 47.34 -9.89
C ASN E 172 0.91 47.46 -11.16
N ASP E 173 2.22 47.26 -11.07
CA ASP E 173 3.13 47.42 -12.21
C ASP E 173 3.39 46.11 -12.92
N GLY E 174 2.54 45.11 -12.72
CA GLY E 174 2.68 43.83 -13.39
C GLY E 174 3.48 42.81 -12.63
N ARG E 175 4.14 43.18 -11.54
CA ARG E 175 4.95 42.24 -10.78
C ARG E 175 4.06 41.17 -10.18
N VAL E 176 4.32 39.91 -10.52
CA VAL E 176 3.54 38.78 -10.06
C VAL E 176 4.36 37.99 -9.05
N LEU E 177 3.69 37.54 -7.99
CA LEU E 177 4.25 36.63 -7.00
C LEU E 177 3.40 35.37 -6.98
N TYR E 178 4.04 34.21 -7.10
CA TYR E 178 3.36 32.93 -7.21
C TYR E 178 4.01 31.99 -6.20
N THR E 179 3.25 31.56 -5.20
CA THR E 179 3.79 30.77 -4.11
C THR E 179 3.04 29.46 -4.02
N LEU E 180 3.76 28.36 -3.84
CA LEU E 180 3.15 27.06 -3.71
C LEU E 180 3.89 26.23 -2.68
N ARG E 181 3.23 25.19 -2.19
CA ARG E 181 3.76 24.32 -1.15
C ARG E 181 4.20 23.01 -1.78
N LEU E 182 5.42 22.58 -1.46
CA LEU E 182 5.99 21.40 -2.09
C LEU E 182 6.52 20.44 -1.04
N THR E 183 6.44 19.14 -1.35
CA THR E 183 7.02 18.08 -0.54
C THR E 183 7.85 17.21 -1.47
N ILE E 184 9.17 17.42 -1.45
CA ILE E 184 10.09 16.87 -2.43
C ILE E 184 10.90 15.76 -1.79
N ASP E 185 10.91 14.60 -2.42
CA ASP E 185 11.82 13.52 -2.03
C ASP E 185 13.09 13.60 -2.87
N ALA E 186 13.94 14.55 -2.49
CA ALA E 186 15.12 14.81 -3.28
C ALA E 186 16.13 13.66 -3.14
N GLU E 187 17.04 13.58 -4.09
CA GLU E 187 18.06 12.54 -4.12
C GLU E 187 19.44 13.13 -3.97
N CYS E 188 20.27 12.49 -3.16
CA CYS E 188 21.67 12.88 -3.03
C CYS E 188 22.48 11.66 -2.63
N GLN E 189 23.51 11.36 -3.41
CA GLN E 189 24.30 10.14 -3.24
C GLN E 189 25.27 10.37 -2.09
N LEU E 190 24.93 9.82 -0.92
CA LEU E 190 25.78 9.97 0.26
C LEU E 190 27.01 9.09 0.12
N GLN E 191 28.19 9.69 0.30
CA GLN E 191 29.43 8.93 0.34
C GLN E 191 29.54 8.29 1.71
N LEU E 192 29.14 7.03 1.81
CA LEU E 192 29.06 6.38 3.11
C LEU E 192 30.39 5.81 3.55
N HIS E 193 31.44 6.63 3.52
CA HIS E 193 32.67 6.34 4.23
C HIS E 193 32.63 7.02 5.59
N ASN E 194 33.62 6.74 6.42
CA ASN E 194 33.71 7.29 7.76
C ASN E 194 32.45 7.02 8.59
N PHE E 195 31.65 6.05 8.17
CA PHE E 195 30.38 5.79 8.86
C PHE E 195 30.66 5.23 10.25
N PRO E 196 29.93 5.70 11.27
CA PRO E 196 28.88 6.73 11.19
C PRO E 196 29.36 8.13 11.55
N MET E 197 30.66 8.37 11.50
CA MET E 197 31.21 9.70 11.78
C MET E 197 31.44 10.45 10.47
N ASP E 198 30.36 10.59 9.70
CA ASP E 198 30.41 11.18 8.37
C ASP E 198 29.55 12.43 8.29
N GLU E 199 29.96 13.35 7.42
CA GLU E 199 29.24 14.57 7.15
C GLU E 199 28.88 14.63 5.67
N HIS E 200 27.66 15.08 5.37
CA HIS E 200 27.21 15.21 4.00
C HIS E 200 26.80 16.65 3.73
N SER E 201 26.79 17.00 2.46
CA SER E 201 26.28 18.31 2.00
C SER E 201 25.51 18.02 0.73
N CYS E 202 24.21 17.78 0.86
CA CYS E 202 23.58 17.25 -0.33
C CYS E 202 22.46 18.16 -0.81
N PRO E 203 22.34 18.34 -2.13
CA PRO E 203 21.68 19.54 -2.66
C PRO E 203 20.20 19.41 -2.98
N LEU E 204 19.64 20.53 -3.41
CA LEU E 204 18.30 20.61 -4.00
C LEU E 204 18.44 21.54 -5.20
N GLU E 205 18.41 20.99 -6.40
CA GLU E 205 18.63 21.73 -7.63
C GLU E 205 17.33 21.88 -8.41
N PHE E 206 17.12 23.07 -8.96
CA PHE E 206 15.93 23.31 -9.78
C PHE E 206 16.27 24.23 -10.93
N SER E 207 15.51 24.10 -12.01
CA SER E 207 15.72 24.91 -13.20
C SER E 207 14.47 24.83 -14.07
N SER E 208 14.41 25.70 -15.06
CA SER E 208 13.32 25.60 -16.02
C SER E 208 13.52 24.36 -16.88
N TYR E 209 12.42 23.85 -17.43
CA TYR E 209 12.50 22.65 -18.25
C TYR E 209 12.66 22.96 -19.73
N GLY E 210 11.73 23.73 -20.29
CA GLY E 210 11.75 23.98 -21.71
C GLY E 210 12.40 25.29 -22.12
N TYR E 211 12.62 26.19 -21.17
CA TYR E 211 13.18 27.50 -21.48
C TYR E 211 14.67 27.51 -21.18
N PRO E 212 15.52 27.72 -22.18
CA PRO E 212 16.96 27.76 -21.93
C PRO E 212 17.42 29.05 -21.29
N ARG E 213 18.75 29.22 -21.17
CA ARG E 213 19.30 30.40 -20.51
C ARG E 213 18.92 31.69 -21.23
N GLU E 214 18.65 31.63 -22.53
CA GLU E 214 18.31 32.82 -23.29
C GLU E 214 16.87 33.28 -23.06
N GLU E 215 16.05 32.50 -22.37
CA GLU E 215 14.64 32.82 -22.22
C GLU E 215 14.21 33.02 -20.78
N ILE E 216 14.64 32.16 -19.86
CA ILE E 216 14.29 32.29 -18.45
C ILE E 216 15.58 32.26 -17.64
N VAL E 217 15.83 33.31 -16.87
CA VAL E 217 17.00 33.42 -16.01
C VAL E 217 16.53 33.55 -14.58
N TYR E 218 17.00 32.64 -13.72
CA TYR E 218 16.67 32.67 -12.31
C TYR E 218 17.67 33.52 -11.55
N GLN E 219 17.28 33.97 -10.36
CA GLN E 219 18.16 34.80 -9.55
C GLN E 219 17.69 34.74 -8.10
N TRP E 220 18.59 34.35 -7.20
CA TRP E 220 18.26 34.31 -5.79
C TRP E 220 18.09 35.72 -5.23
N LYS E 221 17.29 35.83 -4.18
CA LYS E 221 17.25 37.05 -3.39
C LYS E 221 18.30 36.99 -2.29
N ARG E 222 18.55 38.15 -1.66
CA ARG E 222 19.55 38.20 -0.61
C ARG E 222 19.17 37.31 0.57
N SER E 223 17.90 37.36 0.99
CA SER E 223 17.38 36.59 2.11
C SER E 223 16.40 35.53 1.62
N SER E 224 16.74 34.88 0.51
CA SER E 224 15.83 33.95 -0.14
C SER E 224 15.43 32.77 0.74
N VAL E 225 16.38 31.90 1.05
CA VAL E 225 16.09 30.65 1.75
C VAL E 225 16.20 30.88 3.25
N GLU E 226 15.15 30.51 3.98
CA GLU E 226 15.06 30.74 5.41
C GLU E 226 14.54 29.47 6.07
N VAL E 227 15.39 28.80 6.85
CA VAL E 227 15.00 27.58 7.55
C VAL E 227 14.00 27.93 8.65
N GLY E 228 13.34 26.92 9.19
CA GLY E 228 12.34 27.13 10.21
C GLY E 228 12.90 27.19 11.62
N ASP E 229 12.40 26.32 12.49
CA ASP E 229 12.82 26.30 13.89
C ASP E 229 13.98 25.36 14.15
N THR E 230 14.23 24.41 13.25
CA THR E 230 15.32 23.44 13.34
C THR E 230 15.15 22.53 14.56
N ARG E 231 14.04 22.66 15.26
CA ARG E 231 13.75 21.84 16.44
C ARG E 231 12.69 20.78 16.18
N SER E 232 11.65 21.10 15.42
CA SER E 232 10.58 20.15 15.11
C SER E 232 10.79 19.45 13.79
N TRP E 233 12.04 19.35 13.32
CA TRP E 233 12.34 18.61 12.11
C TRP E 233 12.52 17.13 12.43
N ARG E 234 12.39 16.30 11.39
CA ARG E 234 12.55 14.86 11.54
C ARG E 234 13.97 14.40 11.25
N LEU E 235 14.97 15.27 11.47
CA LEU E 235 16.37 14.90 11.35
C LEU E 235 16.77 14.16 12.62
N TYR E 236 16.70 12.83 12.57
CA TYR E 236 17.03 12.03 13.74
C TYR E 236 18.53 11.82 13.86
N GLN E 237 19.13 11.16 12.88
CA GLN E 237 20.54 10.79 12.95
C GLN E 237 21.47 11.93 12.56
N PHE E 238 20.96 12.99 11.95
CA PHE E 238 21.79 14.09 11.48
C PHE E 238 21.51 15.33 12.29
N SER E 239 22.20 16.42 11.95
CA SER E 239 22.04 17.68 12.65
C SER E 239 22.37 18.82 11.69
N PHE E 240 21.41 19.71 11.48
CA PHE E 240 21.59 20.80 10.54
C PHE E 240 22.66 21.76 11.03
N VAL E 241 23.65 22.03 10.19
CA VAL E 241 24.74 22.94 10.55
C VAL E 241 24.84 24.14 9.63
N GLY E 242 24.25 24.11 8.43
CA GLY E 242 24.30 25.27 7.56
C GLY E 242 23.77 24.95 6.18
N LEU E 243 23.74 25.99 5.35
CA LEU E 243 23.29 25.86 3.97
C LEU E 243 24.00 26.91 3.13
N ARG E 244 23.87 26.75 1.81
CA ARG E 244 24.46 27.73 0.90
C ARG E 244 23.76 27.65 -0.45
N ASN E 245 23.56 28.79 -1.08
CA ASN E 245 22.91 28.86 -2.38
C ASN E 245 23.95 28.99 -3.48
N THR E 246 23.60 28.51 -4.67
CA THR E 246 24.55 28.46 -5.77
C THR E 246 23.79 28.54 -7.08
N THR E 247 24.36 29.25 -8.06
CA THR E 247 23.75 29.36 -9.38
C THR E 247 24.79 29.04 -10.44
N GLU E 248 24.46 28.16 -11.38
CA GLU E 248 25.38 27.87 -12.46
C GLU E 248 24.58 27.66 -13.74
N VAL E 249 25.28 27.30 -14.81
CA VAL E 249 24.68 27.07 -16.12
C VAL E 249 25.15 25.72 -16.63
N VAL E 250 24.19 24.86 -16.97
CA VAL E 250 24.49 23.52 -17.43
C VAL E 250 24.16 23.38 -18.91
N LYS E 251 24.76 22.38 -19.55
CA LYS E 251 24.56 22.08 -20.95
C LYS E 251 23.72 20.81 -21.06
N THR E 252 22.68 20.86 -21.89
CA THR E 252 21.81 19.72 -22.14
C THR E 252 21.63 19.57 -23.65
N THR E 253 21.06 18.44 -24.06
CA THR E 253 20.83 18.18 -25.47
C THR E 253 19.96 19.25 -26.13
N SER E 254 19.20 20.01 -25.35
CA SER E 254 18.36 21.06 -25.90
C SER E 254 19.04 22.43 -25.91
N GLY E 255 19.78 22.76 -24.86
CA GLY E 255 20.43 24.05 -24.81
C GLY E 255 21.11 24.27 -23.47
N ASP E 256 21.38 25.54 -23.18
CA ASP E 256 22.02 25.95 -21.93
C ASP E 256 20.97 26.42 -20.94
N TYR E 257 21.00 25.86 -19.73
CA TYR E 257 19.99 26.14 -18.73
C TYR E 257 20.61 26.72 -17.47
N VAL E 258 19.86 27.59 -16.80
CA VAL E 258 20.29 28.19 -15.55
C VAL E 258 19.79 27.30 -14.42
N VAL E 259 20.72 26.63 -13.75
CA VAL E 259 20.40 25.66 -12.71
C VAL E 259 20.76 26.29 -11.37
N MET E 260 19.76 26.45 -10.50
CA MET E 260 20.00 26.93 -9.15
C MET E 260 20.06 25.74 -8.21
N SER E 261 20.79 25.91 -7.11
CA SER E 261 20.98 24.85 -6.14
C SER E 261 20.97 25.44 -4.75
N VAL E 262 20.49 24.64 -3.80
CA VAL E 262 20.59 24.94 -2.38
C VAL E 262 21.22 23.72 -1.71
N TYR E 263 22.40 23.89 -1.14
CA TYR E 263 23.11 22.82 -0.48
C TYR E 263 22.85 22.87 1.02
N PHE E 264 22.34 21.78 1.57
CA PHE E 264 22.14 21.62 3.00
C PHE E 264 23.26 20.76 3.56
N ASP E 265 23.88 21.23 4.64
CA ASP E 265 24.98 20.51 5.29
C ASP E 265 24.44 19.76 6.49
N LEU E 266 24.50 18.44 6.43
CA LEU E 266 24.00 17.58 7.50
C LEU E 266 25.17 16.83 8.12
N SER E 267 25.22 16.82 9.45
CA SER E 267 26.29 16.14 10.18
C SER E 267 25.68 15.03 11.01
N ARG E 268 26.11 13.80 10.77
CA ARG E 268 25.55 12.65 11.47
C ARG E 268 25.97 12.68 12.92
N ARG E 269 25.01 12.80 13.82
CA ARG E 269 25.31 12.76 15.25
C ARG E 269 25.36 11.32 15.72
N MET E 270 26.44 10.96 16.40
CA MET E 270 26.70 9.58 16.79
C MET E 270 26.21 9.38 18.22
N GLY E 271 24.94 9.04 18.36
CA GLY E 271 24.36 8.72 19.64
C GLY E 271 23.60 7.41 19.63
N TYR E 272 23.23 6.95 18.45
CA TYR E 272 22.43 5.74 18.29
C TYR E 272 23.27 4.54 17.86
N PHE E 273 24.09 4.69 16.82
CA PHE E 273 24.94 3.59 16.38
C PHE E 273 25.93 3.19 17.46
N THR E 274 26.27 4.09 18.37
CA THR E 274 27.10 3.74 19.51
C THR E 274 26.45 2.60 20.28
N ILE E 275 25.28 2.87 20.89
CA ILE E 275 24.59 1.84 21.66
C ILE E 275 24.06 0.71 20.81
N GLN E 276 24.06 0.87 19.49
CA GLN E 276 23.55 -0.21 18.65
C GLN E 276 24.61 -1.22 18.25
N THR E 277 25.83 -0.78 17.93
CA THR E 277 26.85 -1.73 17.51
C THR E 277 28.16 -1.59 18.29
N TYR E 278 28.55 -0.38 18.68
CA TYR E 278 29.86 -0.23 19.30
C TYR E 278 29.90 -0.78 20.71
N ILE E 279 28.80 -0.71 21.44
CA ILE E 279 28.73 -1.24 22.79
C ILE E 279 28.60 -2.76 22.76
N PRO E 280 27.63 -3.33 22.02
CA PRO E 280 27.52 -4.80 22.04
C PRO E 280 28.74 -5.51 21.49
N CYS E 281 29.43 -4.93 20.51
CA CYS E 281 30.60 -5.60 19.94
C CYS E 281 31.74 -5.69 20.97
N THR E 282 32.08 -4.58 21.60
CA THR E 282 33.14 -4.60 22.60
C THR E 282 32.74 -5.45 23.81
N LEU E 283 31.46 -5.43 24.18
CA LEU E 283 31.03 -6.28 25.28
C LEU E 283 31.12 -7.76 24.92
N ILE E 284 30.86 -8.10 23.65
CA ILE E 284 31.06 -9.47 23.19
C ILE E 284 32.54 -9.83 23.21
N VAL E 285 33.41 -8.87 22.88
CA VAL E 285 34.84 -9.15 22.88
C VAL E 285 35.34 -9.42 24.29
N VAL E 286 34.88 -8.63 25.27
CA VAL E 286 35.32 -8.88 26.64
C VAL E 286 34.68 -10.16 27.19
N LEU E 287 33.46 -10.47 26.74
CA LEU E 287 32.88 -11.79 27.00
C LEU E 287 33.81 -12.91 26.52
N SER E 288 34.40 -12.72 25.34
CA SER E 288 35.35 -13.73 24.85
C SER E 288 36.62 -13.74 25.69
N TRP E 289 37.08 -12.57 26.13
CA TRP E 289 38.29 -12.52 26.96
C TRP E 289 38.11 -13.23 28.28
N VAL E 290 36.89 -13.23 28.82
CA VAL E 290 36.64 -13.88 30.11
C VAL E 290 37.20 -15.28 30.15
N SER E 291 37.24 -15.97 29.00
CA SER E 291 37.76 -17.32 28.95
C SER E 291 39.22 -17.41 29.37
N PHE E 292 39.97 -16.31 29.27
CA PHE E 292 41.39 -16.35 29.60
C PHE E 292 41.63 -16.54 31.09
N TRP E 293 40.61 -16.37 31.92
CA TRP E 293 40.74 -16.56 33.36
C TRP E 293 40.19 -17.89 33.84
N ILE E 294 39.29 -18.52 33.08
CA ILE E 294 38.77 -19.82 33.45
C ILE E 294 39.88 -20.85 33.36
N ASN E 295 39.91 -21.79 34.31
CA ASN E 295 40.97 -22.78 34.38
C ASN E 295 41.06 -23.58 33.08
N LYS E 296 42.30 -23.94 32.73
CA LYS E 296 42.57 -24.59 31.45
C LYS E 296 42.09 -26.04 31.39
N ASP E 297 41.68 -26.61 32.51
CA ASP E 297 41.20 -28.00 32.48
C ASP E 297 39.77 -28.10 31.96
N ALA E 298 38.95 -27.09 32.23
CA ALA E 298 37.56 -27.10 31.76
C ALA E 298 37.53 -26.78 30.28
N VAL E 299 37.56 -27.81 29.43
CA VAL E 299 37.58 -27.64 27.98
C VAL E 299 36.21 -27.18 27.47
N PRO E 300 35.11 -27.88 27.75
CA PRO E 300 33.83 -27.49 27.14
C PRO E 300 33.42 -26.07 27.45
N ALA E 301 33.71 -25.57 28.65
CA ALA E 301 33.35 -24.20 28.99
C ALA E 301 34.03 -23.21 28.05
N ARG E 302 35.34 -23.36 27.86
CA ARG E 302 36.07 -22.39 27.04
C ARG E 302 35.74 -22.54 25.57
N THR E 303 35.56 -23.78 25.09
CA THR E 303 35.16 -23.96 23.70
C THR E 303 33.78 -23.35 23.44
N SER E 304 32.83 -23.56 24.35
CA SER E 304 31.50 -22.96 24.19
C SER E 304 31.59 -21.44 24.20
N LEU E 305 32.33 -20.88 25.16
CA LEU E 305 32.57 -19.43 25.17
C LEU E 305 33.02 -18.94 23.80
N GLY E 306 34.13 -19.49 23.31
CA GLY E 306 34.69 -19.02 22.06
C GLY E 306 33.72 -19.11 20.90
N ILE E 307 33.11 -20.29 20.72
CA ILE E 307 32.37 -20.52 19.49
C ILE E 307 31.03 -19.77 19.52
N THR E 308 30.38 -19.70 20.69
CA THR E 308 29.14 -18.94 20.78
C THR E 308 29.41 -17.45 20.64
N THR E 309 30.56 -16.98 21.14
CA THR E 309 30.93 -15.59 20.93
C THR E 309 31.15 -15.30 19.45
N VAL E 310 31.75 -16.24 18.71
CA VAL E 310 31.90 -16.06 17.27
C VAL E 310 30.54 -15.99 16.58
N LEU E 311 29.61 -16.85 16.99
CA LEU E 311 28.28 -16.85 16.40
C LEU E 311 27.56 -15.51 16.64
N THR E 312 27.57 -15.04 17.88
CA THR E 312 26.94 -13.76 18.16
C THR E 312 27.64 -12.63 17.41
N MET E 313 28.96 -12.73 17.26
CA MET E 313 29.70 -11.70 16.54
C MET E 313 29.27 -11.63 15.08
N THR E 314 29.13 -12.79 14.43
CA THR E 314 28.74 -12.75 13.02
C THR E 314 27.29 -12.27 12.87
N THR E 315 26.41 -12.64 13.80
CA THR E 315 25.05 -12.11 13.75
C THR E 315 25.02 -10.59 13.88
N LEU E 316 25.83 -10.05 14.81
CA LEU E 316 25.86 -8.61 15.01
C LEU E 316 26.48 -7.91 13.80
N SER E 317 27.47 -8.53 13.17
CA SER E 317 28.03 -7.97 11.96
C SER E 317 26.99 -7.92 10.85
N THR E 318 26.19 -8.98 10.73
CA THR E 318 25.10 -9.00 9.75
C THR E 318 24.16 -7.82 9.99
N ILE E 319 23.76 -7.60 11.23
CA ILE E 319 22.83 -6.49 11.52
C ILE E 319 23.47 -5.15 11.17
N ALA E 320 24.70 -4.92 11.65
CA ALA E 320 25.37 -3.65 11.43
C ALA E 320 25.49 -3.35 9.94
N ARG E 321 25.87 -4.35 9.14
CA ARG E 321 25.98 -4.13 7.70
C ARG E 321 24.61 -3.98 7.05
N LYS E 322 23.58 -4.59 7.64
CA LYS E 322 22.23 -4.45 7.11
C LYS E 322 21.66 -3.07 7.37
N SER E 323 22.24 -2.31 8.30
CA SER E 323 21.76 -0.96 8.58
C SER E 323 21.73 -0.10 7.31
N LEU E 324 22.90 0.10 6.69
CA LEU E 324 23.06 0.94 5.51
C LEU E 324 22.98 0.10 4.24
N PRO E 325 22.81 0.73 3.05
CA PRO E 325 22.59 -0.06 1.84
C PRO E 325 23.79 -0.89 1.39
N LYS E 326 23.64 -1.62 0.30
CA LYS E 326 24.70 -2.45 -0.24
C LYS E 326 25.75 -1.57 -0.91
N VAL E 327 26.92 -1.44 -0.30
CA VAL E 327 28.02 -0.68 -0.86
C VAL E 327 29.24 -1.59 -0.93
N SER E 328 29.98 -1.48 -2.03
CA SER E 328 31.08 -2.40 -2.31
C SER E 328 32.39 -2.00 -1.66
N TYR E 329 32.44 -0.90 -0.93
CA TYR E 329 33.66 -0.51 -0.23
C TYR E 329 33.55 -0.81 1.26
N VAL E 330 34.67 -0.59 1.95
CA VAL E 330 34.78 -0.89 3.37
C VAL E 330 34.57 0.40 4.16
N THR E 331 33.58 0.40 5.04
CA THR E 331 33.26 1.56 5.84
C THR E 331 34.10 1.55 7.11
N ALA E 332 33.75 2.38 8.08
CA ALA E 332 34.42 2.40 9.36
C ALA E 332 33.72 1.55 10.41
N MET E 333 32.48 1.14 10.17
CA MET E 333 31.77 0.31 11.13
C MET E 333 32.00 -1.17 10.88
N ASP E 334 31.89 -1.61 9.63
CA ASP E 334 32.17 -3.00 9.33
C ASP E 334 33.64 -3.33 9.51
N LEU E 335 34.52 -2.34 9.37
CA LEU E 335 35.92 -2.51 9.75
C LEU E 335 36.02 -2.86 11.24
N PHE E 336 35.27 -2.14 12.07
CA PHE E 336 35.27 -2.40 13.51
C PHE E 336 34.75 -3.80 13.80
N VAL E 337 33.63 -4.18 13.19
CA VAL E 337 33.06 -5.49 13.49
C VAL E 337 33.94 -6.61 12.95
N SER E 338 34.67 -6.36 11.86
CA SER E 338 35.59 -7.38 11.35
C SER E 338 36.79 -7.52 12.26
N VAL E 339 37.30 -6.41 12.81
CA VAL E 339 38.40 -6.52 13.76
C VAL E 339 37.96 -7.26 15.01
N CYS E 340 36.72 -7.01 15.47
CA CYS E 340 36.21 -7.76 16.61
C CYS E 340 36.09 -9.25 16.30
N PHE E 341 35.59 -9.57 15.11
CA PHE E 341 35.49 -10.98 14.70
C PHE E 341 36.87 -11.63 14.69
N ILE E 342 37.87 -10.90 14.19
CA ILE E 342 39.24 -11.42 14.15
C ILE E 342 39.77 -11.63 15.57
N PHE E 343 39.42 -10.72 16.49
CA PHE E 343 39.88 -10.87 17.86
C PHE E 343 39.27 -12.11 18.52
N VAL E 344 37.99 -12.37 18.28
CA VAL E 344 37.38 -13.57 18.84
C VAL E 344 37.98 -14.83 18.22
N PHE E 345 38.19 -14.80 16.90
CA PHE E 345 38.87 -15.91 16.24
C PHE E 345 40.24 -16.17 16.86
N SER E 346 40.98 -15.10 17.14
CA SER E 346 42.30 -15.23 17.72
C SER E 346 42.22 -15.83 19.13
N ALA E 347 41.24 -15.40 19.92
CA ALA E 347 41.09 -15.96 21.25
C ALA E 347 40.81 -17.46 21.19
N LEU E 348 39.92 -17.87 20.28
CA LEU E 348 39.58 -19.29 20.18
C LEU E 348 40.78 -20.11 19.74
N VAL E 349 41.50 -19.65 18.70
CA VAL E 349 42.65 -20.43 18.25
C VAL E 349 43.75 -20.42 19.30
N GLU E 350 43.83 -19.35 20.10
CA GLU E 350 44.80 -19.30 21.18
C GLU E 350 44.50 -20.38 22.21
N TYR E 351 43.24 -20.52 22.60
CA TYR E 351 42.90 -21.59 23.53
C TYR E 351 43.14 -22.97 22.91
N GLY E 352 42.89 -23.10 21.61
CA GLY E 352 43.16 -24.37 20.94
C GLY E 352 44.62 -24.77 21.03
N THR E 353 45.52 -23.83 20.69
CA THR E 353 46.95 -24.10 20.81
C THR E 353 47.36 -24.33 22.25
N LEU E 354 46.73 -23.63 23.20
CA LEU E 354 47.03 -23.85 24.60
C LEU E 354 46.71 -25.28 25.00
N HIS E 355 45.53 -25.77 24.62
CA HIS E 355 45.15 -27.13 24.99
C HIS E 355 46.03 -28.16 24.29
N TYR E 356 46.44 -27.88 23.05
CA TYR E 356 47.30 -28.83 22.36
C TYR E 356 48.68 -28.88 23.01
N PHE E 357 49.20 -27.73 23.45
CA PHE E 357 50.51 -27.70 24.06
C PHE E 357 50.52 -28.18 25.51
N VAL E 358 49.36 -28.17 26.17
CA VAL E 358 49.29 -28.70 27.53
C VAL E 358 49.74 -30.15 27.57
N SER E 359 49.35 -30.93 26.56
CA SER E 359 49.74 -32.33 26.52
C SER E 359 51.25 -32.47 26.28
N SER E 360 51.84 -31.58 25.49
CA SER E 360 53.27 -31.65 25.22
C SER E 360 54.08 -31.06 26.36
N GLN E 361 53.92 -29.76 26.62
CA GLN E 361 54.64 -29.08 27.69
C GLN E 361 53.70 -28.13 28.43
N PRO E 362 53.43 -28.38 29.72
CA PRO E 362 52.42 -27.56 30.41
C PRO E 362 52.88 -26.14 30.71
N ALA E 363 54.15 -25.96 31.07
CA ALA E 363 54.62 -24.62 31.44
C ALA E 363 54.51 -23.64 30.28
N ARG E 364 54.66 -24.13 29.05
CA ARG E 364 54.49 -23.28 27.88
C ARG E 364 53.09 -22.66 27.87
N ALA E 365 52.06 -23.49 28.03
CA ALA E 365 50.70 -22.98 28.06
C ALA E 365 50.43 -22.14 29.30
N ALA E 366 51.02 -22.52 30.43
CA ALA E 366 50.84 -21.73 31.65
C ALA E 366 51.36 -20.32 31.47
N LYS E 367 52.50 -20.15 30.80
CA LYS E 367 53.00 -18.81 30.51
C LYS E 367 52.19 -18.14 29.41
N MET E 368 51.70 -18.91 28.44
CA MET E 368 50.92 -18.35 27.35
C MET E 368 49.64 -17.71 27.86
N ASP E 369 49.03 -18.30 28.88
CA ASP E 369 47.79 -17.75 29.43
C ASP E 369 48.00 -16.35 29.98
N SER E 370 49.00 -16.19 30.87
CA SER E 370 49.27 -14.89 31.45
C SER E 370 49.81 -13.91 30.43
N TYR E 371 50.48 -14.40 29.38
CA TYR E 371 50.91 -13.51 28.31
C TYR E 371 49.72 -12.95 27.54
N ALA E 372 48.75 -13.82 27.22
CA ALA E 372 47.57 -13.38 26.49
C ALA E 372 46.73 -12.43 27.32
N ARG E 373 46.64 -12.68 28.64
CA ARG E 373 45.86 -11.81 29.53
C ARG E 373 46.29 -10.35 29.43
N ILE E 374 47.54 -10.09 29.07
CA ILE E 374 48.04 -8.72 28.95
C ILE E 374 48.05 -8.29 27.50
N PHE E 375 48.34 -9.22 26.59
CA PHE E 375 48.49 -8.86 25.18
C PHE E 375 47.15 -8.54 24.53
N PHE E 376 46.06 -9.18 24.96
CA PHE E 376 44.78 -8.98 24.28
C PHE E 376 44.15 -7.62 24.60
N PRO E 377 43.92 -7.26 25.87
CA PRO E 377 43.31 -5.95 26.13
C PRO E 377 44.16 -4.79 25.69
N THR E 378 45.49 -4.92 25.77
CA THR E 378 46.38 -3.85 25.31
C THR E 378 46.23 -3.64 23.81
N ALA E 379 46.23 -4.72 23.04
CA ALA E 379 46.05 -4.60 21.60
C ALA E 379 44.69 -4.03 21.25
N PHE E 380 43.65 -4.44 21.98
CA PHE E 380 42.33 -3.90 21.71
C PHE E 380 42.26 -2.41 22.02
N CYS E 381 42.85 -1.98 23.14
CA CYS E 381 42.81 -0.57 23.50
C CYS E 381 43.61 0.27 22.51
N LEU E 382 44.76 -0.24 22.07
CA LEU E 382 45.56 0.47 21.07
C LEU E 382 44.78 0.60 19.77
N PHE E 383 44.16 -0.49 19.31
CA PHE E 383 43.38 -0.42 18.08
C PHE E 383 42.22 0.55 18.22
N ASN E 384 41.52 0.53 19.35
CA ASN E 384 40.40 1.45 19.54
C ASN E 384 40.87 2.90 19.51
N LEU E 385 41.97 3.20 20.19
CA LEU E 385 42.50 4.56 20.19
C LEU E 385 42.84 5.00 18.77
N VAL E 386 43.61 4.17 18.05
CA VAL E 386 44.02 4.52 16.70
C VAL E 386 42.80 4.73 15.80
N TYR E 387 41.85 3.79 15.87
CA TYR E 387 40.67 3.84 15.01
C TYR E 387 39.84 5.09 15.29
N TRP E 388 39.56 5.36 16.56
CA TRP E 388 38.73 6.51 16.90
C TRP E 388 39.42 7.82 16.55
N VAL E 389 40.73 7.92 16.78
CA VAL E 389 41.45 9.14 16.43
C VAL E 389 41.44 9.33 14.92
N SER E 390 41.73 8.27 14.17
CA SER E 390 41.82 8.39 12.72
C SER E 390 40.48 8.70 12.08
N TYR E 391 39.38 8.16 12.62
CA TYR E 391 38.08 8.34 12.00
C TYR E 391 37.28 9.49 12.58
N LEU E 392 37.71 10.08 13.69
CA LEU E 392 37.04 11.27 14.20
C LEU E 392 37.68 12.55 13.67
N TYR E 393 39.01 12.60 13.62
CA TYR E 393 39.72 13.78 13.13
C TYR E 393 40.12 13.60 11.67
N LEU E 394 39.09 13.48 10.83
CA LEU E 394 39.29 13.24 9.41
C LEU E 394 38.36 14.10 8.57
N ASN F 1 -5.38 -32.53 -34.35
CA ASN F 1 -6.62 -33.20 -34.68
C ASN F 1 -7.25 -33.81 -33.43
N ILE F 2 -8.45 -33.36 -33.09
CA ILE F 2 -9.21 -33.86 -31.95
C ILE F 2 -10.24 -34.84 -32.49
N VAL F 3 -10.09 -36.11 -32.15
CA VAL F 3 -10.99 -37.15 -32.63
C VAL F 3 -12.19 -37.24 -31.71
N MET F 4 -13.37 -37.43 -32.31
CA MET F 4 -14.63 -37.49 -31.57
C MET F 4 -15.23 -38.88 -31.76
N THR F 5 -15.26 -39.67 -30.70
CA THR F 5 -15.89 -40.99 -30.74
C THR F 5 -17.35 -40.81 -30.38
N GLN F 6 -18.23 -40.97 -31.37
CA GLN F 6 -19.66 -40.83 -31.16
C GLN F 6 -20.30 -42.21 -31.04
N SER F 7 -21.10 -42.40 -29.99
CA SER F 7 -21.71 -43.68 -29.70
C SER F 7 -23.21 -43.50 -29.45
N PRO F 8 -24.02 -44.52 -29.81
CA PRO F 8 -23.60 -45.75 -30.47
C PRO F 8 -23.57 -45.63 -31.99
N LYS F 9 -22.87 -46.54 -32.66
CA LYS F 9 -22.70 -46.44 -34.11
C LYS F 9 -24.03 -46.61 -34.85
N SER F 10 -24.98 -47.35 -34.27
CA SER F 10 -26.27 -47.56 -34.90
C SER F 10 -27.24 -48.06 -33.85
N MET F 11 -28.34 -47.33 -33.64
CA MET F 11 -29.29 -47.71 -32.61
C MET F 11 -30.71 -47.44 -33.09
N SER F 12 -31.65 -48.24 -32.59
CA SER F 12 -33.05 -48.17 -33.00
C SER F 12 -33.92 -48.06 -31.75
N MET F 13 -34.79 -47.05 -31.73
CA MET F 13 -35.70 -46.85 -30.62
C MET F 13 -37.08 -46.52 -31.17
N SER F 14 -38.11 -46.99 -30.48
CA SER F 14 -39.48 -46.78 -30.88
C SER F 14 -39.90 -45.34 -30.54
N VAL F 15 -41.18 -45.04 -30.73
CA VAL F 15 -41.67 -43.68 -30.57
C VAL F 15 -42.17 -43.49 -29.15
N GLY F 16 -41.69 -42.43 -28.49
CA GLY F 16 -42.18 -42.03 -27.19
C GLY F 16 -41.25 -42.28 -26.02
N GLU F 17 -39.99 -42.61 -26.25
CA GLU F 17 -39.05 -42.86 -25.17
C GLU F 17 -37.85 -41.93 -25.28
N ARG F 18 -37.26 -41.61 -24.12
CA ARG F 18 -36.09 -40.76 -24.07
C ARG F 18 -34.87 -41.50 -24.62
N VAL F 19 -34.19 -40.87 -25.58
CA VAL F 19 -33.00 -41.45 -26.19
C VAL F 19 -31.81 -40.56 -25.89
N THR F 20 -30.67 -41.18 -25.60
CA THR F 20 -29.45 -40.47 -25.24
C THR F 20 -28.32 -40.90 -26.16
N LEU F 21 -27.75 -39.93 -26.88
CA LEU F 21 -26.56 -40.14 -27.68
C LEU F 21 -25.35 -39.55 -26.97
N SER F 22 -24.18 -40.17 -27.18
CA SER F 22 -22.97 -39.72 -26.50
C SER F 22 -21.90 -39.39 -27.53
N CYS F 23 -21.05 -38.43 -27.17
CA CYS F 23 -19.97 -37.99 -28.05
C CYS F 23 -18.81 -37.62 -27.13
N LYS F 24 -17.75 -38.42 -27.16
CA LYS F 24 -16.60 -38.20 -26.29
C LYS F 24 -15.41 -37.78 -27.12
N ALA F 25 -14.82 -36.64 -26.76
CA ALA F 25 -13.67 -36.13 -27.48
C ALA F 25 -12.39 -36.79 -26.98
N SER F 26 -11.27 -36.42 -27.60
CA SER F 26 -9.97 -36.89 -27.14
C SER F 26 -9.33 -35.88 -26.19
N GLU F 27 -9.13 -34.65 -26.66
CA GLU F 27 -8.56 -33.59 -25.85
C GLU F 27 -9.68 -32.78 -25.22
N TYR F 28 -9.35 -31.60 -24.69
CA TYR F 28 -10.33 -30.70 -24.11
C TYR F 28 -11.05 -29.94 -25.22
N VAL F 29 -12.38 -29.94 -25.17
CA VAL F 29 -13.21 -29.07 -26.00
C VAL F 29 -14.29 -28.52 -25.07
N GLY F 30 -14.11 -27.29 -24.60
CA GLY F 30 -14.97 -26.79 -23.55
C GLY F 30 -16.24 -26.15 -24.05
N THR F 31 -17.34 -26.91 -24.01
CA THR F 31 -18.65 -26.42 -24.42
C THR F 31 -18.62 -25.84 -25.83
N TYR F 32 -17.90 -26.51 -26.73
CA TYR F 32 -17.75 -26.07 -28.11
C TYR F 32 -18.05 -27.20 -29.07
N VAL F 33 -19.02 -28.05 -28.75
CA VAL F 33 -19.39 -29.17 -29.59
C VAL F 33 -20.82 -28.99 -30.03
N SER F 34 -21.03 -28.94 -31.34
CA SER F 34 -22.37 -28.75 -31.89
C SER F 34 -22.93 -30.07 -32.40
N TRP F 35 -24.26 -30.13 -32.42
CA TRP F 35 -24.98 -31.33 -32.82
C TRP F 35 -25.86 -30.98 -34.02
N TYR F 36 -25.66 -31.71 -35.11
CA TYR F 36 -26.36 -31.53 -36.37
C TYR F 36 -27.24 -32.73 -36.69
N GLN F 37 -28.34 -32.46 -37.38
CA GLN F 37 -29.31 -33.47 -37.80
C GLN F 37 -29.33 -33.50 -39.32
N GLN F 38 -28.84 -34.58 -39.90
CA GLN F 38 -28.75 -34.74 -41.35
C GLN F 38 -29.77 -35.81 -41.78
N LYS F 39 -30.93 -35.35 -42.23
CA LYS F 39 -31.89 -36.25 -42.85
C LYS F 39 -31.36 -36.72 -44.20
N PRO F 40 -31.92 -37.80 -44.75
CA PRO F 40 -31.48 -38.27 -46.07
C PRO F 40 -31.71 -37.20 -47.14
N GLU F 41 -30.84 -37.25 -48.15
CA GLU F 41 -30.85 -36.31 -49.29
C GLU F 41 -30.99 -34.85 -48.84
N GLN F 42 -30.45 -34.52 -47.68
CA GLN F 42 -30.54 -33.17 -47.15
C GLN F 42 -29.21 -32.77 -46.52
N SER F 43 -29.01 -31.47 -46.43
CA SER F 43 -27.83 -30.94 -45.78
C SER F 43 -28.05 -30.88 -44.27
N PRO F 44 -26.98 -31.01 -43.47
CA PRO F 44 -27.15 -30.97 -42.02
C PRO F 44 -27.70 -29.64 -41.55
N LYS F 45 -28.55 -29.71 -40.53
CA LYS F 45 -29.12 -28.53 -39.89
C LYS F 45 -28.67 -28.50 -38.45
N LEU F 46 -28.17 -27.34 -38.01
CA LEU F 46 -27.66 -27.22 -36.65
C LEU F 46 -28.80 -27.38 -35.65
N LEU F 47 -28.61 -28.28 -34.69
CA LEU F 47 -29.58 -28.50 -33.63
C LEU F 47 -29.12 -27.89 -32.32
N ILE F 48 -27.92 -28.23 -31.86
CA ILE F 48 -27.44 -27.81 -30.54
C ILE F 48 -26.09 -27.13 -30.72
N TYR F 49 -26.06 -25.81 -30.65
CA TYR F 49 -24.80 -25.10 -30.69
C TYR F 49 -24.26 -24.88 -29.28
N GLY F 50 -23.03 -24.39 -29.21
CA GLY F 50 -22.39 -24.28 -27.91
C GLY F 50 -22.18 -25.68 -27.35
N ALA F 51 -22.74 -25.93 -26.18
CA ALA F 51 -22.84 -27.28 -25.64
C ALA F 51 -24.28 -27.70 -25.40
N SER F 52 -25.06 -26.84 -24.75
CA SER F 52 -26.50 -27.06 -24.54
C SER F 52 -27.19 -25.73 -24.80
N ASN F 53 -27.57 -25.50 -26.06
CA ASN F 53 -28.21 -24.25 -26.47
C ASN F 53 -28.96 -24.55 -27.74
N ARG F 54 -30.30 -24.49 -27.68
CA ARG F 54 -31.10 -24.83 -28.84
C ARG F 54 -31.03 -23.72 -29.88
N TYR F 55 -30.82 -24.09 -31.13
CA TYR F 55 -30.88 -23.14 -32.22
C TYR F 55 -32.31 -22.65 -32.41
N THR F 56 -32.44 -21.45 -32.98
CA THR F 56 -33.75 -20.83 -33.14
C THR F 56 -34.59 -21.65 -34.11
N GLY F 57 -35.58 -22.36 -33.58
CA GLY F 57 -36.45 -23.19 -34.40
C GLY F 57 -36.34 -24.66 -34.08
N VAL F 58 -35.67 -24.98 -32.98
CA VAL F 58 -35.47 -26.36 -32.54
C VAL F 58 -36.50 -26.69 -31.48
N PRO F 59 -37.20 -27.83 -31.57
CA PRO F 59 -38.17 -28.19 -30.54
C PRO F 59 -37.51 -28.39 -29.18
N ASP F 60 -38.35 -28.42 -28.14
CA ASP F 60 -37.87 -28.50 -26.77
C ASP F 60 -37.50 -29.92 -26.35
N ARG F 61 -37.60 -30.90 -27.25
CA ARG F 61 -37.21 -32.26 -26.89
C ARG F 61 -35.73 -32.52 -27.07
N PHE F 62 -35.06 -31.79 -27.96
CA PHE F 62 -33.61 -31.89 -28.09
C PHE F 62 -32.96 -31.05 -27.01
N THR F 63 -32.15 -31.67 -26.17
CA THR F 63 -31.37 -30.88 -25.21
C THR F 63 -30.04 -31.58 -24.94
N GLY F 64 -29.01 -30.77 -24.72
CA GLY F 64 -27.67 -31.26 -24.59
C GLY F 64 -27.17 -31.18 -23.15
N SER F 65 -26.09 -31.91 -22.90
CA SER F 65 -25.43 -31.90 -21.60
C SER F 65 -23.94 -31.89 -21.85
N GLY F 66 -23.29 -30.83 -21.36
CA GLY F 66 -21.91 -30.56 -21.70
C GLY F 66 -20.94 -30.87 -20.57
N SER F 67 -19.67 -30.90 -20.93
CA SER F 67 -18.57 -31.12 -20.01
C SER F 67 -17.29 -30.68 -20.70
N ALA F 68 -16.14 -31.09 -20.16
CA ALA F 68 -14.88 -30.78 -20.82
C ALA F 68 -14.63 -31.71 -21.99
N THR F 69 -14.93 -33.00 -21.84
CA THR F 69 -14.65 -33.98 -22.88
C THR F 69 -15.89 -34.72 -23.36
N ASP F 70 -16.73 -35.21 -22.45
CA ASP F 70 -17.86 -36.04 -22.79
C ASP F 70 -19.13 -35.20 -22.87
N PHE F 71 -19.94 -35.45 -23.90
CA PHE F 71 -21.17 -34.71 -24.10
C PHE F 71 -22.30 -35.66 -24.46
N THR F 72 -23.52 -35.30 -24.07
CA THR F 72 -24.69 -36.10 -24.37
C THR F 72 -25.76 -35.26 -25.04
N LEU F 73 -26.61 -35.92 -25.83
CA LEU F 73 -27.76 -35.28 -26.46
C LEU F 73 -28.98 -36.15 -26.21
N THR F 74 -30.00 -35.59 -25.56
CA THR F 74 -31.20 -36.32 -25.19
C THR F 74 -32.38 -35.83 -25.99
N ILE F 75 -33.11 -36.77 -26.57
CA ILE F 75 -34.37 -36.51 -27.27
C ILE F 75 -35.45 -37.27 -26.52
N GLY F 76 -36.22 -36.55 -25.71
CA GLY F 76 -37.36 -37.16 -25.03
C GLY F 76 -38.54 -37.28 -25.98
N SER F 77 -39.11 -38.49 -26.04
CA SER F 77 -40.32 -38.78 -26.82
C SER F 77 -40.12 -38.42 -28.30
N VAL F 78 -39.23 -39.19 -28.94
CA VAL F 78 -38.97 -38.98 -30.36
C VAL F 78 -40.26 -39.14 -31.16
N GLN F 79 -40.35 -38.37 -32.24
CA GLN F 79 -41.48 -38.45 -33.16
C GLN F 79 -41.09 -39.32 -34.35
N ALA F 80 -41.95 -39.32 -35.38
CA ALA F 80 -41.67 -40.07 -36.58
C ALA F 80 -40.70 -39.36 -37.52
N GLU F 81 -40.53 -38.05 -37.37
CA GLU F 81 -39.67 -37.27 -38.24
C GLU F 81 -38.27 -37.06 -37.66
N ASP F 82 -38.02 -37.54 -36.45
CA ASP F 82 -36.71 -37.38 -35.83
C ASP F 82 -35.69 -38.42 -36.31
N LEU F 83 -36.03 -39.19 -37.35
CA LEU F 83 -35.16 -40.26 -37.82
C LEU F 83 -34.20 -39.69 -38.87
N ALA F 84 -32.94 -39.55 -38.49
CA ALA F 84 -31.92 -39.00 -39.37
C ALA F 84 -30.56 -39.38 -38.80
N ASP F 85 -29.50 -38.85 -39.40
CA ASP F 85 -28.16 -38.98 -38.84
C ASP F 85 -27.93 -37.85 -37.86
N TYR F 86 -27.15 -38.12 -36.82
CA TYR F 86 -26.88 -37.14 -35.77
C TYR F 86 -25.37 -37.04 -35.57
N HIS F 87 -24.80 -35.92 -36.01
CA HIS F 87 -23.35 -35.74 -36.00
C HIS F 87 -22.96 -34.73 -34.93
N CYS F 88 -22.00 -35.11 -34.08
CA CYS F 88 -21.39 -34.17 -33.16
C CYS F 88 -20.08 -33.68 -33.76
N GLY F 89 -19.80 -32.40 -33.59
CA GLY F 89 -18.57 -31.85 -34.11
C GLY F 89 -18.03 -30.76 -33.22
N GLN F 90 -16.78 -30.90 -32.79
CA GLN F 90 -16.17 -29.89 -31.95
C GLN F 90 -15.67 -28.72 -32.80
N SER F 91 -15.47 -27.58 -32.14
CA SER F 91 -14.94 -26.40 -32.81
C SER F 91 -13.89 -25.68 -31.97
N TYR F 92 -13.53 -26.23 -30.80
CA TYR F 92 -12.48 -25.62 -30.00
C TYR F 92 -11.16 -25.56 -30.75
N SER F 93 -10.92 -26.51 -31.62
CA SER F 93 -9.83 -26.49 -32.59
C SER F 93 -10.46 -26.52 -33.98
N TYR F 94 -9.64 -26.76 -34.98
CA TYR F 94 -10.16 -26.98 -36.32
C TYR F 94 -11.24 -28.07 -36.28
N PRO F 95 -12.42 -27.82 -36.85
CA PRO F 95 -13.56 -28.71 -36.60
C PRO F 95 -13.34 -30.11 -37.14
N THR F 96 -13.59 -31.11 -36.30
CA THR F 96 -13.53 -32.51 -36.67
C THR F 96 -14.82 -33.18 -36.22
N PHE F 97 -15.53 -33.80 -37.16
CA PHE F 97 -16.86 -34.32 -36.90
C PHE F 97 -16.79 -35.79 -36.48
N GLY F 98 -17.90 -36.27 -35.92
CA GLY F 98 -18.01 -37.66 -35.53
C GLY F 98 -18.56 -38.53 -36.64
N ALA F 99 -18.52 -39.84 -36.40
CA ALA F 99 -18.97 -40.79 -37.41
C ALA F 99 -20.48 -40.78 -37.59
N GLY F 100 -21.23 -40.26 -36.65
CA GLY F 100 -22.67 -40.23 -36.80
C GLY F 100 -23.35 -41.50 -36.34
N THR F 101 -24.60 -41.36 -35.93
CA THR F 101 -25.40 -42.48 -35.44
C THR F 101 -26.66 -42.59 -36.29
N LYS F 102 -26.87 -43.76 -36.88
CA LYS F 102 -28.09 -44.01 -37.63
C LYS F 102 -29.24 -44.29 -36.66
N LEU F 103 -30.32 -43.53 -36.80
CA LEU F 103 -31.51 -43.70 -35.97
C LEU F 103 -32.57 -44.44 -36.78
N GLU F 104 -32.98 -45.60 -36.28
CA GLU F 104 -33.96 -46.44 -36.95
C GLU F 104 -35.13 -46.73 -36.02
N LEU F 105 -36.18 -47.29 -36.59
CA LEU F 105 -37.33 -47.71 -35.79
C LEU F 105 -37.59 -49.20 -36.02
N VAL G 2 -28.07 -16.04 -44.93
CA VAL G 2 -29.35 -16.67 -44.64
C VAL G 2 -29.65 -17.71 -45.72
N GLN G 3 -28.92 -17.65 -46.83
CA GLN G 3 -29.12 -18.63 -47.90
C GLN G 3 -27.81 -18.81 -48.65
N LEU G 4 -27.21 -19.98 -48.56
CA LEU G 4 -25.97 -20.30 -49.26
C LEU G 4 -26.33 -21.18 -50.44
N GLN G 5 -26.39 -20.59 -51.64
CA GLN G 5 -26.78 -21.31 -52.83
C GLN G 5 -25.53 -21.81 -53.54
N GLN G 6 -25.40 -23.13 -53.66
CA GLN G 6 -24.23 -23.70 -54.29
C GLN G 6 -24.50 -23.93 -55.77
N SER G 7 -23.49 -24.43 -56.48
CA SER G 7 -23.61 -24.76 -57.89
C SER G 7 -24.21 -26.15 -58.04
N GLY G 8 -24.21 -26.68 -59.25
CA GLY G 8 -24.74 -28.00 -59.51
C GLY G 8 -23.69 -29.08 -59.39
N ALA G 9 -24.15 -30.32 -59.53
CA ALA G 9 -23.24 -31.47 -59.47
C ALA G 9 -22.35 -31.49 -60.72
N GLU G 10 -21.39 -32.41 -60.72
CA GLU G 10 -20.52 -32.51 -61.87
C GLU G 10 -19.90 -33.90 -61.95
N LEU G 11 -19.70 -34.36 -63.19
CA LEU G 11 -19.08 -35.64 -63.50
C LEU G 11 -17.82 -35.34 -64.32
N VAL G 12 -16.66 -35.61 -63.73
CA VAL G 12 -15.39 -35.22 -64.34
C VAL G 12 -14.53 -36.46 -64.56
N LYS G 13 -13.59 -36.33 -65.49
CA LYS G 13 -12.62 -37.38 -65.76
C LYS G 13 -11.49 -37.35 -64.73
N PRO G 14 -11.01 -38.50 -64.29
CA PRO G 14 -9.89 -38.52 -63.34
C PRO G 14 -8.67 -37.81 -63.90
N GLY G 15 -8.07 -36.95 -63.10
CA GLY G 15 -6.96 -36.14 -63.50
C GLY G 15 -7.29 -34.70 -63.81
N ALA G 16 -8.57 -34.35 -63.89
CA ALA G 16 -8.99 -32.99 -64.22
C ALA G 16 -9.02 -32.15 -62.94
N SER G 17 -9.51 -30.92 -63.07
CA SER G 17 -9.62 -29.98 -61.95
C SER G 17 -11.01 -29.39 -61.94
N VAL G 18 -11.57 -29.23 -60.74
CA VAL G 18 -12.92 -28.70 -60.59
C VAL G 18 -12.87 -27.44 -59.73
N LYS G 19 -13.88 -26.59 -59.94
CA LYS G 19 -14.00 -25.32 -59.20
C LYS G 19 -15.46 -25.15 -58.82
N LEU G 20 -15.78 -25.42 -57.56
CA LEU G 20 -17.14 -25.28 -57.07
C LEU G 20 -17.46 -23.81 -56.81
N SER G 21 -18.70 -23.54 -56.38
CA SER G 21 -19.15 -22.18 -56.16
C SER G 21 -20.19 -22.17 -55.07
N CYS G 22 -20.12 -21.17 -54.19
CA CYS G 22 -21.04 -21.02 -53.05
C CYS G 22 -21.44 -19.55 -52.96
N THR G 23 -22.49 -19.16 -53.66
CA THR G 23 -22.97 -17.79 -53.64
C THR G 23 -23.76 -17.53 -52.36
N ALA G 24 -23.30 -16.58 -51.57
CA ALA G 24 -24.02 -16.18 -50.37
C ALA G 24 -25.12 -15.19 -50.71
N SER G 25 -26.26 -15.33 -50.03
CA SER G 25 -27.40 -14.45 -50.24
C SER G 25 -28.03 -14.16 -48.88
N GLY G 26 -28.04 -12.89 -48.49
CA GLY G 26 -28.57 -12.47 -47.21
C GLY G 26 -27.54 -11.99 -46.23
N PHE G 27 -26.27 -12.00 -46.57
CA PHE G 27 -25.22 -11.50 -45.69
C PHE G 27 -23.98 -11.24 -46.53
N ASN G 28 -22.96 -10.67 -45.88
CA ASN G 28 -21.67 -10.43 -46.51
C ASN G 28 -20.66 -11.41 -45.95
N ILE G 29 -19.90 -12.08 -46.84
CA ILE G 29 -18.95 -13.08 -46.37
C ILE G 29 -17.84 -12.45 -45.56
N LYS G 30 -17.68 -11.13 -45.62
CA LYS G 30 -16.65 -10.47 -44.82
C LYS G 30 -17.01 -10.39 -43.34
N ASP G 31 -18.16 -10.90 -42.94
CA ASP G 31 -18.57 -10.90 -41.53
C ASP G 31 -18.18 -12.17 -40.81
N THR G 32 -18.30 -13.32 -41.47
CA THR G 32 -18.02 -14.62 -40.88
C THR G 32 -16.97 -15.35 -41.71
N TYR G 33 -16.66 -16.57 -41.29
CA TYR G 33 -15.77 -17.44 -42.04
C TYR G 33 -16.60 -18.26 -43.03
N MET G 34 -15.92 -19.06 -43.84
CA MET G 34 -16.59 -19.98 -44.76
C MET G 34 -15.87 -21.30 -44.73
N TYR G 35 -16.56 -22.35 -44.32
CA TYR G 35 -16.00 -23.69 -44.25
C TYR G 35 -16.45 -24.50 -45.46
N TRP G 36 -15.61 -25.43 -45.88
CA TRP G 36 -15.93 -26.37 -46.95
C TRP G 36 -15.82 -27.78 -46.41
N VAL G 37 -16.93 -28.51 -46.39
CA VAL G 37 -17.00 -29.83 -45.78
C VAL G 37 -17.26 -30.85 -46.87
N LYS G 38 -16.62 -32.01 -46.76
CA LYS G 38 -16.79 -33.08 -47.74
C LYS G 38 -17.36 -34.30 -47.05
N GLN G 39 -18.40 -34.89 -47.63
CA GLN G 39 -19.03 -36.09 -47.09
C GLN G 39 -19.01 -37.16 -48.17
N ARG G 40 -18.21 -38.21 -47.95
CA ARG G 40 -18.25 -39.39 -48.77
C ARG G 40 -19.56 -40.15 -48.49
N PRO G 41 -20.01 -40.99 -49.42
CA PRO G 41 -21.26 -41.72 -49.20
C PRO G 41 -21.20 -42.57 -47.94
N GLU G 42 -22.34 -42.67 -47.26
CA GLU G 42 -22.54 -43.52 -46.08
C GLU G 42 -21.41 -43.39 -45.06
N GLN G 43 -20.77 -42.23 -44.99
CA GLN G 43 -19.69 -42.00 -44.06
C GLN G 43 -19.90 -40.67 -43.35
N GLY G 44 -19.03 -40.40 -42.38
CA GLY G 44 -19.13 -39.20 -41.59
C GLY G 44 -18.53 -37.99 -42.30
N LEU G 45 -18.91 -36.81 -41.81
CA LEU G 45 -18.44 -35.57 -42.39
C LEU G 45 -16.95 -35.40 -42.21
N GLU G 46 -16.33 -34.68 -43.13
CA GLU G 46 -14.89 -34.44 -43.11
C GLU G 46 -14.64 -32.98 -43.45
N TRP G 47 -13.72 -32.36 -42.71
CA TRP G 47 -13.38 -30.96 -42.93
C TRP G 47 -12.30 -30.85 -44.00
N ILE G 48 -12.50 -29.91 -44.92
CA ILE G 48 -11.55 -29.66 -46.01
C ILE G 48 -10.74 -28.39 -45.74
N GLY G 49 -11.41 -27.27 -45.59
CA GLY G 49 -10.71 -26.01 -45.42
C GLY G 49 -11.49 -24.97 -44.65
N ARG G 50 -11.07 -23.72 -44.79
CA ARG G 50 -11.62 -22.60 -44.04
C ARG G 50 -11.07 -21.34 -44.69
N ILE G 51 -11.93 -20.35 -44.91
CA ILE G 51 -11.45 -19.10 -45.48
C ILE G 51 -12.08 -17.93 -44.74
N ASP G 52 -11.24 -16.94 -44.44
CA ASP G 52 -11.60 -15.69 -43.80
C ASP G 52 -11.67 -14.60 -44.86
N PRO G 53 -12.84 -14.34 -45.44
CA PRO G 53 -12.90 -13.39 -46.57
C PRO G 53 -12.51 -11.97 -46.21
N ALA G 54 -12.46 -11.63 -44.91
CA ALA G 54 -12.04 -10.30 -44.53
C ALA G 54 -10.53 -10.14 -44.68
N ASN G 55 -9.77 -11.19 -44.37
CA ASN G 55 -8.32 -11.18 -44.49
C ASN G 55 -7.85 -11.96 -45.72
N GLY G 56 -8.27 -13.21 -45.86
CA GLY G 56 -7.90 -14.04 -46.99
C GLY G 56 -7.14 -15.29 -46.64
N ASP G 57 -6.69 -15.46 -45.40
CA ASP G 57 -5.93 -16.65 -45.05
C ASP G 57 -6.82 -17.89 -45.04
N THR G 58 -6.19 -19.04 -45.21
CA THR G 58 -6.90 -20.31 -45.25
C THR G 58 -6.12 -21.35 -44.47
N LYS G 59 -6.85 -22.27 -43.83
CA LYS G 59 -6.28 -23.43 -43.18
C LYS G 59 -6.99 -24.66 -43.72
N TYR G 60 -6.20 -25.64 -44.16
CA TYR G 60 -6.75 -26.87 -44.73
C TYR G 60 -6.43 -28.04 -43.82
N ASP G 61 -7.20 -29.10 -43.97
CA ASP G 61 -6.94 -30.31 -43.21
C ASP G 61 -5.60 -30.91 -43.64
N PRO G 62 -4.82 -31.46 -42.70
CA PRO G 62 -3.49 -31.98 -43.07
C PRO G 62 -3.53 -33.03 -44.18
N LYS G 63 -4.67 -33.65 -44.40
CA LYS G 63 -4.84 -34.62 -45.48
C LYS G 63 -5.41 -34.01 -46.75
N PHE G 64 -5.69 -32.71 -46.75
CA PHE G 64 -6.20 -32.03 -47.94
C PHE G 64 -5.29 -30.89 -48.40
N GLN G 65 -4.06 -30.82 -47.88
CA GLN G 65 -3.17 -29.73 -48.21
C GLN G 65 -2.53 -29.96 -49.57
N GLY G 66 -2.56 -28.94 -50.43
CA GLY G 66 -2.05 -29.02 -51.77
C GLY G 66 -3.05 -29.52 -52.80
N LYS G 67 -3.98 -30.38 -52.38
CA LYS G 67 -4.97 -30.91 -53.31
C LYS G 67 -6.11 -29.93 -53.56
N ALA G 68 -6.50 -29.16 -52.55
CA ALA G 68 -7.56 -28.18 -52.68
C ALA G 68 -7.03 -26.79 -52.40
N THR G 69 -7.73 -25.79 -52.92
CA THR G 69 -7.38 -24.40 -52.66
C THR G 69 -8.65 -23.56 -52.66
N ILE G 70 -8.89 -22.84 -51.55
CA ILE G 70 -10.11 -22.05 -51.38
C ILE G 70 -9.79 -20.59 -51.64
N THR G 71 -10.65 -19.93 -52.41
CA THR G 71 -10.48 -18.50 -52.65
C THR G 71 -11.85 -17.88 -52.87
N THR G 72 -12.01 -16.63 -52.45
CA THR G 72 -13.31 -15.97 -52.50
C THR G 72 -13.26 -14.73 -53.38
N ASP G 73 -14.45 -14.35 -53.84
CA ASP G 73 -14.68 -13.10 -54.57
C ASP G 73 -15.71 -12.32 -53.76
N THR G 74 -15.24 -11.38 -52.95
CA THR G 74 -16.12 -10.59 -52.09
C THR G 74 -16.92 -9.56 -52.86
N PHE G 75 -16.73 -9.43 -54.18
CA PHE G 75 -17.53 -8.51 -54.96
C PHE G 75 -18.89 -9.11 -55.28
N SER G 76 -18.91 -10.32 -55.82
CA SER G 76 -20.14 -11.07 -56.06
C SER G 76 -20.55 -11.91 -54.86
N ASN G 77 -19.78 -11.86 -53.77
CA ASN G 77 -20.09 -12.57 -52.53
C ASN G 77 -20.08 -14.08 -52.75
N THR G 78 -19.01 -14.58 -53.34
CA THR G 78 -18.89 -16.00 -53.64
C THR G 78 -17.60 -16.56 -53.06
N ALA G 79 -17.57 -17.90 -52.97
CA ALA G 79 -16.39 -18.60 -52.48
C ALA G 79 -16.23 -19.88 -53.28
N TYR G 80 -15.05 -20.08 -53.84
CA TYR G 80 -14.78 -21.19 -54.75
C TYR G 80 -13.72 -22.11 -54.15
N LEU G 81 -13.84 -23.39 -54.49
CA LEU G 81 -12.92 -24.43 -54.06
C LEU G 81 -12.35 -25.10 -55.30
N GLN G 82 -11.03 -25.06 -55.44
CA GLN G 82 -10.31 -25.59 -56.60
C GLN G 82 -9.71 -26.91 -56.18
N LEU G 83 -10.31 -28.01 -56.64
CA LEU G 83 -9.80 -29.35 -56.40
C LEU G 83 -9.03 -29.82 -57.63
N SER G 84 -7.84 -30.37 -57.40
CA SER G 84 -6.96 -30.78 -58.49
C SER G 84 -6.49 -32.21 -58.28
N SER G 85 -6.20 -32.88 -59.38
CA SER G 85 -5.76 -34.28 -59.40
C SER G 85 -6.72 -35.17 -58.63
N LEU G 86 -7.96 -35.20 -59.10
CA LEU G 86 -8.99 -36.01 -58.46
C LEU G 86 -8.78 -37.48 -58.75
N THR G 87 -9.11 -38.32 -57.77
CA THR G 87 -8.99 -39.76 -57.87
C THR G 87 -10.37 -40.39 -57.76
N SER G 88 -10.42 -41.72 -57.91
CA SER G 88 -11.70 -42.42 -57.82
C SER G 88 -12.32 -42.35 -56.44
N GLU G 89 -11.54 -42.01 -55.41
CA GLU G 89 -12.04 -41.90 -54.05
C GLU G 89 -12.55 -40.50 -53.72
N ASP G 90 -12.44 -39.55 -54.65
CA ASP G 90 -12.87 -38.18 -54.41
C ASP G 90 -14.31 -37.93 -54.84
N THR G 91 -15.09 -38.97 -55.11
CA THR G 91 -16.50 -38.81 -55.42
C THR G 91 -17.27 -38.66 -54.12
N ALA G 92 -17.86 -37.48 -53.90
CA ALA G 92 -18.53 -37.19 -52.64
C ALA G 92 -19.49 -36.03 -52.83
N VAL G 93 -20.05 -35.55 -51.73
CA VAL G 93 -20.89 -34.36 -51.72
C VAL G 93 -20.17 -33.28 -50.93
N TYR G 94 -20.05 -32.10 -51.52
CA TYR G 94 -19.31 -30.99 -50.93
C TYR G 94 -20.30 -29.92 -50.49
N TYR G 95 -20.35 -29.69 -49.18
CA TYR G 95 -21.17 -28.67 -48.57
C TYR G 95 -20.36 -27.43 -48.26
N CYS G 96 -21.03 -26.28 -48.26
CA CYS G 96 -20.41 -24.99 -48.00
C CYS G 96 -21.09 -24.39 -46.78
N ALA G 97 -20.42 -24.45 -45.63
CA ALA G 97 -21.02 -24.02 -44.38
C ALA G 97 -20.50 -22.65 -43.97
N ARG G 98 -21.21 -22.03 -43.04
CA ARG G 98 -20.89 -20.69 -42.57
C ARG G 98 -20.82 -20.70 -41.05
N LYS G 99 -19.69 -20.24 -40.51
CA LYS G 99 -19.56 -20.11 -39.06
C LYS G 99 -20.65 -19.20 -38.51
N GLY G 100 -21.06 -19.47 -37.28
CA GLY G 100 -22.05 -18.63 -36.63
C GLY G 100 -22.55 -19.17 -35.32
N LEU G 101 -22.79 -18.27 -34.35
CA LEU G 101 -23.36 -18.63 -33.06
C LEU G 101 -22.47 -19.64 -32.32
N ARG G 102 -21.30 -19.15 -31.93
CA ARG G 102 -20.35 -19.90 -31.10
C ARG G 102 -19.73 -21.07 -31.86
N TRP G 103 -19.29 -20.79 -33.08
CA TRP G 103 -18.53 -21.73 -33.90
C TRP G 103 -19.33 -23.02 -34.13
N ALA G 104 -20.43 -22.86 -34.86
CA ALA G 104 -21.40 -23.94 -35.01
C ALA G 104 -21.65 -24.38 -36.44
N MET G 105 -21.24 -23.61 -37.44
CA MET G 105 -21.54 -23.93 -38.85
C MET G 105 -23.04 -24.09 -39.06
N ASP G 106 -23.76 -23.00 -38.84
CA ASP G 106 -25.22 -23.08 -38.74
C ASP G 106 -25.87 -23.27 -40.11
N TYR G 107 -25.54 -22.44 -41.08
CA TYR G 107 -26.18 -22.46 -42.39
C TYR G 107 -25.31 -23.24 -43.37
N TRP G 108 -25.90 -24.27 -43.98
CA TRP G 108 -25.20 -25.13 -44.92
C TRP G 108 -25.83 -25.00 -46.30
N GLY G 109 -25.00 -25.22 -47.33
CA GLY G 109 -25.50 -25.21 -48.68
C GLY G 109 -26.07 -26.55 -49.08
N GLN G 110 -26.76 -26.56 -50.22
CA GLN G 110 -27.37 -27.78 -50.72
C GLN G 110 -26.32 -28.84 -51.08
N GLY G 111 -25.10 -28.43 -51.34
CA GLY G 111 -24.02 -29.38 -51.60
C GLY G 111 -23.97 -29.88 -53.02
N THR G 112 -22.79 -29.85 -53.62
CA THR G 112 -22.63 -30.36 -54.97
C THR G 112 -22.15 -31.81 -54.95
N SER G 113 -22.57 -32.57 -55.95
CA SER G 113 -22.20 -33.98 -56.07
C SER G 113 -21.06 -34.07 -57.07
N VAL G 114 -19.83 -34.13 -56.55
CA VAL G 114 -18.66 -34.22 -57.41
C VAL G 114 -18.34 -35.69 -57.58
N THR G 115 -18.45 -36.19 -58.81
CA THR G 115 -18.16 -37.59 -59.10
C THR G 115 -17.16 -37.68 -60.23
N VAL G 116 -16.31 -38.70 -60.17
CA VAL G 116 -15.32 -38.97 -61.21
C VAL G 116 -15.67 -40.30 -61.87
N SER G 117 -14.96 -40.60 -62.95
CA SER G 117 -15.22 -41.83 -63.70
C SER G 117 -13.94 -42.38 -64.32
N ASN H 1 -16.39 23.73 35.80
CA ASN H 1 -16.51 25.17 36.02
C ASN H 1 -15.13 25.81 36.20
N ILE H 2 -14.79 26.72 35.28
CA ILE H 2 -13.51 27.41 35.33
C ILE H 2 -13.68 28.69 36.15
N VAL H 3 -12.83 28.86 37.15
CA VAL H 3 -12.87 30.04 38.00
C VAL H 3 -11.61 30.86 37.75
N MET H 4 -11.76 32.18 37.77
CA MET H 4 -10.68 33.12 37.50
C MET H 4 -10.36 33.88 38.77
N THR H 5 -9.21 33.57 39.38
CA THR H 5 -8.77 34.28 40.57
C THR H 5 -7.99 35.51 40.12
N GLN H 6 -8.61 36.69 40.26
CA GLN H 6 -8.00 37.94 39.85
C GLN H 6 -7.35 38.62 41.05
N SER H 7 -6.14 39.14 40.86
CA SER H 7 -5.37 39.75 41.93
C SER H 7 -4.73 41.05 41.43
N PRO H 8 -4.59 42.05 42.30
CA PRO H 8 -5.08 42.05 43.69
C PRO H 8 -6.54 42.44 43.80
N LYS H 9 -7.09 42.46 45.02
CA LYS H 9 -8.50 42.78 45.18
C LYS H 9 -8.75 44.27 44.96
N SER H 10 -7.90 45.12 45.52
CA SER H 10 -8.03 46.57 45.35
C SER H 10 -6.68 47.20 45.60
N MET H 11 -6.17 47.95 44.63
CA MET H 11 -4.86 48.57 44.73
C MET H 11 -4.98 50.08 44.59
N SER H 12 -4.05 50.78 45.22
CA SER H 12 -3.98 52.24 45.18
C SER H 12 -2.62 52.65 44.65
N MET H 13 -2.62 53.46 43.58
CA MET H 13 -1.39 53.83 42.92
C MET H 13 -1.48 55.25 42.39
N SER H 14 -0.34 55.92 42.33
CA SER H 14 -0.29 57.31 41.91
C SER H 14 -0.23 57.42 40.39
N VAL H 15 -0.29 58.65 39.90
CA VAL H 15 -0.33 58.90 38.47
C VAL H 15 1.07 58.77 37.90
N GLY H 16 1.16 58.15 36.72
CA GLY H 16 2.39 58.12 35.96
C GLY H 16 3.32 56.95 36.24
N GLU H 17 2.88 55.96 37.00
CA GLU H 17 3.68 54.79 37.30
C GLU H 17 3.09 53.56 36.62
N ARG H 18 3.97 52.61 36.29
CA ARG H 18 3.53 51.38 35.66
C ARG H 18 2.80 50.50 36.66
N VAL H 19 1.71 49.89 36.22
CA VAL H 19 0.91 49.04 37.09
C VAL H 19 0.61 47.73 36.36
N THR H 20 0.48 46.66 37.14
CA THR H 20 0.24 45.34 36.59
C THR H 20 -0.84 44.62 37.40
N LEU H 21 -1.71 43.92 36.69
CA LEU H 21 -2.75 43.11 37.32
C LEU H 21 -2.65 41.69 36.80
N SER H 22 -2.98 40.73 37.66
CA SER H 22 -2.83 39.32 37.34
C SER H 22 -4.18 38.62 37.38
N CYS H 23 -4.35 37.63 36.52
CA CYS H 23 -5.60 36.86 36.42
C CYS H 23 -5.18 35.41 36.22
N LYS H 24 -5.29 34.61 37.28
CA LYS H 24 -4.88 33.21 37.23
C LYS H 24 -6.11 32.33 37.07
N ALA H 25 -6.15 31.58 35.98
CA ALA H 25 -7.25 30.66 35.71
C ALA H 25 -7.02 29.34 36.40
N SER H 26 -8.11 28.68 36.78
CA SER H 26 -8.00 27.37 37.42
C SER H 26 -7.61 26.31 36.40
N GLU H 27 -8.43 26.12 35.38
CA GLU H 27 -8.16 25.15 34.33
C GLU H 27 -7.44 25.84 33.18
N TYR H 28 -7.38 25.18 32.03
CA TYR H 28 -6.71 25.73 30.86
C TYR H 28 -7.64 26.67 30.09
N VAL H 29 -7.12 27.83 29.71
CA VAL H 29 -7.77 28.74 28.78
C VAL H 29 -6.66 29.27 27.87
N GLY H 30 -6.70 28.91 26.59
CA GLY H 30 -5.54 29.10 25.74
C GLY H 30 -5.11 30.53 25.57
N THR H 31 -5.88 31.31 24.80
CA THR H 31 -5.66 32.75 24.70
C THR H 31 -6.98 33.49 24.72
N TYR H 32 -8.02 32.89 25.30
CA TYR H 32 -9.38 33.42 25.24
C TYR H 32 -9.76 34.19 26.49
N VAL H 33 -8.81 34.89 27.09
CA VAL H 33 -9.05 35.70 28.27
C VAL H 33 -9.16 37.15 27.83
N SER H 34 -10.28 37.79 28.13
CA SER H 34 -10.54 39.15 27.73
C SER H 34 -10.57 40.06 28.95
N TRP H 35 -10.11 41.29 28.77
CA TRP H 35 -10.05 42.28 29.84
C TRP H 35 -11.02 43.41 29.53
N TYR H 36 -11.92 43.69 30.49
CA TYR H 36 -12.92 44.73 30.38
C TYR H 36 -12.68 45.80 31.44
N GLN H 37 -12.98 47.04 31.09
CA GLN H 37 -12.80 48.20 31.95
C GLN H 37 -14.18 48.81 32.25
N GLN H 38 -14.64 48.63 33.48
CA GLN H 38 -15.97 49.08 33.88
C GLN H 38 -15.85 50.29 34.80
N LYS H 39 -16.22 51.45 34.28
CA LYS H 39 -16.31 52.65 35.11
C LYS H 39 -17.60 52.64 35.92
N PRO H 40 -17.62 53.31 37.07
CA PRO H 40 -18.84 53.32 37.88
C PRO H 40 -20.01 53.97 37.15
N GLU H 41 -21.19 53.36 37.31
CA GLU H 41 -22.43 53.84 36.70
C GLU H 41 -22.36 53.83 35.17
N GLN H 42 -21.62 52.88 34.61
CA GLN H 42 -21.56 52.70 33.17
C GLN H 42 -21.42 51.23 32.86
N SER H 43 -21.54 50.90 31.57
CA SER H 43 -21.46 49.52 31.12
C SER H 43 -20.00 49.16 30.84
N PRO H 44 -19.60 47.92 31.11
CA PRO H 44 -18.21 47.53 30.89
C PRO H 44 -17.85 47.62 29.41
N LYS H 45 -16.62 48.07 29.15
CA LYS H 45 -16.11 48.24 27.80
C LYS H 45 -14.93 47.31 27.61
N LEU H 46 -14.95 46.57 26.50
CA LEU H 46 -13.91 45.59 26.24
C LEU H 46 -12.60 46.31 25.92
N LEU H 47 -11.55 45.99 26.66
CA LEU H 47 -10.21 46.53 26.41
C LEU H 47 -9.37 45.58 25.59
N ILE H 48 -9.19 44.35 26.06
CA ILE H 48 -8.28 43.39 25.43
C ILE H 48 -9.09 42.15 25.07
N TYR H 49 -9.45 42.02 23.80
CA TYR H 49 -10.07 40.79 23.31
C TYR H 49 -8.97 39.81 22.92
N GLY H 50 -9.10 38.57 23.37
CA GLY H 50 -7.97 37.67 23.32
C GLY H 50 -6.86 38.19 24.22
N ALA H 51 -5.80 37.41 24.32
CA ALA H 51 -4.65 37.83 25.11
C ALA H 51 -3.72 38.64 24.22
N SER H 52 -3.43 39.87 24.63
CA SER H 52 -2.53 40.79 23.91
C SER H 52 -3.07 41.13 22.52
N ASN H 53 -4.28 41.67 22.50
CA ASN H 53 -4.86 42.26 21.29
C ASN H 53 -5.79 43.38 21.74
N ARG H 54 -5.35 44.62 21.57
CA ARG H 54 -6.16 45.75 22.01
C ARG H 54 -7.37 45.94 21.11
N TYR H 55 -8.48 46.35 21.71
CA TYR H 55 -9.69 46.62 20.96
C TYR H 55 -9.59 47.99 20.28
N THR H 56 -10.38 48.17 19.23
CA THR H 56 -10.35 49.40 18.45
C THR H 56 -10.71 50.59 19.33
N GLY H 57 -9.81 51.55 19.43
CA GLY H 57 -10.02 52.74 20.22
C GLY H 57 -9.36 52.72 21.59
N VAL H 58 -8.50 51.77 21.86
CA VAL H 58 -7.83 51.64 23.16
C VAL H 58 -6.43 52.20 23.02
N PRO H 59 -5.99 53.08 23.93
CA PRO H 59 -4.63 53.64 23.82
C PRO H 59 -3.57 52.55 23.95
N ASP H 60 -2.37 52.86 23.44
CA ASP H 60 -1.28 51.90 23.42
C ASP H 60 -0.64 51.70 24.78
N ARG H 61 -1.13 52.34 25.84
CA ARG H 61 -0.57 52.14 27.16
C ARG H 61 -1.07 50.88 27.84
N PHE H 62 -2.02 50.17 27.24
CA PHE H 62 -2.50 48.89 27.75
C PHE H 62 -1.82 47.78 26.99
N THR H 63 -1.27 46.80 27.72
CA THR H 63 -0.61 45.67 27.08
C THR H 63 -1.00 44.39 27.81
N GLY H 64 -1.32 43.35 27.06
CA GLY H 64 -1.64 42.06 27.63
C GLY H 64 -0.49 41.10 27.54
N SER H 65 -0.58 40.04 28.35
CA SER H 65 0.43 38.99 28.32
C SER H 65 -0.26 37.67 28.64
N GLY H 66 -0.23 36.75 27.69
CA GLY H 66 -1.01 35.53 27.78
C GLY H 66 -0.20 34.28 28.03
N SER H 67 -0.86 33.24 28.55
CA SER H 67 -0.24 31.95 28.80
C SER H 67 -1.36 30.92 28.85
N ALA H 68 -1.07 29.74 29.40
CA ALA H 68 -2.11 28.72 29.53
C ALA H 68 -3.06 29.05 30.67
N THR H 69 -2.56 29.49 31.81
CA THR H 69 -3.41 29.81 32.95
C THR H 69 -3.24 31.22 33.47
N ASP H 70 -2.02 31.75 33.51
CA ASP H 70 -1.78 33.07 34.07
C ASP H 70 -1.81 34.12 32.96
N PHE H 71 -2.48 35.23 33.24
CA PHE H 71 -2.57 36.33 32.29
C PHE H 71 -2.30 37.64 33.02
N THR H 72 -1.76 38.61 32.30
CA THR H 72 -1.31 39.84 32.91
C THR H 72 -1.76 41.03 32.09
N LEU H 73 -2.22 42.08 32.77
CA LEU H 73 -2.58 43.34 32.12
C LEU H 73 -1.69 44.43 32.70
N THR H 74 -0.79 44.97 31.88
CA THR H 74 0.12 46.02 32.27
C THR H 74 -0.32 47.34 31.68
N ILE H 75 -0.51 48.34 32.53
CA ILE H 75 -0.73 49.72 32.09
C ILE H 75 0.54 50.50 32.32
N GLY H 76 0.88 51.36 31.36
CA GLY H 76 2.10 52.14 31.45
C GLY H 76 1.89 53.47 32.14
N SER H 77 2.09 54.57 31.42
CA SER H 77 1.82 55.89 31.97
C SER H 77 0.32 56.02 32.22
N VAL H 78 -0.09 55.90 33.47
CA VAL H 78 -1.51 55.87 33.83
C VAL H 78 -2.03 57.31 33.93
N GLN H 79 -3.13 57.57 33.22
CA GLN H 79 -3.72 58.90 33.18
C GLN H 79 -4.76 59.04 34.29
N ALA H 80 -5.57 60.09 34.23
CA ALA H 80 -6.50 60.42 35.31
C ALA H 80 -7.89 59.83 35.12
N GLU H 81 -8.20 59.27 33.95
CA GLU H 81 -9.51 58.66 33.72
C GLU H 81 -9.46 57.14 33.78
N ASP H 82 -8.36 56.56 34.23
CA ASP H 82 -8.23 55.11 34.34
C ASP H 82 -8.61 54.59 35.71
N LEU H 83 -9.48 55.28 36.43
CA LEU H 83 -9.93 54.86 37.76
C LEU H 83 -11.24 54.11 37.60
N ALA H 84 -11.14 52.79 37.42
CA ALA H 84 -12.31 51.97 37.20
C ALA H 84 -11.98 50.52 37.54
N ASP H 85 -13.01 49.68 37.51
CA ASP H 85 -12.80 48.25 37.72
C ASP H 85 -12.24 47.62 36.45
N TYR H 86 -11.53 46.51 36.63
CA TYR H 86 -10.89 45.81 35.50
C TYR H 86 -11.13 44.31 35.67
N HIS H 87 -12.12 43.81 34.96
CA HIS H 87 -12.49 42.40 35.05
C HIS H 87 -11.77 41.59 33.97
N CYS H 88 -11.37 40.38 34.34
CA CYS H 88 -10.83 39.41 33.38
C CYS H 88 -11.83 38.26 33.26
N GLY H 89 -12.15 37.91 32.03
CA GLY H 89 -13.10 36.85 31.80
C GLY H 89 -12.67 35.92 30.69
N GLN H 90 -12.59 34.63 30.98
CA GLN H 90 -12.25 33.68 29.93
C GLN H 90 -13.45 33.42 29.04
N SER H 91 -13.18 32.83 27.88
CA SER H 91 -14.25 32.39 27.00
C SER H 91 -13.95 31.03 26.38
N TYR H 92 -12.88 30.36 26.81
CA TYR H 92 -12.57 29.04 26.28
C TYR H 92 -13.69 28.05 26.56
N SER H 93 -14.35 28.20 27.70
CA SER H 93 -15.57 27.50 28.01
C SER H 93 -16.66 28.55 28.21
N TYR H 94 -17.80 28.15 28.74
CA TYR H 94 -18.83 29.11 29.09
C TYR H 94 -18.23 30.22 29.93
N PRO H 95 -18.45 31.50 29.58
CA PRO H 95 -17.66 32.58 30.17
C PRO H 95 -17.92 32.74 31.66
N THR H 96 -16.83 32.83 32.43
CA THR H 96 -16.87 33.12 33.85
C THR H 96 -15.90 34.26 34.12
N PHE H 97 -16.38 35.31 34.78
CA PHE H 97 -15.58 36.49 35.03
C PHE H 97 -14.86 36.41 36.37
N GLY H 98 -13.91 37.30 36.57
CA GLY H 98 -13.23 37.43 37.84
C GLY H 98 -13.98 38.37 38.77
N ALA H 99 -13.38 38.59 39.94
CA ALA H 99 -13.98 39.47 40.93
C ALA H 99 -13.76 40.95 40.64
N GLY H 100 -12.73 41.28 39.88
CA GLY H 100 -12.44 42.65 39.54
C GLY H 100 -11.59 43.36 40.59
N THR H 101 -10.87 44.38 40.14
CA THR H 101 -9.98 45.15 40.99
C THR H 101 -10.39 46.62 40.94
N LYS H 102 -10.85 47.13 42.07
CA LYS H 102 -11.20 48.55 42.17
C LYS H 102 -9.93 49.38 42.19
N LEU H 103 -9.58 49.97 41.05
CA LEU H 103 -8.38 50.79 40.96
C LEU H 103 -8.58 52.09 41.72
N GLU H 104 -7.54 52.51 42.45
CA GLU H 104 -7.61 53.68 43.31
C GLU H 104 -6.39 54.56 43.11
N LEU H 105 -6.54 55.83 43.49
CA LEU H 105 -5.47 56.80 43.41
C LEU H 105 -5.03 57.19 44.83
N LYS H 106 -3.72 57.32 45.02
CA LYS H 106 -3.17 57.73 46.31
C LYS H 106 -1.82 58.41 46.12
N VAL I 2 -23.85 46.79 17.16
CA VAL I 2 -23.30 48.13 17.07
C VAL I 2 -23.91 49.02 18.15
N GLN I 3 -25.21 48.85 18.39
CA GLN I 3 -25.86 49.64 19.43
C GLN I 3 -26.96 48.80 20.06
N LEU I 4 -26.81 48.45 21.32
CA LEU I 4 -27.78 47.64 22.04
C LEU I 4 -28.60 48.52 22.96
N GLN I 5 -29.92 48.50 22.79
CA GLN I 5 -30.84 49.30 23.60
C GLN I 5 -31.61 48.34 24.52
N GLN I 6 -31.40 48.49 25.82
CA GLN I 6 -32.07 47.62 26.78
C GLN I 6 -33.40 48.25 27.18
N SER I 7 -34.07 47.67 28.16
CA SER I 7 -35.32 48.21 28.66
C SER I 7 -35.03 49.18 29.81
N GLY I 8 -36.08 49.62 30.50
CA GLY I 8 -35.92 50.47 31.66
C GLY I 8 -35.88 49.68 32.95
N ALA I 9 -35.72 50.42 34.05
CA ALA I 9 -35.70 49.78 35.36
C ALA I 9 -37.07 49.21 35.70
N GLU I 10 -37.07 48.11 36.45
CA GLU I 10 -38.29 47.43 36.84
C GLU I 10 -38.42 47.45 38.36
N LEU I 11 -39.64 47.60 38.85
CA LEU I 11 -39.93 47.57 40.29
C LEU I 11 -40.94 46.46 40.49
N VAL I 12 -40.46 45.25 40.78
CA VAL I 12 -41.30 44.06 40.76
C VAL I 12 -41.42 43.50 42.17
N LYS I 13 -42.62 42.99 42.48
CA LYS I 13 -42.86 42.32 43.74
C LYS I 13 -42.20 40.94 43.75
N PRO I 14 -41.72 40.48 44.90
CA PRO I 14 -41.11 39.15 44.96
C PRO I 14 -42.14 38.07 44.68
N GLY I 15 -41.79 37.18 43.75
CA GLY I 15 -42.67 36.10 43.34
C GLY I 15 -43.30 36.26 41.98
N ALA I 16 -42.93 37.29 41.22
CA ALA I 16 -43.48 37.54 39.90
C ALA I 16 -42.41 37.26 38.83
N SER I 17 -42.80 37.49 37.57
CA SER I 17 -41.93 37.23 36.43
C SER I 17 -41.66 38.53 35.70
N VAL I 18 -40.39 38.80 35.42
CA VAL I 18 -39.97 40.01 34.71
C VAL I 18 -39.36 39.60 33.39
N LYS I 19 -39.72 40.33 32.33
CA LYS I 19 -39.26 40.06 30.97
C LYS I 19 -38.52 41.29 30.46
N LEU I 20 -37.18 41.22 30.46
CA LEU I 20 -36.34 42.30 30.00
C LEU I 20 -36.00 42.11 28.53
N SER I 21 -35.99 43.21 27.79
CA SER I 21 -35.78 43.18 26.35
C SER I 21 -34.50 43.89 25.98
N CYS I 22 -33.88 43.43 24.88
CA CYS I 22 -32.61 43.96 24.40
C CYS I 22 -32.69 44.04 22.88
N THR I 23 -32.90 45.24 22.35
CA THR I 23 -33.05 45.46 20.93
C THR I 23 -31.69 45.81 20.32
N ALA I 24 -31.24 44.99 19.38
CA ALA I 24 -29.96 45.21 18.71
C ALA I 24 -30.19 46.02 17.44
N SER I 25 -29.57 47.19 17.36
CA SER I 25 -29.64 48.06 16.20
C SER I 25 -28.24 48.23 15.63
N GLY I 26 -28.08 47.92 14.34
CA GLY I 26 -26.79 47.99 13.68
C GLY I 26 -26.30 46.66 13.14
N PHE I 27 -27.00 45.55 13.37
CA PHE I 27 -26.57 44.25 12.89
C PHE I 27 -27.73 43.28 13.03
N ASN I 28 -27.52 42.07 12.54
CA ASN I 28 -28.48 40.99 12.67
C ASN I 28 -28.03 40.05 13.78
N ILE I 29 -28.97 39.65 14.64
CA ILE I 29 -28.61 38.79 15.76
C ILE I 29 -28.33 37.36 15.31
N LYS I 30 -28.70 36.99 14.09
CA LYS I 30 -28.43 35.64 13.60
C LYS I 30 -26.95 35.40 13.37
N ASP I 31 -26.14 36.46 13.33
CA ASP I 31 -24.72 36.28 13.03
C ASP I 31 -23.91 35.96 14.29
N THR I 32 -24.27 36.56 15.42
CA THR I 32 -23.50 36.43 16.65
C THR I 32 -24.35 35.77 17.73
N TYR I 33 -23.73 35.54 18.88
CA TYR I 33 -24.45 35.06 20.05
C TYR I 33 -24.97 36.24 20.85
N MET I 34 -25.73 35.95 21.91
CA MET I 34 -26.27 37.00 22.77
C MET I 34 -26.16 36.54 24.21
N TYR I 35 -25.21 37.13 24.94
CA TYR I 35 -24.98 36.76 26.33
C TYR I 35 -25.75 37.70 27.25
N TRP I 36 -26.23 37.15 28.36
CA TRP I 36 -26.89 37.90 29.41
C TRP I 36 -26.04 37.83 30.67
N VAL I 37 -25.74 38.99 31.25
CA VAL I 37 -24.85 39.06 32.41
C VAL I 37 -25.61 39.77 33.53
N LYS I 38 -25.44 39.31 34.75
CA LYS I 38 -25.95 40.01 35.92
C LYS I 38 -24.79 40.57 36.72
N GLN I 39 -25.07 41.62 37.49
CA GLN I 39 -24.05 42.20 38.34
C GLN I 39 -24.72 42.76 39.59
N ARG I 40 -24.49 42.11 40.72
CA ARG I 40 -24.93 42.64 41.99
C ARG I 40 -24.16 43.92 42.30
N PRO I 41 -24.72 44.79 43.13
CA PRO I 41 -24.03 46.06 43.43
C PRO I 41 -22.67 45.83 44.06
N GLU I 42 -21.65 46.45 43.46
CA GLU I 42 -20.29 46.45 43.99
C GLU I 42 -19.75 45.02 44.12
N GLN I 43 -20.02 44.19 43.11
CA GLN I 43 -19.52 42.83 43.07
C GLN I 43 -19.14 42.48 41.63
N GLY I 44 -18.62 41.27 41.44
CA GLY I 44 -18.17 40.87 40.13
C GLY I 44 -19.31 40.44 39.23
N LEU I 45 -19.02 40.43 37.93
CA LEU I 45 -20.00 40.03 36.94
C LEU I 45 -20.29 38.54 37.04
N GLU I 46 -21.49 38.15 36.59
CA GLU I 46 -21.91 36.76 36.65
C GLU I 46 -22.67 36.43 35.38
N TRP I 47 -22.40 35.26 34.83
CA TRP I 47 -23.04 34.85 33.58
C TRP I 47 -24.40 34.23 33.86
N ILE I 48 -25.39 34.57 33.03
CA ILE I 48 -26.74 34.01 33.17
C ILE I 48 -26.95 32.94 32.13
N GLY I 49 -26.84 33.32 30.86
CA GLY I 49 -27.00 32.36 29.78
C GLY I 49 -26.80 33.04 28.45
N ARG I 50 -26.58 32.21 27.43
CA ARG I 50 -26.43 32.67 26.07
C ARG I 50 -27.45 31.97 25.17
N ILE I 51 -27.69 32.55 24.00
CA ILE I 51 -28.67 32.04 23.06
C ILE I 51 -28.12 32.20 21.65
N ASP I 52 -28.31 31.18 20.82
CA ASP I 52 -27.98 31.22 19.40
C ASP I 52 -29.23 31.60 18.64
N PRO I 53 -29.39 32.86 18.21
CA PRO I 53 -30.68 33.27 17.62
C PRO I 53 -31.00 32.63 16.28
N ALA I 54 -30.04 31.96 15.65
CA ALA I 54 -30.32 31.28 14.38
C ALA I 54 -31.08 29.99 14.60
N ASN I 55 -30.80 29.27 15.68
CA ASN I 55 -31.45 28.00 15.98
C ASN I 55 -32.38 28.09 17.18
N GLY I 56 -31.93 28.68 18.26
CA GLY I 56 -32.69 28.71 19.50
C GLY I 56 -32.01 27.92 20.58
N ASP I 57 -30.78 27.50 20.31
CA ASP I 57 -29.99 26.76 21.29
C ASP I 57 -29.55 27.72 22.38
N THR I 58 -30.06 27.51 23.60
CA THR I 58 -29.77 28.37 24.72
C THR I 58 -29.09 27.57 25.82
N LYS I 59 -27.97 28.07 26.32
CA LYS I 59 -27.27 27.47 27.44
C LYS I 59 -27.34 28.39 28.64
N TYR I 60 -27.48 27.81 29.83
CA TYR I 60 -27.64 28.56 31.06
C TYR I 60 -26.59 28.13 32.08
N ASP I 61 -26.30 29.02 33.00
CA ASP I 61 -25.50 28.66 34.16
C ASP I 61 -26.25 27.63 34.99
N PRO I 62 -25.58 26.60 35.49
CA PRO I 62 -26.29 25.56 36.28
C PRO I 62 -27.11 26.12 37.43
N LYS I 63 -26.68 27.21 38.05
CA LYS I 63 -27.45 27.83 39.12
C LYS I 63 -28.50 28.81 38.60
N PHE I 64 -28.66 28.93 37.29
CA PHE I 64 -29.69 29.76 36.69
C PHE I 64 -30.62 28.96 35.79
N GLN I 65 -30.49 27.64 35.78
CA GLN I 65 -31.37 26.81 34.97
C GLN I 65 -32.75 26.72 35.60
N GLY I 66 -33.77 26.98 34.81
CA GLY I 66 -35.16 26.95 35.27
C GLY I 66 -35.66 28.26 35.85
N LYS I 67 -34.80 28.97 36.60
CA LYS I 67 -35.20 30.27 37.13
C LYS I 67 -35.31 31.30 36.02
N ALA I 68 -34.34 31.33 35.11
CA ALA I 68 -34.34 32.25 33.99
C ALA I 68 -34.51 31.50 32.69
N THR I 69 -35.08 32.17 31.69
CA THR I 69 -35.21 31.64 30.35
C THR I 69 -34.89 32.74 29.36
N ILE I 70 -34.28 32.37 28.24
CA ILE I 70 -33.85 33.31 27.22
C ILE I 70 -34.52 32.94 25.91
N THR I 71 -35.30 33.86 25.37
CA THR I 71 -35.95 33.69 24.08
C THR I 71 -35.53 34.84 23.18
N THR I 72 -35.89 34.75 21.91
CA THR I 72 -35.51 35.78 20.95
C THR I 72 -36.69 36.16 20.09
N ASP I 73 -36.47 37.15 19.23
CA ASP I 73 -37.43 37.54 18.20
C ASP I 73 -36.62 38.13 17.06
N THR I 74 -36.43 37.33 16.01
CA THR I 74 -35.58 37.73 14.89
C THR I 74 -36.23 38.80 14.03
N PHE I 75 -37.55 38.89 14.01
CA PHE I 75 -38.21 39.88 13.18
C PHE I 75 -37.93 41.30 13.66
N SER I 76 -37.97 41.52 14.97
CA SER I 76 -37.68 42.82 15.54
C SER I 76 -36.25 42.93 16.08
N ASN I 77 -35.44 41.87 15.93
CA ASN I 77 -34.06 41.85 16.41
C ASN I 77 -34.00 42.13 17.91
N THR I 78 -34.72 41.33 18.69
CA THR I 78 -34.76 41.52 20.13
C THR I 78 -34.40 40.22 20.85
N ALA I 79 -33.73 40.35 21.99
CA ALA I 79 -33.49 39.24 22.90
C ALA I 79 -34.26 39.47 24.18
N TYR I 80 -35.02 38.48 24.62
CA TYR I 80 -35.82 38.57 25.84
C TYR I 80 -35.26 37.64 26.90
N LEU I 81 -35.19 38.13 28.12
CA LEU I 81 -34.80 37.35 29.28
C LEU I 81 -35.93 37.41 30.30
N GLN I 82 -36.52 36.26 30.61
CA GLN I 82 -37.64 36.19 31.53
C GLN I 82 -37.22 35.43 32.78
N LEU I 83 -37.33 36.08 33.93
CA LEU I 83 -37.01 35.46 35.21
C LEU I 83 -38.27 34.81 35.76
N SER I 84 -38.32 33.48 35.73
CA SER I 84 -39.56 32.77 36.04
C SER I 84 -40.01 33.05 37.47
N SER I 85 -39.22 32.61 38.45
CA SER I 85 -39.54 32.82 39.86
C SER I 85 -38.33 33.47 40.52
N LEU I 86 -38.55 34.65 41.09
CA LEU I 86 -37.48 35.45 41.65
C LEU I 86 -37.75 35.77 43.12
N THR I 87 -36.69 35.71 43.92
CA THR I 87 -36.75 36.08 45.33
C THR I 87 -36.36 37.54 45.49
N SER I 88 -36.09 37.95 46.72
CA SER I 88 -35.71 39.33 47.02
C SER I 88 -34.21 39.55 46.95
N GLU I 89 -33.44 38.61 46.43
CA GLU I 89 -31.98 38.75 46.38
C GLU I 89 -31.46 39.22 45.03
N ASP I 90 -32.14 38.90 43.93
CA ASP I 90 -31.62 39.26 42.62
C ASP I 90 -32.00 40.69 42.22
N THR I 91 -31.66 41.64 43.09
CA THR I 91 -31.86 43.06 42.81
C THR I 91 -30.58 43.66 42.20
N ALA I 92 -30.18 43.08 41.07
CA ALA I 92 -28.92 43.41 40.43
C ALA I 92 -29.16 44.19 39.14
N VAL I 93 -28.08 44.45 38.41
CA VAL I 93 -28.13 45.13 37.12
C VAL I 93 -27.90 44.11 36.04
N TYR I 94 -28.78 44.06 35.04
CA TYR I 94 -28.75 43.05 34.00
C TYR I 94 -28.29 43.66 32.69
N TYR I 95 -27.18 43.14 32.16
CA TYR I 95 -26.57 43.59 30.92
C TYR I 95 -26.80 42.59 29.81
N CYS I 96 -26.83 43.12 28.59
CA CYS I 96 -27.02 42.35 27.37
C CYS I 96 -25.84 42.63 26.46
N ALA I 97 -25.13 41.58 26.03
CA ALA I 97 -23.91 41.77 25.28
C ALA I 97 -23.88 40.82 24.09
N ARG I 98 -23.13 41.21 23.06
CA ARG I 98 -22.93 40.34 21.91
C ARG I 98 -21.49 39.89 21.86
N LYS I 99 -21.26 38.69 21.34
CA LYS I 99 -19.91 38.17 21.27
C LYS I 99 -19.10 38.94 20.24
N GLY I 100 -17.82 39.10 20.52
CA GLY I 100 -16.93 39.90 19.70
C GLY I 100 -16.10 39.05 18.76
N LEU I 101 -14.83 39.40 18.63
CA LEU I 101 -13.97 38.71 17.66
C LEU I 101 -13.43 37.41 18.24
N ARG I 102 -12.64 37.50 19.30
CA ARG I 102 -12.08 36.31 19.94
C ARG I 102 -12.96 35.88 21.11
N TRP I 103 -14.23 35.67 20.80
CA TRP I 103 -15.24 35.20 21.74
C TRP I 103 -15.40 36.13 22.95
N ALA I 104 -14.85 37.33 22.88
CA ALA I 104 -15.10 38.34 23.90
C ALA I 104 -16.47 38.95 23.68
N MET I 105 -16.90 39.80 24.61
CA MET I 105 -18.18 40.50 24.51
C MET I 105 -17.90 41.96 24.26
N ASP I 106 -17.82 42.34 22.98
CA ASP I 106 -17.36 43.67 22.64
C ASP I 106 -18.40 44.74 22.94
N TYR I 107 -19.64 44.52 22.50
CA TYR I 107 -20.70 45.51 22.67
C TYR I 107 -21.65 45.03 23.76
N TRP I 108 -21.71 45.80 24.85
CA TRP I 108 -22.62 45.58 25.96
C TRP I 108 -23.82 46.51 25.86
N GLY I 109 -24.85 46.20 26.64
CA GLY I 109 -26.02 47.05 26.68
C GLY I 109 -25.83 48.23 27.61
N GLN I 110 -26.87 48.55 28.38
CA GLN I 110 -26.81 49.64 29.35
C GLN I 110 -27.26 49.25 30.74
N GLY I 111 -28.00 48.16 30.91
CA GLY I 111 -28.37 47.70 32.23
C GLY I 111 -29.77 48.10 32.65
N THR I 112 -30.61 47.11 32.93
CA THR I 112 -31.95 47.34 33.47
C THR I 112 -31.92 46.97 34.95
N SER I 113 -31.67 47.98 35.79
CA SER I 113 -31.52 47.77 37.22
C SER I 113 -32.88 47.40 37.81
N VAL I 114 -33.10 46.12 38.06
CA VAL I 114 -34.35 45.67 38.65
C VAL I 114 -34.31 45.89 40.15
N THR I 115 -35.50 46.03 40.74
CA THR I 115 -35.63 46.28 42.17
C THR I 115 -36.79 45.45 42.70
N VAL I 116 -36.50 44.63 43.70
CA VAL I 116 -37.48 43.73 44.30
C VAL I 116 -37.72 44.20 45.74
N SER I 117 -38.94 44.62 46.01
CA SER I 117 -39.32 45.12 47.34
C SER I 117 -40.83 45.14 47.43
N THR I 118 -41.34 45.74 48.50
CA THR I 118 -42.78 45.86 48.71
C THR I 118 -43.18 47.29 49.04
C1 NAG J . 21.83 -7.98 -24.53
C2 NAG J . 22.98 -7.88 -25.52
C3 NAG J . 22.48 -7.32 -26.86
C4 NAG J . 21.29 -8.14 -27.36
C5 NAG J . 20.23 -8.26 -26.25
C6 NAG J . 19.09 -9.16 -26.62
C7 NAG J . 24.03 -5.80 -24.67
C8 NAG J . 25.30 -5.19 -24.15
N2 NAG J . 24.10 -7.09 -25.01
O3 NAG J . 23.54 -7.38 -27.82
O4 NAG J . 20.69 -7.53 -28.49
O5 NAG J . 20.81 -8.79 -25.06
O6 NAG J . 19.35 -10.49 -26.20
O7 NAG J . 23.01 -5.15 -24.79
C1 NAG J . 21.09 -8.23 -29.70
C2 NAG J . 19.97 -8.19 -30.72
C3 NAG J . 20.43 -8.82 -32.04
C4 NAG J . 21.73 -8.18 -32.52
C5 NAG J . 22.77 -8.18 -31.42
C6 NAG J . 24.00 -7.36 -31.76
C7 NAG J . 17.68 -8.30 -29.81
C8 NAG J . 16.57 -9.20 -29.35
N2 NAG J . 18.79 -8.90 -30.23
O3 NAG J . 19.41 -8.68 -33.02
O4 NAG J . 22.22 -8.92 -33.63
O5 NAG J . 22.23 -7.59 -30.23
O6 NAG J . 23.61 -6.12 -32.33
O7 NAG J . 17.58 -7.08 -29.75
C1 BMA J . 22.33 -8.05 -34.78
C2 BMA J . 23.74 -8.27 -35.35
C3 BMA J . 23.94 -7.37 -36.53
C4 BMA J . 22.81 -7.51 -37.55
C5 BMA J . 21.44 -7.34 -36.88
C6 BMA J . 20.33 -7.63 -37.85
O2 BMA J . 23.87 -9.57 -35.85
O3 BMA J . 25.19 -7.63 -37.18
O4 BMA J . 22.96 -6.52 -38.58
O5 BMA J . 21.35 -8.29 -35.79
O6 BMA J . 20.50 -6.77 -38.98
C1 NAG K . -2.52 8.67 -17.10
C2 NAG K . -2.19 10.17 -17.31
C3 NAG K . -2.23 10.92 -15.97
C4 NAG K . -3.54 10.65 -15.24
C5 NAG K . -3.76 9.15 -15.10
C6 NAG K . -5.09 8.82 -14.47
C7 NAG K . -0.70 10.77 -19.17
C8 NAG K . 0.72 10.88 -19.61
N2 NAG K . -0.88 10.33 -17.92
O3 NAG K . -2.05 12.30 -16.20
O4 NAG K . -3.52 11.24 -13.95
O5 NAG K . -3.76 8.54 -16.39
O6 NAG K . -6.17 9.44 -15.17
O7 NAG K . -1.64 11.07 -19.89
C1 NAG K . -4.41 12.39 -14.02
C2 NAG K . -4.95 12.74 -12.64
C3 NAG K . -5.84 13.99 -12.74
C4 NAG K . -5.09 15.12 -13.44
C5 NAG K . -4.51 14.64 -14.76
C6 NAG K . -3.62 15.67 -15.42
C7 NAG K . -5.13 10.63 -11.39
C8 NAG K . -6.06 9.58 -10.87
N2 NAG K . -5.70 11.63 -12.06
O3 NAG K . -6.26 14.39 -11.44
O4 NAG K . -6.01 16.17 -13.72
O5 NAG K . -3.69 13.49 -14.54
O6 NAG K . -2.71 16.22 -14.48
O7 NAG K . -3.92 10.57 -11.22
C1 BMA K . -5.67 17.41 -13.06
C2 BMA K . -6.83 18.35 -13.38
C3 BMA K . -6.65 19.69 -12.66
C4 BMA K . -6.36 19.48 -11.18
C5 BMA K . -5.17 18.53 -11.03
C6 BMA K . -4.81 18.26 -9.60
O2 BMA K . -8.04 17.81 -12.90
O3 BMA K . -7.80 20.49 -12.83
O4 BMA K . -6.04 20.73 -10.57
O5 BMA K . -5.49 17.28 -11.67
O6 BMA K . -4.51 16.89 -9.46
C1 MAN K . -7.46 21.72 -13.52
C2 MAN K . -8.79 22.48 -13.78
C3 MAN K . -9.54 21.89 -14.97
C4 MAN K . -8.63 21.83 -16.19
C5 MAN K . -7.46 20.92 -15.87
C6 MAN K . -6.48 20.80 -17.02
O2 MAN K . -8.53 23.84 -14.11
O3 MAN K . -10.72 22.63 -15.27
O4 MAN K . -9.34 21.29 -17.29
O5 MAN K . -6.71 21.45 -14.74
O6 MAN K . -5.86 22.07 -17.22
C1 MAN K . -9.29 24.66 -13.20
C2 MAN K . -9.35 26.09 -13.79
C3 MAN K . -7.98 26.75 -13.70
C4 MAN K . -7.45 26.70 -12.27
C5 MAN K . -7.37 25.25 -11.84
C6 MAN K . -6.86 25.08 -10.43
O2 MAN K . -10.21 26.93 -13.01
O3 MAN K . -8.04 28.09 -14.16
O4 MAN K . -6.17 27.28 -12.21
O5 MAN K . -8.68 24.66 -11.91
O6 MAN K . -5.44 25.23 -10.45
C1 MAN K . -11.52 26.99 -13.60
C2 MAN K . -12.17 28.30 -13.13
C3 MAN K . -12.40 28.23 -11.63
C4 MAN K . -13.17 26.95 -11.24
C5 MAN K . -12.46 25.71 -11.80
C6 MAN K . -13.23 24.43 -11.57
O2 MAN K . -13.45 28.47 -13.72
O3 MAN K . -13.09 29.37 -11.15
O4 MAN K . -13.25 26.82 -9.84
O5 MAN K . -12.28 25.88 -13.22
O6 MAN K . -12.48 23.34 -12.12
C1 MAN K . -4.55 16.60 -8.05
C2 MAN K . -3.57 15.44 -7.76
C3 MAN K . -4.07 14.15 -8.35
C4 MAN K . -5.53 13.91 -7.91
C5 MAN K . -6.36 15.12 -8.35
C6 MAN K . -7.81 15.03 -8.00
O2 MAN K . -3.46 15.18 -6.37
O3 MAN K . -3.24 13.06 -7.97
O4 MAN K . -6.04 12.73 -8.51
O5 MAN K . -5.85 16.27 -7.70
O6 MAN K . -8.44 16.12 -8.63
C1 MAN K . -9.39 16.70 -7.71
C2 MAN K . -10.54 17.31 -8.56
C3 MAN K . -10.03 18.55 -9.28
C4 MAN K . -9.45 19.53 -8.29
C5 MAN K . -8.29 18.87 -7.54
C6 MAN K . -7.71 19.77 -6.47
O2 MAN K . -11.57 17.79 -7.71
O3 MAN K . -11.05 19.17 -10.05
O4 MAN K . -8.97 20.68 -8.95
O5 MAN K . -8.76 17.67 -6.89
O6 MAN K . -8.74 20.05 -5.53
C1 MAN K . -12.71 16.89 -7.75
C2 MAN K . -13.92 17.70 -7.26
C3 MAN K . -13.73 18.07 -5.81
C4 MAN K . -13.45 16.80 -4.97
C5 MAN K . -12.25 16.06 -5.53
C6 MAN K . -11.99 14.74 -4.83
O2 MAN K . -15.12 16.92 -7.31
O3 MAN K . -14.86 18.76 -5.31
O4 MAN K . -13.19 17.15 -3.62
O5 MAN K . -12.47 15.77 -6.93
O6 MAN K . -10.64 14.37 -5.04
C1 MAN K . -2.53 12.62 -9.16
C2 MAN K . -1.87 11.24 -8.84
C3 MAN K . -0.64 11.42 -7.97
C4 MAN K . 0.29 12.47 -8.57
C5 MAN K . -0.46 13.79 -8.71
C6 MAN K . 0.38 14.91 -9.31
O2 MAN K . -1.42 10.56 -10.04
O3 MAN K . 0.06 10.19 -7.78
O4 MAN K . 1.41 12.66 -7.73
O5 MAN K . -1.58 13.60 -9.57
O6 MAN K . 1.56 15.04 -8.52
C1 NAG L . -22.11 -7.42 15.02
C2 NAG L . -23.32 -8.22 15.47
C3 NAG L . -24.60 -7.43 15.19
C4 NAG L . -24.52 -6.04 15.82
C5 NAG L . -23.25 -5.34 15.37
C6 NAG L . -23.04 -4.02 16.07
C7 NAG L . -23.41 -9.76 13.54
C8 NAG L . -23.49 -11.20 13.13
N2 NAG L . -23.38 -9.54 14.85
O3 NAG L . -25.72 -8.13 15.73
O4 NAG L . -25.62 -5.25 15.40
O5 NAG L . -22.10 -6.14 15.67
O6 NAG L . -22.08 -4.14 17.11
O7 NAG L . -23.40 -8.86 12.72
C1 NAG L . -26.56 -5.09 16.47
C2 NAG L . -27.14 -3.68 16.39
C3 NAG L . -28.28 -3.52 17.41
C4 NAG L . -29.33 -4.60 17.26
C5 NAG L . -28.65 -5.96 17.35
C6 NAG L . -29.57 -7.13 17.11
C7 NAG L . -26.27 -1.40 16.26
C8 NAG L . -25.14 -0.47 16.57
N2 NAG L . -26.11 -2.68 16.62
O3 NAG L . -28.88 -2.25 17.24
O4 NAG L . -30.31 -4.46 18.28
O5 NAG L . -27.61 -6.04 16.36
O6 NAG L . -30.16 -7.02 15.82
O7 NAG L . -27.29 -1.02 15.69
C1 BMA L . -31.51 -4.00 17.62
C2 BMA L . -32.51 -5.18 17.55
C3 BMA L . -33.72 -4.75 16.74
C4 BMA L . -34.33 -3.50 17.34
C5 BMA L . -33.26 -2.41 17.50
C6 BMA L . -33.81 -1.17 18.16
O2 BMA L . -33.00 -5.57 18.83
O3 BMA L . -34.70 -5.79 16.67
O4 BMA L . -35.31 -3.00 16.45
O5 BMA L . -32.14 -2.91 18.28
O6 BMA L . -35.11 -0.93 17.62
C1 NAG M . -14.10 12.25 -7.93
C2 NAG M . -13.24 12.28 -9.18
C3 NAG M . -13.75 13.35 -10.12
C4 NAG M . -15.23 13.12 -10.43
C5 NAG M . -16.01 12.99 -9.12
C6 NAG M . -17.46 12.61 -9.35
C7 NAG M . -10.90 11.57 -8.98
C8 NAG M . -9.51 11.96 -8.59
N2 NAG M . -11.84 12.51 -8.84
O3 NAG M . -13.00 13.30 -11.34
O4 NAG M . -15.76 14.20 -11.18
O5 NAG M . -15.44 11.96 -8.30
O6 NAG M . -17.56 11.35 -10.00
O7 NAG M . -11.16 10.46 -9.41
C1 NAG M . -15.85 13.85 -12.57
C2 NAG M . -16.88 14.76 -13.24
C3 NAG M . -16.95 14.48 -14.73
C4 NAG M . -15.56 14.59 -15.36
C5 NAG M . -14.57 13.69 -14.62
C6 NAG M . -13.15 13.84 -15.09
C7 NAG M . -19.11 15.55 -12.64
C8 NAG M . -20.42 15.23 -11.98
N2 NAG M . -18.20 14.59 -12.64
O3 NAG M . -17.83 15.41 -15.35
O4 NAG M . -15.61 14.18 -16.73
O5 NAG M . -14.58 14.01 -13.22
O6 NAG M . -12.80 15.20 -15.23
O7 NAG M . -18.91 16.65 -13.16
C1 BMA M . -15.31 15.32 -17.56
C2 BMA M . -14.33 14.86 -18.67
C3 BMA M . -14.09 16.01 -19.64
C4 BMA M . -15.42 16.62 -20.13
C5 BMA M . -16.24 17.05 -18.90
C6 BMA M . -17.57 17.67 -19.29
O2 BMA M . -14.90 13.81 -19.43
O3 BMA M . -13.32 15.60 -20.76
O4 BMA M . -15.16 17.77 -20.93
O5 BMA M . -16.49 15.89 -18.12
O6 BMA M . -17.98 18.52 -18.22
C1 NAG N . 22.41 33.55 -1.21
C2 NAG N . 23.66 33.67 -0.35
C3 NAG N . 23.99 35.13 -0.12
C4 NAG N . 24.08 35.89 -1.43
C5 NAG N . 22.85 35.62 -2.31
C6 NAG N . 23.00 36.16 -3.72
C7 NAG N . 24.38 32.14 1.42
C8 NAG N . 25.62 31.92 0.61
N2 NAG N . 23.48 32.97 0.92
O3 NAG N . 25.22 35.24 0.60
O4 NAG N . 24.11 37.29 -1.16
O5 NAG N . 22.63 34.22 -2.45
O6 NAG N . 23.68 35.23 -4.55
O7 NAG N . 24.21 31.57 2.49
C1 NAG N . 25.44 37.78 -1.32
C2 NAG N . 25.36 39.23 -1.81
C3 NAG N . 26.76 39.84 -1.92
C4 NAG N . 27.54 39.64 -0.63
C5 NAG N . 27.52 38.18 -0.21
C6 NAG N . 28.16 37.92 1.14
C7 NAG N . 23.56 40.08 -3.26
C8 NAG N . 22.96 40.03 -4.62
N2 NAG N . 24.66 39.32 -3.07
O3 NAG N . 26.66 41.22 -2.23
O4 NAG N . 28.89 40.06 -0.81
O5 NAG N . 26.16 37.73 -0.09
O6 NAG N . 28.10 36.54 1.46
O7 NAG N . 23.08 40.75 -2.35
C1 NAG O . 16.82 27.32 -33.40
C2 NAG O . 17.84 28.44 -33.26
C3 NAG O . 18.91 28.30 -34.33
C4 NAG O . 19.54 26.90 -34.28
C5 NAG O . 18.46 25.84 -34.35
C6 NAG O . 19.00 24.45 -34.15
C7 NAG O . 17.60 30.78 -32.59
C8 NAG O . 16.84 32.06 -32.80
N2 NAG O . 17.21 29.74 -33.33
O3 NAG O . 19.92 29.30 -34.13
O4 NAG O . 20.44 26.74 -35.37
O5 NAG O . 17.48 26.05 -33.32
O6 NAG O . 20.29 24.47 -33.55
O7 NAG O . 18.52 30.70 -31.79
N ABU P . 2.95 -2.79 -29.80
CD ABU P . 2.03 -2.64 -30.91
CB ABU P . 0.70 -3.31 -30.58
CG ABU P . -0.01 -3.82 -31.81
C ABU P . -1.26 -4.59 -31.42
O ABU P . -1.58 -5.64 -32.04
OXT ABU P . -1.96 -4.17 -30.48
C05 V8D Q . 23.55 -25.54 4.00
C06 V8D Q . 22.73 -25.05 2.80
C07 V8D Q . 23.78 -24.36 4.95
C08 V8D Q . 22.71 -27.84 4.31
C09 V8D Q . 22.17 -26.45 5.82
C10 V8D Q . 23.36 -24.39 1.77
C11 V8D Q . 21.36 -25.26 2.76
C12 V8D Q . 21.95 -28.50 5.26
C13 V8D Q . 23.30 -28.47 3.05
C14 V8D Q . 22.63 -23.95 0.68
C15 V8D Q . 20.64 -24.81 1.68
C16 V8D Q . 21.27 -24.15 0.63
C17 V8D Q . 24.47 -30.00 1.95
C18 V8D Q . 24.66 -31.50 2.16
N03 V8D Q . 22.82 -26.58 4.69
N04 V8D Q . 21.64 -27.60 6.17
O01 V8D Q . 23.94 -29.45 3.11
O02 V8D Q . 23.06 -27.88 1.80
C1 NAG R . -37.66 -3.91 -17.92
C2 NAG R . -38.20 -5.03 -18.80
C3 NAG R . -39.47 -5.61 -18.19
C4 NAG R . -39.22 -6.03 -16.74
C5 NAG R . -38.63 -4.87 -15.95
C6 NAG R . -38.24 -5.26 -14.54
C7 NAG R . -38.50 -5.35 -21.22
C8 NAG R . -38.78 -4.68 -22.53
N2 NAG R . -38.47 -4.55 -20.15
O3 NAG R . -39.90 -6.74 -18.95
O4 NAG R . -40.45 -6.44 -16.14
O5 NAG R . -37.44 -4.40 -16.60
O6 NAG R . -36.84 -5.50 -14.45
O7 NAG R . -38.29 -6.56 -21.14
N ABU S . -22.54 11.87 7.50
CD ABU S . -23.04 13.17 7.12
CB ABU S . -22.10 14.26 7.63
CG ABU S . -22.77 15.63 7.67
C ABU S . -21.89 16.66 8.36
O ABU S . -20.75 16.92 7.91
OXT ABU S . -22.33 17.27 9.37
C05 V8D T . 7.92 -15.99 27.28
C06 V8D T . 6.91 -14.91 26.89
C07 V8D T . 8.45 -16.66 26.01
C08 V8D T . 9.06 -15.06 29.28
C09 V8D T . 10.23 -15.17 27.49
C10 V8D T . 5.72 -15.29 26.31
C11 V8D T . 7.18 -13.58 27.14
C12 V8D T . 10.33 -14.57 29.55
C13 V8D T . 7.92 -15.16 30.29
C14 V8D T . 4.80 -14.32 25.95
C15 V8D T . 6.26 -12.61 26.79
C16 V8D T . 5.06 -12.99 26.19
C17 V8D T . 7.04 -15.72 32.26
C18 V8D T . 7.61 -16.04 33.64
N03 V8D T . 9.03 -15.42 28.00
N04 V8D T . 11.01 -14.66 28.43
O01 V8D T . 8.10 -15.63 31.36
O02 V8D T . 6.64 -14.70 29.97
#